data_2EBW
#
_entry.id   2EBW
#
_entity_poly.entity_id   1
_entity_poly.type   'polypeptide(L)'
_entity_poly.pdbx_seq_one_letter_code
;GSSGSSGTSSTIFSGVAIYVNGYTDPSAEELRKLMMLHGGQYHVYYSRSKTTHIIATNLPNAKIKELKGEKVIRPEWIVE
SIKAGRLLSYIPYQLYT
;
_entity_poly.pdbx_strand_id   A
#
# COMPACT_ATOMS: atom_id res chain seq x y z
N GLY A 1 -13.06 -18.50 -15.71
CA GLY A 1 -11.81 -18.00 -16.28
C GLY A 1 -10.68 -18.03 -15.28
N SER A 2 -9.55 -18.63 -15.69
CA SER A 2 -8.39 -18.73 -14.82
C SER A 2 -7.15 -19.14 -15.62
N SER A 3 -5.97 -18.81 -15.10
CA SER A 3 -4.72 -19.13 -15.76
C SER A 3 -4.12 -20.40 -15.18
N GLY A 4 -3.12 -20.96 -15.89
CA GLY A 4 -2.47 -22.16 -15.42
C GLY A 4 -1.50 -21.90 -14.30
N SER A 5 -0.47 -21.10 -14.58
CA SER A 5 0.54 -20.77 -13.59
C SER A 5 0.71 -19.26 -13.47
N SER A 6 0.01 -18.67 -12.50
CA SER A 6 0.08 -17.23 -12.28
C SER A 6 1.52 -16.79 -12.03
N GLY A 7 2.20 -17.48 -11.13
CA GLY A 7 3.57 -17.15 -10.82
C GLY A 7 3.89 -17.31 -9.35
N THR A 8 3.58 -16.28 -8.56
CA THR A 8 3.84 -16.31 -7.13
C THR A 8 2.53 -16.33 -6.33
N SER A 9 2.01 -17.53 -6.09
CA SER A 9 0.77 -17.68 -5.35
C SER A 9 0.97 -17.33 -3.88
N SER A 10 0.63 -16.10 -3.52
CA SER A 10 0.77 -15.63 -2.14
C SER A 10 -0.31 -14.62 -1.80
N THR A 11 -1.02 -14.87 -0.71
CA THR A 11 -2.09 -13.97 -0.27
C THR A 11 -1.66 -13.17 0.96
N ILE A 12 -0.44 -12.66 0.93
CA ILE A 12 0.08 -11.87 2.04
C ILE A 12 -0.59 -10.51 2.11
N PHE A 13 -1.19 -10.09 1.01
CA PHE A 13 -1.88 -8.80 0.95
C PHE A 13 -3.35 -8.98 0.60
N SER A 14 -3.96 -10.03 1.15
CA SER A 14 -5.37 -10.33 0.89
C SER A 14 -6.27 -9.30 1.57
N GLY A 15 -7.21 -8.75 0.80
CA GLY A 15 -8.13 -7.77 1.36
C GLY A 15 -7.41 -6.56 1.93
N VAL A 16 -6.32 -6.16 1.28
CA VAL A 16 -5.54 -5.02 1.72
C VAL A 16 -5.51 -3.92 0.66
N ALA A 17 -6.37 -2.93 0.82
CA ALA A 17 -6.44 -1.82 -0.12
C ALA A 17 -5.47 -0.71 0.27
N ILE A 18 -4.70 -0.25 -0.71
CA ILE A 18 -3.72 0.81 -0.48
C ILE A 18 -4.00 2.02 -1.37
N TYR A 19 -3.58 3.20 -0.91
CA TYR A 19 -3.77 4.43 -1.66
C TYR A 19 -2.54 5.31 -1.60
N VAL A 20 -1.82 5.40 -2.71
CA VAL A 20 -0.62 6.21 -2.79
C VAL A 20 -0.95 7.69 -2.96
N ASN A 21 -0.44 8.52 -2.06
CA ASN A 21 -0.69 9.96 -2.11
C ASN A 21 0.63 10.74 -2.17
N GLY A 22 0.80 11.48 -3.26
CA GLY A 22 2.01 12.26 -3.43
C GLY A 22 3.19 11.43 -3.91
N TYR A 23 4.38 12.01 -3.86
CA TYR A 23 5.59 11.31 -4.29
C TYR A 23 5.86 10.09 -3.41
N THR A 24 6.14 8.96 -4.05
CA THR A 24 6.42 7.72 -3.33
C THR A 24 7.38 6.83 -4.11
N ASP A 25 8.10 5.96 -3.40
CA ASP A 25 9.04 5.05 -4.03
C ASP A 25 8.79 3.62 -3.59
N PRO A 26 8.49 2.75 -4.56
CA PRO A 26 8.40 3.13 -5.98
C PRO A 26 7.19 4.01 -6.27
N SER A 27 7.01 4.35 -7.54
CA SER A 27 5.89 5.19 -7.94
C SER A 27 4.56 4.51 -7.65
N ALA A 28 3.47 5.25 -7.82
CA ALA A 28 2.13 4.72 -7.59
C ALA A 28 1.78 3.62 -8.58
N GLU A 29 2.19 3.82 -9.84
CA GLU A 29 1.92 2.85 -10.89
C GLU A 29 2.48 1.48 -10.52
N GLU A 30 3.68 1.47 -9.96
CA GLU A 30 4.33 0.23 -9.56
C GLU A 30 3.52 -0.49 -8.49
N LEU A 31 3.17 0.25 -7.43
CA LEU A 31 2.39 -0.32 -6.33
C LEU A 31 0.99 -0.69 -6.79
N ARG A 32 0.55 -0.07 -7.89
CA ARG A 32 -0.78 -0.34 -8.43
C ARG A 32 -0.92 -1.80 -8.84
N LYS A 33 0.08 -2.30 -9.56
CA LYS A 33 0.07 -3.69 -10.02
C LYS A 33 0.50 -4.63 -8.90
N LEU A 34 1.70 -4.38 -8.36
CA LEU A 34 2.22 -5.21 -7.27
C LEU A 34 1.10 -5.69 -6.35
N MET A 35 0.09 -4.85 -6.18
CA MET A 35 -1.05 -5.19 -5.33
C MET A 35 -1.89 -6.29 -5.96
N MET A 36 -2.54 -5.97 -7.06
CA MET A 36 -3.38 -6.94 -7.77
C MET A 36 -2.67 -8.28 -7.90
N LEU A 37 -1.40 -8.24 -8.28
CA LEU A 37 -0.60 -9.44 -8.44
C LEU A 37 -0.45 -10.18 -7.12
N HIS A 38 -0.47 -9.43 -6.02
CA HIS A 38 -0.33 -10.01 -4.69
C HIS A 38 -1.68 -10.08 -3.99
N GLY A 39 -2.75 -10.19 -4.79
CA GLY A 39 -4.08 -10.26 -4.23
C GLY A 39 -4.46 -9.02 -3.44
N GLY A 40 -4.09 -7.86 -3.96
CA GLY A 40 -4.39 -6.62 -3.28
C GLY A 40 -5.41 -5.78 -4.03
N GLN A 41 -5.72 -4.61 -3.49
CA GLN A 41 -6.69 -3.71 -4.12
C GLN A 41 -6.11 -2.31 -4.29
N TYR A 42 -6.40 -1.68 -5.43
CA TYR A 42 -5.91 -0.34 -5.70
C TYR A 42 -7.06 0.63 -5.93
N HIS A 43 -6.98 1.79 -5.29
CA HIS A 43 -8.02 2.81 -5.42
C HIS A 43 -7.43 4.12 -5.93
N VAL A 44 -8.00 4.64 -7.01
CA VAL A 44 -7.52 5.90 -7.60
C VAL A 44 -7.78 7.07 -6.66
N TYR A 45 -8.95 7.06 -6.02
CA TYR A 45 -9.32 8.13 -5.10
C TYR A 45 -9.22 7.65 -3.64
N TYR A 46 -9.01 8.59 -2.73
CA TYR A 46 -8.89 8.27 -1.32
C TYR A 46 -10.26 7.96 -0.72
N SER A 47 -10.41 6.73 -0.23
CA SER A 47 -11.67 6.30 0.37
C SER A 47 -11.47 5.91 1.82
N ARG A 48 -12.47 6.20 2.65
CA ARG A 48 -12.41 5.88 4.08
C ARG A 48 -12.97 4.48 4.35
N SER A 49 -13.73 3.97 3.39
CA SER A 49 -14.33 2.65 3.54
C SER A 49 -13.57 1.61 2.72
N LYS A 50 -13.32 1.93 1.45
CA LYS A 50 -12.58 1.03 0.57
C LYS A 50 -11.14 0.88 1.02
N THR A 51 -10.35 1.94 0.83
CA THR A 51 -8.94 1.92 1.21
C THR A 51 -8.78 1.59 2.68
N THR A 52 -7.88 0.66 2.98
CA THR A 52 -7.63 0.26 4.36
C THR A 52 -6.45 1.01 4.96
N HIS A 53 -5.50 1.37 4.10
CA HIS A 53 -4.31 2.10 4.53
C HIS A 53 -3.97 3.23 3.55
N ILE A 54 -3.14 4.16 4.00
CA ILE A 54 -2.74 5.28 3.17
C ILE A 54 -1.22 5.27 2.93
N ILE A 55 -0.83 4.83 1.75
CA ILE A 55 0.59 4.77 1.39
C ILE A 55 1.14 6.17 1.10
N ALA A 56 2.23 6.51 1.76
CA ALA A 56 2.85 7.82 1.56
C ALA A 56 4.23 7.87 2.23
N THR A 57 5.11 8.71 1.68
CA THR A 57 6.46 8.86 2.22
C THR A 57 6.57 10.09 3.11
N ASN A 58 5.92 11.17 2.70
CA ASN A 58 5.95 12.41 3.45
C ASN A 58 4.66 13.20 3.25
N LEU A 59 4.23 13.91 4.29
CA LEU A 59 3.02 14.71 4.22
C LEU A 59 3.22 16.07 4.88
N PRO A 60 2.60 17.11 4.30
CA PRO A 60 2.70 18.47 4.82
C PRO A 60 1.97 18.65 6.15
N ASN A 61 2.50 19.52 7.00
CA ASN A 61 1.91 19.78 8.31
C ASN A 61 0.38 19.88 8.20
N ALA A 62 -0.09 20.46 7.10
CA ALA A 62 -1.52 20.61 6.88
C ALA A 62 -2.20 19.26 6.71
N LYS A 63 -1.72 18.46 5.77
CA LYS A 63 -2.27 17.14 5.51
C LYS A 63 -2.33 16.32 6.80
N ILE A 64 -1.26 16.35 7.56
CA ILE A 64 -1.19 15.61 8.82
C ILE A 64 -2.39 15.94 9.72
N LYS A 65 -3.07 17.03 9.40
CA LYS A 65 -4.23 17.46 10.16
C LYS A 65 -5.50 16.81 9.63
N GLU A 66 -5.50 16.49 8.34
CA GLU A 66 -6.66 15.87 7.69
C GLU A 66 -6.61 14.35 7.84
N LEU A 67 -5.44 13.84 8.23
CA LEU A 67 -5.27 12.40 8.41
C LEU A 67 -4.97 12.06 9.87
N LYS A 68 -5.65 12.76 10.78
CA LYS A 68 -5.46 12.53 12.21
C LYS A 68 -6.27 11.33 12.68
N GLY A 69 -5.66 10.16 12.65
CA GLY A 69 -6.34 8.95 13.08
C GLY A 69 -6.03 7.76 12.19
N GLU A 70 -6.05 7.99 10.88
CA GLU A 70 -5.77 6.94 9.91
C GLU A 70 -4.36 6.41 10.07
N LYS A 71 -4.04 5.35 9.33
CA LYS A 71 -2.71 4.75 9.39
C LYS A 71 -1.97 4.94 8.07
N VAL A 72 -0.99 5.85 8.07
CA VAL A 72 -0.20 6.12 6.87
C VAL A 72 1.12 5.35 6.90
N ILE A 73 1.19 4.28 6.12
CA ILE A 73 2.40 3.47 6.05
C ILE A 73 3.24 3.85 4.83
N ARG A 74 4.56 3.81 5.00
CA ARG A 74 5.47 4.13 3.92
C ARG A 74 5.39 3.11 2.80
N PRO A 75 5.74 3.54 1.58
CA PRO A 75 5.70 2.68 0.39
C PRO A 75 6.79 1.60 0.43
N GLU A 76 7.55 1.58 1.52
CA GLU A 76 8.62 0.60 1.68
C GLU A 76 8.12 -0.64 2.40
N TRP A 77 7.02 -0.50 3.12
CA TRP A 77 6.44 -1.61 3.86
C TRP A 77 5.98 -2.71 2.91
N ILE A 78 5.50 -2.31 1.74
CA ILE A 78 5.02 -3.26 0.75
C ILE A 78 6.18 -3.79 -0.10
N VAL A 79 6.97 -2.89 -0.65
CA VAL A 79 8.11 -3.27 -1.48
C VAL A 79 8.96 -4.33 -0.79
N GLU A 80 9.38 -4.05 0.44
CA GLU A 80 10.19 -4.98 1.20
C GLU A 80 9.46 -6.31 1.40
N SER A 81 8.20 -6.23 1.82
CA SER A 81 7.39 -7.43 2.05
C SER A 81 7.36 -8.30 0.80
N ILE A 82 7.28 -7.66 -0.36
CA ILE A 82 7.24 -8.38 -1.63
C ILE A 82 8.58 -9.02 -1.94
N LYS A 83 9.64 -8.22 -1.91
CA LYS A 83 10.99 -8.70 -2.19
C LYS A 83 11.31 -9.93 -1.34
N ALA A 84 10.79 -9.94 -0.10
CA ALA A 84 11.02 -11.05 0.81
C ALA A 84 10.04 -12.18 0.56
N GLY A 85 8.87 -11.83 0.01
CA GLY A 85 7.86 -12.83 -0.26
C GLY A 85 6.99 -13.13 0.94
N ARG A 86 6.95 -12.19 1.89
CA ARG A 86 6.15 -12.35 3.09
C ARG A 86 5.75 -11.01 3.67
N LEU A 87 4.57 -10.96 4.30
CA LEU A 87 4.07 -9.73 4.90
C LEU A 87 4.92 -9.31 6.09
N LEU A 88 5.41 -8.07 6.05
CA LEU A 88 6.24 -7.54 7.13
C LEU A 88 5.42 -6.70 8.09
N SER A 89 6.06 -6.17 9.12
CA SER A 89 5.40 -5.34 10.11
C SER A 89 5.10 -3.95 9.55
N TYR A 90 4.14 -3.27 10.15
CA TYR A 90 3.76 -1.93 9.71
C TYR A 90 4.03 -0.89 10.80
N ILE A 91 4.10 -1.36 12.03
CA ILE A 91 4.35 -0.48 13.18
C ILE A 91 5.49 0.48 12.88
N PRO A 92 6.67 -0.07 12.58
CA PRO A 92 7.86 0.72 12.26
C PRO A 92 7.75 1.44 10.92
N TYR A 93 6.70 1.11 10.17
CA TYR A 93 6.48 1.73 8.86
C TYR A 93 5.43 2.83 8.96
N GLN A 94 5.07 3.19 10.18
CA GLN A 94 4.08 4.24 10.41
C GLN A 94 4.75 5.60 10.58
N LEU A 95 4.43 6.52 9.68
CA LEU A 95 5.00 7.86 9.73
C LEU A 95 4.58 8.59 11.01
N TYR A 96 3.33 9.03 11.04
CA TYR A 96 2.79 9.73 12.20
C TYR A 96 1.84 8.84 12.98
N THR A 97 2.35 8.20 14.02
CA THR A 97 1.54 7.32 14.85
C THR A 97 1.78 7.59 16.33
N GLY A 1 -6.31 -22.19 -27.03
CA GLY A 1 -5.07 -22.64 -26.43
C GLY A 1 -5.18 -22.86 -24.93
N SER A 2 -4.06 -22.74 -24.23
CA SER A 2 -4.04 -22.94 -22.79
C SER A 2 -3.08 -21.96 -22.12
N SER A 3 -3.37 -21.61 -20.87
CA SER A 3 -2.54 -20.67 -20.12
C SER A 3 -2.78 -20.81 -18.62
N GLY A 4 -1.69 -20.88 -17.87
CA GLY A 4 -1.80 -21.02 -16.42
C GLY A 4 -1.18 -19.84 -15.67
N SER A 5 -1.06 -19.97 -14.36
CA SER A 5 -0.49 -18.92 -13.54
C SER A 5 0.50 -19.49 -12.53
N SER A 6 1.79 -19.23 -12.75
CA SER A 6 2.83 -19.73 -11.87
C SER A 6 3.01 -18.80 -10.67
N GLY A 7 2.67 -19.31 -9.48
CA GLY A 7 2.80 -18.52 -8.27
C GLY A 7 2.04 -19.12 -7.11
N THR A 8 2.70 -19.18 -5.95
CA THR A 8 2.09 -19.74 -4.76
C THR A 8 0.93 -18.89 -4.28
N SER A 9 0.12 -19.44 -3.37
CA SER A 9 -1.03 -18.73 -2.83
C SER A 9 -0.63 -17.90 -1.61
N SER A 10 0.39 -17.06 -1.78
CA SER A 10 0.87 -16.21 -0.69
C SER A 10 -0.27 -15.35 -0.14
N THR A 11 -0.98 -14.67 -1.03
CA THR A 11 -2.09 -13.82 -0.62
C THR A 11 -1.75 -13.03 0.64
N ILE A 12 -0.56 -12.45 0.65
CA ILE A 12 -0.11 -11.65 1.79
C ILE A 12 -0.85 -10.33 1.87
N PHE A 13 -1.25 -9.82 0.71
CA PHE A 13 -1.97 -8.55 0.64
C PHE A 13 -3.45 -8.78 0.32
N SER A 14 -3.95 -9.94 0.70
CA SER A 14 -5.34 -10.29 0.45
C SER A 14 -6.28 -9.26 1.05
N GLY A 15 -7.27 -8.83 0.27
CA GLY A 15 -8.21 -7.84 0.75
C GLY A 15 -7.54 -6.64 1.40
N VAL A 16 -6.50 -6.13 0.74
CA VAL A 16 -5.76 -4.98 1.26
C VAL A 16 -5.74 -3.84 0.25
N ALA A 17 -6.53 -2.81 0.52
CA ALA A 17 -6.59 -1.65 -0.37
C ALA A 17 -5.59 -0.58 0.04
N ILE A 18 -4.90 -0.01 -0.94
CA ILE A 18 -3.91 1.02 -0.68
C ILE A 18 -4.18 2.26 -1.52
N TYR A 19 -3.68 3.40 -1.07
CA TYR A 19 -3.87 4.66 -1.77
C TYR A 19 -2.60 5.51 -1.71
N VAL A 20 -1.94 5.67 -2.86
CA VAL A 20 -0.72 6.46 -2.95
C VAL A 20 -1.03 7.95 -2.96
N ASN A 21 -0.43 8.69 -2.03
CA ASN A 21 -0.64 10.13 -1.94
C ASN A 21 0.68 10.88 -2.08
N GLY A 22 0.85 11.56 -3.21
CA GLY A 22 2.07 12.32 -3.44
C GLY A 22 3.16 11.47 -4.06
N TYR A 23 4.39 11.98 -4.04
CA TYR A 23 5.52 11.27 -4.60
C TYR A 23 5.97 10.13 -3.67
N THR A 24 6.17 8.95 -4.25
CA THR A 24 6.59 7.79 -3.47
C THR A 24 7.51 6.90 -4.28
N ASP A 25 8.22 6.00 -3.60
CA ASP A 25 9.14 5.08 -4.26
C ASP A 25 8.93 3.66 -3.76
N PRO A 26 8.61 2.74 -4.69
CA PRO A 26 8.44 3.08 -6.11
C PRO A 26 7.21 3.94 -6.36
N SER A 27 6.97 4.26 -7.63
CA SER A 27 5.83 5.07 -8.01
C SER A 27 4.51 4.33 -7.75
N ALA A 28 3.40 5.03 -7.91
CA ALA A 28 2.08 4.44 -7.69
C ALA A 28 1.79 3.37 -8.73
N GLU A 29 2.19 3.62 -9.97
CA GLU A 29 1.97 2.68 -11.06
C GLU A 29 2.61 1.33 -10.76
N GLU A 30 3.87 1.37 -10.30
CA GLU A 30 4.60 0.15 -9.98
C GLU A 30 3.88 -0.64 -8.89
N LEU A 31 3.47 0.07 -7.83
CA LEU A 31 2.77 -0.56 -6.72
C LEU A 31 1.41 -1.09 -7.15
N ARG A 32 0.71 -0.32 -7.97
CA ARG A 32 -0.60 -0.71 -8.46
C ARG A 32 -0.60 -2.18 -8.90
N LYS A 33 0.43 -2.56 -9.65
CA LYS A 33 0.55 -3.94 -10.13
C LYS A 33 0.94 -4.88 -8.99
N LEU A 34 2.00 -4.52 -8.28
CA LEU A 34 2.48 -5.33 -7.16
C LEU A 34 1.33 -5.72 -6.24
N MET A 35 0.29 -4.89 -6.20
CA MET A 35 -0.87 -5.17 -5.36
C MET A 35 -1.78 -6.19 -6.02
N MET A 36 -2.27 -5.88 -7.22
CA MET A 36 -3.15 -6.78 -7.95
C MET A 36 -2.50 -8.15 -8.13
N LEU A 37 -1.17 -8.16 -8.20
CA LEU A 37 -0.43 -9.40 -8.39
C LEU A 37 -0.46 -10.24 -7.11
N HIS A 38 -0.40 -9.56 -5.96
CA HIS A 38 -0.43 -10.24 -4.68
C HIS A 38 -1.84 -10.28 -4.11
N GLY A 39 -2.83 -10.21 -4.98
CA GLY A 39 -4.22 -10.24 -4.55
C GLY A 39 -4.57 -9.05 -3.68
N GLY A 40 -4.19 -7.86 -4.13
CA GLY A 40 -4.48 -6.66 -3.37
C GLY A 40 -5.50 -5.77 -4.06
N GLN A 41 -5.65 -4.54 -3.57
CA GLN A 41 -6.61 -3.60 -4.14
C GLN A 41 -6.01 -2.21 -4.22
N TYR A 42 -6.36 -1.47 -5.27
CA TYR A 42 -5.86 -0.12 -5.47
C TYR A 42 -7.01 0.87 -5.61
N HIS A 43 -6.87 2.01 -4.94
CA HIS A 43 -7.91 3.05 -4.99
C HIS A 43 -7.30 4.40 -5.35
N VAL A 44 -7.68 4.91 -6.52
CA VAL A 44 -7.17 6.20 -6.99
C VAL A 44 -7.31 7.27 -5.91
N TYR A 45 -8.49 7.34 -5.30
CA TYR A 45 -8.76 8.33 -4.26
C TYR A 45 -8.73 7.67 -2.88
N TYR A 46 -8.73 8.50 -1.84
CA TYR A 46 -8.71 8.01 -0.47
C TYR A 46 -10.12 7.64 0.01
N SER A 47 -10.23 6.54 0.73
CA SER A 47 -11.52 6.09 1.23
C SER A 47 -11.39 5.58 2.66
N ARG A 48 -12.40 5.84 3.48
CA ARG A 48 -12.41 5.40 4.87
C ARG A 48 -13.04 4.02 5.02
N SER A 49 -13.79 3.62 4.00
CA SER A 49 -14.46 2.32 4.02
C SER A 49 -13.73 1.33 3.12
N LYS A 50 -13.46 1.73 1.89
CA LYS A 50 -12.77 0.87 0.93
C LYS A 50 -11.30 0.72 1.31
N THR A 51 -10.54 1.80 1.13
CA THR A 51 -9.11 1.79 1.45
C THR A 51 -8.89 1.52 2.94
N THR A 52 -7.90 0.68 3.23
CA THR A 52 -7.58 0.33 4.61
C THR A 52 -6.35 1.09 5.09
N HIS A 53 -5.34 1.19 4.23
CA HIS A 53 -4.10 1.89 4.57
C HIS A 53 -3.81 3.00 3.56
N ILE A 54 -2.93 3.91 3.93
CA ILE A 54 -2.56 5.02 3.07
C ILE A 54 -1.06 5.04 2.80
N ILE A 55 -0.69 4.81 1.54
CA ILE A 55 0.72 4.80 1.15
C ILE A 55 1.20 6.21 0.82
N ALA A 56 2.13 6.71 1.62
CA ALA A 56 2.69 8.04 1.40
C ALA A 56 4.01 8.21 2.14
N THR A 57 5.03 8.67 1.42
CA THR A 57 6.35 8.88 2.01
C THR A 57 6.30 9.95 3.10
N ASN A 58 5.86 11.15 2.72
CA ASN A 58 5.76 12.25 3.67
C ASN A 58 4.61 13.19 3.30
N LEU A 59 3.91 13.67 4.31
CA LEU A 59 2.78 14.57 4.10
C LEU A 59 3.02 15.91 4.79
N PRO A 60 2.50 16.99 4.18
CA PRO A 60 2.64 18.35 4.72
C PRO A 60 1.82 18.55 5.99
N ASN A 61 2.19 19.57 6.76
CA ASN A 61 1.48 19.87 8.01
C ASN A 61 -0.03 19.75 7.82
N ALA A 62 -0.58 20.58 6.94
CA ALA A 62 -2.01 20.56 6.67
C ALA A 62 -2.53 19.13 6.53
N LYS A 63 -1.96 18.39 5.58
CA LYS A 63 -2.37 17.01 5.35
C LYS A 63 -2.28 16.20 6.64
N ILE A 64 -1.09 16.11 7.21
CA ILE A 64 -0.89 15.36 8.44
C ILE A 64 -2.10 15.48 9.36
N LYS A 65 -2.53 16.71 9.62
CA LYS A 65 -3.68 16.95 10.47
C LYS A 65 -4.93 16.28 9.92
N GLU A 66 -5.43 16.81 8.80
CA GLU A 66 -6.62 16.28 8.16
C GLU A 66 -6.62 14.75 8.22
N LEU A 67 -5.44 14.17 8.28
CA LEU A 67 -5.29 12.72 8.34
C LEU A 67 -4.97 12.25 9.76
N LYS A 68 -5.63 12.87 10.73
CA LYS A 68 -5.42 12.53 12.14
C LYS A 68 -5.99 11.15 12.45
N GLY A 69 -5.19 10.31 13.08
CA GLY A 69 -5.64 8.97 13.42
C GLY A 69 -5.51 7.99 12.27
N GLU A 70 -5.62 8.50 11.05
CA GLU A 70 -5.50 7.66 9.86
C GLU A 70 -4.21 6.86 9.88
N LYS A 71 -4.20 5.73 9.18
CA LYS A 71 -3.03 4.88 9.11
C LYS A 71 -2.19 5.19 7.87
N VAL A 72 -1.08 5.90 8.07
CA VAL A 72 -0.21 6.26 6.97
C VAL A 72 1.04 5.38 6.95
N ILE A 73 1.13 4.52 5.94
CA ILE A 73 2.27 3.62 5.81
C ILE A 73 3.16 4.03 4.64
N ARG A 74 4.45 3.70 4.73
CA ARG A 74 5.40 4.03 3.68
C ARG A 74 5.36 2.99 2.57
N PRO A 75 5.79 3.42 1.36
CA PRO A 75 5.80 2.53 0.19
C PRO A 75 6.87 1.45 0.29
N GLU A 76 7.59 1.44 1.41
CA GLU A 76 8.64 0.45 1.63
C GLU A 76 8.06 -0.80 2.30
N TRP A 77 7.05 -0.62 3.13
CA TRP A 77 6.42 -1.73 3.83
C TRP A 77 6.00 -2.82 2.84
N ILE A 78 5.56 -2.41 1.66
CA ILE A 78 5.13 -3.34 0.63
C ILE A 78 6.32 -3.86 -0.17
N VAL A 79 7.08 -2.94 -0.75
CA VAL A 79 8.25 -3.29 -1.55
C VAL A 79 9.09 -4.36 -0.84
N GLU A 80 9.35 -4.14 0.44
CA GLU A 80 10.14 -5.08 1.23
C GLU A 80 9.38 -6.39 1.43
N SER A 81 8.09 -6.28 1.72
CA SER A 81 7.26 -7.47 1.94
C SER A 81 7.28 -8.38 0.72
N ILE A 82 7.31 -7.78 -0.46
CA ILE A 82 7.33 -8.54 -1.71
C ILE A 82 8.65 -9.28 -1.87
N LYS A 83 9.75 -8.54 -1.88
CA LYS A 83 11.07 -9.14 -2.01
C LYS A 83 11.28 -10.27 -1.01
N ALA A 84 10.79 -10.07 0.21
CA ALA A 84 10.91 -11.08 1.25
C ALA A 84 9.95 -12.24 1.01
N GLY A 85 8.85 -11.96 0.31
CA GLY A 85 7.88 -13.00 0.03
C GLY A 85 6.93 -13.24 1.18
N ARG A 86 6.67 -12.19 1.96
CA ARG A 86 5.77 -12.30 3.10
C ARG A 86 5.38 -10.92 3.62
N LEU A 87 4.58 -10.89 4.68
CA LEU A 87 4.13 -9.64 5.27
C LEU A 87 5.02 -9.24 6.44
N LEU A 88 5.47 -7.98 6.43
CA LEU A 88 6.32 -7.48 7.51
C LEU A 88 5.55 -6.53 8.42
N SER A 89 6.23 -6.03 9.46
CA SER A 89 5.60 -5.12 10.40
C SER A 89 5.27 -3.79 9.74
N TYR A 90 4.21 -3.15 10.22
CA TYR A 90 3.78 -1.86 9.68
C TYR A 90 3.90 -0.76 10.73
N ILE A 91 4.04 -1.16 11.98
CA ILE A 91 4.16 -0.21 13.09
C ILE A 91 5.31 0.76 12.84
N PRO A 92 6.52 0.20 12.69
CA PRO A 92 7.74 1.00 12.45
C PRO A 92 7.75 1.63 11.07
N TYR A 93 6.68 1.40 10.31
CA TYR A 93 6.56 1.96 8.96
C TYR A 93 5.47 3.01 8.89
N GLN A 94 4.68 3.11 9.97
CA GLN A 94 3.60 4.08 10.02
C GLN A 94 4.14 5.50 9.99
N LEU A 95 3.28 6.45 9.64
CA LEU A 95 3.67 7.86 9.56
C LEU A 95 2.68 8.75 10.31
N TYR A 96 3.19 9.79 10.95
CA TYR A 96 2.34 10.71 11.70
C TYR A 96 1.21 9.97 12.40
N THR A 97 1.52 8.78 12.93
CA THR A 97 0.53 7.97 13.62
C THR A 97 0.45 8.35 15.09
N GLY A 1 -12.31 -24.31 -16.98
CA GLY A 1 -11.94 -24.45 -15.59
C GLY A 1 -10.43 -24.39 -15.39
N SER A 2 -9.97 -24.80 -14.21
CA SER A 2 -8.55 -24.78 -13.90
C SER A 2 -8.00 -26.21 -13.79
N SER A 3 -6.96 -26.48 -14.56
CA SER A 3 -6.34 -27.81 -14.56
C SER A 3 -5.23 -27.89 -13.51
N GLY A 4 -5.55 -28.45 -12.35
CA GLY A 4 -4.56 -28.58 -11.30
C GLY A 4 -5.20 -28.91 -9.96
N SER A 5 -4.41 -29.51 -9.06
CA SER A 5 -4.89 -29.89 -7.75
C SER A 5 -4.17 -29.09 -6.66
N SER A 6 -2.85 -29.01 -6.77
CA SER A 6 -2.05 -28.29 -5.80
C SER A 6 -2.19 -26.78 -5.98
N GLY A 7 -3.24 -26.23 -5.37
CA GLY A 7 -3.48 -24.80 -5.47
C GLY A 7 -2.89 -24.03 -4.31
N THR A 8 -1.65 -23.57 -4.47
CA THR A 8 -0.98 -22.82 -3.43
C THR A 8 -0.86 -21.35 -3.80
N SER A 9 -0.82 -20.48 -2.78
CA SER A 9 -0.72 -19.05 -3.00
C SER A 9 -0.21 -18.35 -1.75
N SER A 10 0.38 -17.16 -1.94
CA SER A 10 0.91 -16.39 -0.82
C SER A 10 -0.19 -15.55 -0.18
N THR A 11 -0.96 -14.86 -1.01
CA THR A 11 -2.05 -14.01 -0.51
C THR A 11 -1.62 -13.26 0.74
N ILE A 12 -0.48 -12.59 0.66
CA ILE A 12 0.04 -11.82 1.79
C ILE A 12 -0.63 -10.46 1.89
N PHE A 13 -1.15 -9.99 0.75
CA PHE A 13 -1.82 -8.69 0.70
C PHE A 13 -3.29 -8.85 0.32
N SER A 14 -3.92 -9.91 0.85
CA SER A 14 -5.33 -10.18 0.56
C SER A 14 -6.24 -9.16 1.23
N GLY A 15 -7.13 -8.57 0.45
CA GLY A 15 -8.04 -7.57 0.98
C GLY A 15 -7.32 -6.38 1.59
N VAL A 16 -6.27 -5.92 0.91
CA VAL A 16 -5.50 -4.78 1.37
C VAL A 16 -5.50 -3.65 0.34
N ALA A 17 -6.39 -2.69 0.53
CA ALA A 17 -6.50 -1.56 -0.37
C ALA A 17 -5.59 -0.42 0.06
N ILE A 18 -4.63 -0.06 -0.78
CA ILE A 18 -3.69 1.02 -0.48
C ILE A 18 -3.98 2.25 -1.33
N TYR A 19 -3.55 3.41 -0.85
CA TYR A 19 -3.77 4.66 -1.58
C TYR A 19 -2.52 5.53 -1.51
N VAL A 20 -1.79 5.61 -2.62
CA VAL A 20 -0.58 6.41 -2.70
C VAL A 20 -0.91 7.90 -2.81
N ASN A 21 -0.35 8.70 -1.91
CA ASN A 21 -0.58 10.13 -1.90
C ASN A 21 0.73 10.90 -1.99
N GLY A 22 0.96 11.56 -3.11
CA GLY A 22 2.17 12.32 -3.30
C GLY A 22 3.29 11.51 -3.93
N TYR A 23 4.49 12.08 -3.97
CA TYR A 23 5.63 11.39 -4.55
C TYR A 23 6.11 10.25 -3.65
N THR A 24 6.16 9.05 -4.21
CA THR A 24 6.60 7.87 -3.46
C THR A 24 7.44 6.94 -4.32
N ASP A 25 8.30 6.15 -3.68
CA ASP A 25 9.15 5.22 -4.39
C ASP A 25 9.00 3.81 -3.83
N PRO A 26 8.62 2.87 -4.71
CA PRO A 26 8.37 3.15 -6.13
C PRO A 26 7.11 3.98 -6.33
N SER A 27 6.85 4.35 -7.58
CA SER A 27 5.68 5.15 -7.91
C SER A 27 4.39 4.38 -7.62
N ALA A 28 3.26 5.05 -7.78
CA ALA A 28 1.96 4.44 -7.54
C ALA A 28 1.69 3.32 -8.55
N GLU A 29 1.98 3.59 -9.81
CA GLU A 29 1.78 2.61 -10.87
C GLU A 29 2.41 1.27 -10.50
N GLU A 30 3.66 1.31 -10.06
CA GLU A 30 4.38 0.11 -9.68
C GLU A 30 3.61 -0.67 -8.60
N LEU A 31 3.18 0.03 -7.57
CA LEU A 31 2.43 -0.58 -6.48
C LEU A 31 1.09 -1.11 -6.96
N ARG A 32 0.50 -0.41 -7.92
CA ARG A 32 -0.79 -0.81 -8.48
C ARG A 32 -0.77 -2.28 -8.90
N LYS A 33 0.27 -2.66 -9.65
CA LYS A 33 0.41 -4.03 -10.12
C LYS A 33 0.80 -4.96 -8.97
N LEU A 34 1.91 -4.65 -8.31
CA LEU A 34 2.38 -5.46 -7.20
C LEU A 34 1.21 -5.97 -6.35
N MET A 35 0.22 -5.12 -6.16
CA MET A 35 -0.96 -5.48 -5.38
C MET A 35 -1.69 -6.66 -6.01
N MET A 36 -2.26 -6.43 -7.18
CA MET A 36 -2.99 -7.47 -7.89
C MET A 36 -2.19 -8.77 -7.93
N LEU A 37 -0.94 -8.66 -8.35
CA LEU A 37 -0.06 -9.82 -8.43
C LEU A 37 0.00 -10.56 -7.09
N HIS A 38 -0.11 -9.80 -6.00
CA HIS A 38 -0.07 -10.38 -4.66
C HIS A 38 -1.46 -10.38 -4.03
N GLY A 39 -2.48 -10.41 -4.87
CA GLY A 39 -3.85 -10.40 -4.38
C GLY A 39 -4.16 -9.19 -3.52
N GLY A 40 -3.86 -8.01 -4.05
CA GLY A 40 -4.12 -6.78 -3.32
C GLY A 40 -5.21 -5.94 -3.95
N GLN A 41 -5.41 -4.74 -3.41
CA GLN A 41 -6.43 -3.83 -3.94
C GLN A 41 -5.87 -2.42 -4.09
N TYR A 42 -6.34 -1.72 -5.11
CA TYR A 42 -5.88 -0.36 -5.37
C TYR A 42 -7.08 0.59 -5.53
N HIS A 43 -6.90 1.83 -5.09
CA HIS A 43 -7.95 2.83 -5.18
C HIS A 43 -7.43 4.12 -5.82
N VAL A 44 -8.21 4.68 -6.73
CA VAL A 44 -7.83 5.90 -7.42
C VAL A 44 -7.91 7.11 -6.48
N TYR A 45 -8.94 7.11 -5.64
CA TYR A 45 -9.14 8.22 -4.70
C TYR A 45 -9.13 7.70 -3.26
N TYR A 46 -8.82 8.59 -2.33
CA TYR A 46 -8.77 8.24 -0.92
C TYR A 46 -10.14 7.80 -0.42
N SER A 47 -10.15 6.80 0.46
CA SER A 47 -11.40 6.28 1.01
C SER A 47 -11.24 5.95 2.49
N ARG A 48 -12.29 6.20 3.26
CA ARG A 48 -12.27 5.93 4.70
C ARG A 48 -12.78 4.53 4.99
N SER A 49 -13.71 4.06 4.18
CA SER A 49 -14.28 2.73 4.36
C SER A 49 -13.60 1.71 3.46
N LYS A 50 -13.53 2.02 2.17
CA LYS A 50 -12.90 1.13 1.20
C LYS A 50 -11.43 0.93 1.52
N THR A 51 -10.62 1.97 1.30
CA THR A 51 -9.20 1.91 1.57
C THR A 51 -8.93 1.57 3.04
N THR A 52 -7.89 0.78 3.28
CA THR A 52 -7.53 0.39 4.64
C THR A 52 -6.34 1.19 5.15
N HIS A 53 -5.37 1.42 4.28
CA HIS A 53 -4.18 2.18 4.64
C HIS A 53 -3.87 3.25 3.59
N ILE A 54 -2.94 4.13 3.91
CA ILE A 54 -2.56 5.21 3.00
C ILE A 54 -1.05 5.26 2.81
N ILE A 55 -0.60 4.98 1.59
CA ILE A 55 0.82 5.00 1.28
C ILE A 55 1.30 6.41 0.99
N ALA A 56 2.35 6.83 1.69
CA ALA A 56 2.91 8.17 1.51
C ALA A 56 4.26 8.31 2.22
N THR A 57 5.26 8.81 1.51
CA THR A 57 6.59 8.98 2.07
C THR A 57 6.58 10.05 3.16
N ASN A 58 6.13 11.25 2.80
CA ASN A 58 6.07 12.36 3.75
C ASN A 58 4.92 13.31 3.42
N LEU A 59 4.23 13.78 4.44
CA LEU A 59 3.11 14.69 4.26
C LEU A 59 3.28 15.95 5.11
N PRO A 60 2.84 17.09 4.55
CA PRO A 60 2.94 18.38 5.25
C PRO A 60 1.99 18.48 6.43
N ASN A 61 2.17 19.50 7.26
CA ASN A 61 1.33 19.70 8.44
C ASN A 61 -0.14 19.65 8.06
N ALA A 62 -0.48 20.26 6.92
CA ALA A 62 -1.86 20.28 6.45
C ALA A 62 -2.39 18.87 6.23
N LYS A 63 -1.71 18.11 5.38
CA LYS A 63 -2.12 16.74 5.09
C LYS A 63 -2.27 15.93 6.37
N ILE A 64 -1.22 15.90 7.18
CA ILE A 64 -1.24 15.17 8.43
C ILE A 64 -2.55 15.40 9.18
N LYS A 65 -2.85 16.66 9.48
CA LYS A 65 -4.07 17.01 10.18
C LYS A 65 -5.29 16.37 9.53
N GLU A 66 -5.34 16.44 8.20
CA GLU A 66 -6.46 15.86 7.46
C GLU A 66 -6.53 14.35 7.68
N LEU A 67 -5.37 13.69 7.62
CA LEU A 67 -5.31 12.25 7.81
C LEU A 67 -5.22 11.90 9.29
N LYS A 68 -5.85 12.72 10.13
CA LYS A 68 -5.83 12.50 11.58
C LYS A 68 -6.29 11.07 11.91
N GLY A 69 -5.45 10.35 12.63
CA GLY A 69 -5.78 8.98 13.01
C GLY A 69 -5.42 7.98 11.93
N GLU A 70 -5.70 8.33 10.68
CA GLU A 70 -5.40 7.45 9.55
C GLU A 70 -4.04 6.77 9.74
N LYS A 71 -3.81 5.71 8.98
CA LYS A 71 -2.56 4.97 9.07
C LYS A 71 -1.69 5.24 7.82
N VAL A 72 -0.70 6.11 7.99
CA VAL A 72 0.19 6.45 6.88
C VAL A 72 1.41 5.52 6.87
N ILE A 73 1.34 4.46 6.07
CA ILE A 73 2.43 3.51 5.96
C ILE A 73 3.34 3.84 4.78
N ARG A 74 4.64 3.72 4.99
CA ARG A 74 5.61 4.00 3.94
C ARG A 74 5.49 3.01 2.79
N PRO A 75 5.92 3.43 1.59
CA PRO A 75 5.86 2.60 0.39
C PRO A 75 6.85 1.43 0.45
N GLU A 76 7.63 1.37 1.53
CA GLU A 76 8.61 0.31 1.70
C GLU A 76 7.97 -0.93 2.33
N TRP A 77 6.93 -0.70 3.13
CA TRP A 77 6.22 -1.78 3.80
C TRP A 77 5.69 -2.80 2.78
N ILE A 78 5.38 -2.31 1.58
CA ILE A 78 4.87 -3.17 0.52
C ILE A 78 6.00 -3.71 -0.34
N VAL A 79 6.91 -2.83 -0.73
CA VAL A 79 8.05 -3.22 -1.56
C VAL A 79 8.85 -4.34 -0.91
N GLU A 80 9.27 -4.10 0.33
CA GLU A 80 10.05 -5.09 1.07
C GLU A 80 9.29 -6.40 1.19
N SER A 81 8.02 -6.32 1.56
CA SER A 81 7.19 -7.51 1.71
C SER A 81 7.24 -8.37 0.45
N ILE A 82 7.29 -7.72 -0.70
CA ILE A 82 7.34 -8.43 -1.97
C ILE A 82 8.71 -9.08 -2.18
N LYS A 83 9.77 -8.29 -2.08
CA LYS A 83 11.12 -8.79 -2.25
C LYS A 83 11.39 -9.96 -1.31
N ALA A 84 10.93 -9.83 -0.06
CA ALA A 84 11.12 -10.88 0.93
C ALA A 84 10.19 -12.06 0.66
N GLY A 85 9.02 -11.78 0.12
CA GLY A 85 8.06 -12.84 -0.17
C GLY A 85 7.12 -13.10 0.98
N ARG A 86 6.89 -12.08 1.80
CA ARG A 86 5.99 -12.20 2.94
C ARG A 86 5.54 -10.84 3.43
N LEU A 87 4.55 -10.83 4.32
CA LEU A 87 4.02 -9.58 4.87
C LEU A 87 4.81 -9.14 6.10
N LEU A 88 5.31 -7.90 6.06
CA LEU A 88 6.08 -7.36 7.18
C LEU A 88 5.20 -6.52 8.10
N SER A 89 5.77 -6.06 9.20
CA SER A 89 5.04 -5.25 10.16
C SER A 89 4.73 -3.87 9.58
N TYR A 90 3.65 -3.26 10.06
CA TYR A 90 3.23 -1.95 9.59
C TYR A 90 3.40 -0.90 10.68
N ILE A 91 3.46 -1.36 11.93
CA ILE A 91 3.61 -0.47 13.07
C ILE A 91 4.81 0.45 12.88
N PRO A 92 6.00 -0.14 12.71
CA PRO A 92 7.24 0.61 12.52
C PRO A 92 7.29 1.31 11.16
N TYR A 93 6.23 1.15 10.38
CA TYR A 93 6.16 1.75 9.06
C TYR A 93 5.14 2.90 9.05
N GLN A 94 4.39 3.02 10.13
CA GLN A 94 3.38 4.08 10.24
C GLN A 94 4.04 5.45 10.27
N LEU A 95 3.34 6.45 9.73
CA LEU A 95 3.85 7.81 9.69
C LEU A 95 2.87 8.78 10.34
N TYR A 96 3.39 9.70 11.14
CA TYR A 96 2.56 10.69 11.82
C TYR A 96 1.41 10.01 12.56
N THR A 97 1.71 8.95 13.29
CA THR A 97 0.71 8.21 14.04
C THR A 97 0.91 8.37 15.54
N GLY A 1 0.04 -11.83 -19.44
CA GLY A 1 -0.01 -12.90 -18.47
C GLY A 1 1.34 -13.53 -18.21
N SER A 2 1.41 -14.85 -18.36
CA SER A 2 2.66 -15.58 -18.13
C SER A 2 2.83 -16.69 -19.16
N SER A 3 4.02 -16.76 -19.76
CA SER A 3 4.31 -17.77 -20.76
C SER A 3 3.84 -19.15 -20.30
N GLY A 4 4.38 -19.61 -19.17
CA GLY A 4 4.00 -20.91 -18.64
C GLY A 4 4.24 -21.02 -17.16
N SER A 5 3.25 -20.63 -16.36
CA SER A 5 3.36 -20.67 -14.92
C SER A 5 2.08 -21.22 -14.29
N SER A 6 2.24 -22.14 -13.34
CA SER A 6 1.09 -22.75 -12.67
C SER A 6 0.79 -22.02 -11.36
N GLY A 7 0.03 -20.94 -11.46
CA GLY A 7 -0.33 -20.17 -10.27
C GLY A 7 0.88 -19.80 -9.44
N THR A 8 1.43 -18.62 -9.69
CA THR A 8 2.61 -18.15 -8.96
C THR A 8 2.31 -16.85 -8.23
N SER A 9 1.12 -16.76 -7.64
CA SER A 9 0.72 -15.56 -6.90
C SER A 9 0.37 -15.90 -5.46
N SER A 10 0.78 -15.03 -4.54
CA SER A 10 0.52 -15.23 -3.13
C SER A 10 -0.57 -14.28 -2.63
N THR A 11 -1.24 -14.66 -1.55
CA THR A 11 -2.31 -13.85 -0.97
C THR A 11 -1.85 -13.19 0.32
N ILE A 12 -0.69 -12.55 0.28
CA ILE A 12 -0.14 -11.89 1.45
C ILE A 12 -0.71 -10.48 1.59
N PHE A 13 -1.48 -10.05 0.59
CA PHE A 13 -2.08 -8.72 0.60
C PHE A 13 -3.60 -8.82 0.52
N SER A 14 -4.13 -10.01 0.81
CA SER A 14 -5.57 -10.23 0.76
C SER A 14 -6.30 -9.29 1.70
N GLY A 15 -7.32 -8.62 1.19
CA GLY A 15 -8.09 -7.69 2.00
C GLY A 15 -7.26 -6.51 2.48
N VAL A 16 -6.27 -6.13 1.69
CA VAL A 16 -5.40 -5.01 2.04
C VAL A 16 -5.32 -4.00 0.90
N ALA A 17 -6.13 -2.94 0.99
CA ALA A 17 -6.15 -1.91 -0.03
C ALA A 17 -5.16 -0.80 0.30
N ILE A 18 -4.54 -0.22 -0.73
CA ILE A 18 -3.58 0.85 -0.53
C ILE A 18 -3.90 2.04 -1.44
N TYR A 19 -3.43 3.21 -1.04
CA TYR A 19 -3.67 4.43 -1.81
C TYR A 19 -2.45 5.35 -1.76
N VAL A 20 -1.77 5.48 -2.90
CA VAL A 20 -0.58 6.34 -2.99
C VAL A 20 -0.97 7.80 -3.11
N ASN A 21 -0.42 8.64 -2.24
CA ASN A 21 -0.71 10.07 -2.26
C ASN A 21 0.55 10.87 -2.51
N GLY A 22 0.60 11.55 -3.65
CA GLY A 22 1.76 12.36 -3.99
C GLY A 22 2.88 11.54 -4.59
N TYR A 23 4.12 11.97 -4.38
CA TYR A 23 5.28 11.28 -4.91
C TYR A 23 5.77 10.22 -3.92
N THR A 24 6.10 9.04 -4.45
CA THR A 24 6.58 7.95 -3.62
C THR A 24 7.43 6.97 -4.43
N ASP A 25 8.33 6.27 -3.75
CA ASP A 25 9.20 5.31 -4.41
C ASP A 25 9.02 3.91 -3.82
N PRO A 26 8.62 2.96 -4.68
CA PRO A 26 8.39 3.21 -6.10
C PRO A 26 7.15 4.07 -6.34
N SER A 27 6.91 4.42 -7.59
CA SER A 27 5.76 5.24 -7.96
C SER A 27 4.46 4.49 -7.69
N ALA A 28 3.34 5.21 -7.81
CA ALA A 28 2.03 4.61 -7.58
C ALA A 28 1.70 3.58 -8.65
N GLU A 29 2.15 3.83 -9.87
CA GLU A 29 1.90 2.91 -10.98
C GLU A 29 2.46 1.53 -10.68
N GLU A 30 3.74 1.47 -10.31
CA GLU A 30 4.39 0.21 -9.99
C GLU A 30 3.69 -0.49 -8.84
N LEU A 31 3.44 0.26 -7.77
CA LEU A 31 2.77 -0.29 -6.59
C LEU A 31 1.40 -0.86 -6.95
N ARG A 32 0.70 -0.16 -7.84
CA ARG A 32 -0.62 -0.58 -8.27
C ARG A 32 -0.58 -2.01 -8.82
N LYS A 33 0.45 -2.31 -9.59
CA LYS A 33 0.61 -3.64 -10.18
C LYS A 33 0.99 -4.66 -9.11
N LEU A 34 2.13 -4.43 -8.46
CA LEU A 34 2.60 -5.33 -7.41
C LEU A 34 1.43 -5.92 -6.62
N MET A 35 0.38 -5.13 -6.48
CA MET A 35 -0.82 -5.57 -5.75
C MET A 35 -1.59 -6.61 -6.56
N MET A 36 -2.14 -6.18 -7.68
CA MET A 36 -2.92 -7.07 -8.55
C MET A 36 -2.15 -8.36 -8.81
N LEU A 37 -0.83 -8.26 -8.90
CA LEU A 37 0.01 -9.43 -9.15
C LEU A 37 0.14 -10.28 -7.89
N HIS A 38 0.01 -9.64 -6.73
CA HIS A 38 0.11 -10.33 -5.45
C HIS A 38 -1.25 -10.41 -4.77
N GLY A 39 -2.32 -10.30 -5.55
CA GLY A 39 -3.65 -10.35 -4.99
C GLY A 39 -3.93 -9.21 -4.03
N GLY A 40 -3.68 -7.99 -4.48
CA GLY A 40 -3.91 -6.83 -3.63
C GLY A 40 -5.02 -5.94 -4.15
N GLN A 41 -5.31 -4.86 -3.42
CA GLN A 41 -6.36 -3.94 -3.82
C GLN A 41 -5.79 -2.54 -4.03
N TYR A 42 -6.36 -1.82 -4.99
CA TYR A 42 -5.90 -0.46 -5.30
C TYR A 42 -7.08 0.46 -5.54
N HIS A 43 -7.11 1.59 -4.83
CA HIS A 43 -8.18 2.56 -4.97
C HIS A 43 -7.65 3.89 -5.49
N VAL A 44 -8.20 4.35 -6.62
CA VAL A 44 -7.79 5.60 -7.22
C VAL A 44 -8.14 6.78 -6.34
N TYR A 45 -9.31 6.71 -5.72
CA TYR A 45 -9.78 7.78 -4.84
C TYR A 45 -9.71 7.36 -3.38
N TYR A 46 -9.15 8.21 -2.55
CA TYR A 46 -9.02 7.93 -1.12
C TYR A 46 -10.36 7.53 -0.52
N SER A 47 -10.34 6.50 0.33
CA SER A 47 -11.56 6.02 0.96
C SER A 47 -11.31 5.69 2.43
N ARG A 48 -12.24 6.09 3.29
CA ARG A 48 -12.11 5.84 4.72
C ARG A 48 -12.76 4.50 5.09
N SER A 49 -13.62 4.00 4.21
CA SER A 49 -14.30 2.73 4.45
C SER A 49 -13.64 1.60 3.68
N LYS A 50 -13.28 1.87 2.42
CA LYS A 50 -12.62 0.87 1.58
C LYS A 50 -11.15 0.73 1.94
N THR A 51 -10.35 1.73 1.55
CA THR A 51 -8.92 1.72 1.82
C THR A 51 -8.65 1.50 3.32
N THR A 52 -7.63 0.71 3.61
CA THR A 52 -7.28 0.42 5.00
C THR A 52 -6.06 1.23 5.42
N HIS A 53 -5.10 1.38 4.52
CA HIS A 53 -3.89 2.13 4.80
C HIS A 53 -3.64 3.19 3.72
N ILE A 54 -2.71 4.10 4.00
CA ILE A 54 -2.38 5.16 3.06
C ILE A 54 -0.88 5.22 2.79
N ILE A 55 -0.50 5.10 1.52
CA ILE A 55 0.91 5.13 1.13
C ILE A 55 1.35 6.56 0.84
N ALA A 56 2.35 7.03 1.58
CA ALA A 56 2.88 8.37 1.39
C ALA A 56 4.25 8.52 2.02
N THR A 57 5.19 9.08 1.26
CA THR A 57 6.56 9.27 1.76
C THR A 57 6.58 10.28 2.90
N ASN A 58 6.12 11.50 2.63
CA ASN A 58 6.10 12.54 3.65
C ASN A 58 4.93 13.50 3.41
N LEU A 59 4.34 13.99 4.49
CA LEU A 59 3.22 14.91 4.40
C LEU A 59 3.41 16.09 5.35
N PRO A 60 2.97 17.28 4.91
CA PRO A 60 3.07 18.50 5.70
C PRO A 60 2.14 18.50 6.92
N ASN A 61 2.35 19.44 7.82
CA ASN A 61 1.53 19.55 9.02
C ASN A 61 0.05 19.56 8.66
N ALA A 62 -0.30 20.35 7.65
CA ALA A 62 -1.69 20.45 7.21
C ALA A 62 -2.30 19.06 6.99
N LYS A 63 -1.71 18.31 6.07
CA LYS A 63 -2.19 16.97 5.77
C LYS A 63 -2.31 16.12 7.03
N ILE A 64 -1.21 16.05 7.78
CA ILE A 64 -1.18 15.28 9.02
C ILE A 64 -2.47 15.47 9.81
N LYS A 65 -2.73 16.71 10.22
CA LYS A 65 -3.93 17.03 10.99
C LYS A 65 -5.18 16.59 10.24
N GLU A 66 -5.16 16.73 8.91
CA GLU A 66 -6.29 16.36 8.08
C GLU A 66 -6.50 14.84 8.10
N LEU A 67 -5.41 14.11 8.23
CA LEU A 67 -5.47 12.65 8.26
C LEU A 67 -5.43 12.13 9.69
N LYS A 68 -6.15 12.81 10.58
CA LYS A 68 -6.21 12.42 11.98
C LYS A 68 -6.78 11.01 12.13
N GLY A 69 -6.09 10.18 12.91
CA GLY A 69 -6.53 8.82 13.13
C GLY A 69 -6.12 7.88 12.00
N GLU A 70 -6.05 8.42 10.79
CA GLU A 70 -5.67 7.63 9.63
C GLU A 70 -4.33 6.95 9.85
N LYS A 71 -3.99 6.02 8.97
CA LYS A 71 -2.73 5.28 9.08
C LYS A 71 -1.87 5.47 7.83
N VAL A 72 -0.89 6.35 7.92
CA VAL A 72 0.01 6.62 6.79
C VAL A 72 1.26 5.77 6.86
N ILE A 73 1.32 4.74 6.01
CA ILE A 73 2.47 3.84 5.98
C ILE A 73 3.36 4.13 4.77
N ARG A 74 4.66 4.03 4.98
CA ARG A 74 5.62 4.29 3.91
C ARG A 74 5.49 3.24 2.80
N PRO A 75 5.88 3.63 1.58
CA PRO A 75 5.82 2.74 0.41
C PRO A 75 6.83 1.60 0.49
N GLU A 76 7.56 1.54 1.60
CA GLU A 76 8.55 0.50 1.78
C GLU A 76 7.94 -0.73 2.46
N TRP A 77 6.93 -0.49 3.29
CA TRP A 77 6.26 -1.57 4.00
C TRP A 77 5.85 -2.68 3.04
N ILE A 78 5.40 -2.28 1.85
CA ILE A 78 4.96 -3.24 0.84
C ILE A 78 6.16 -3.85 0.12
N VAL A 79 6.99 -3.00 -0.47
CA VAL A 79 8.17 -3.46 -1.20
C VAL A 79 8.89 -4.56 -0.43
N GLU A 80 9.36 -4.23 0.77
CA GLU A 80 10.07 -5.19 1.61
C GLU A 80 9.30 -6.50 1.69
N SER A 81 8.00 -6.41 1.94
CA SER A 81 7.15 -7.59 2.05
C SER A 81 7.19 -8.40 0.76
N ILE A 82 7.10 -7.72 -0.38
CA ILE A 82 7.12 -8.37 -1.68
C ILE A 82 8.46 -9.07 -1.92
N LYS A 83 9.54 -8.32 -1.75
CA LYS A 83 10.88 -8.86 -1.94
C LYS A 83 11.11 -10.07 -1.04
N ALA A 84 10.58 -10.02 0.17
CA ALA A 84 10.72 -11.10 1.12
C ALA A 84 9.75 -12.24 0.81
N GLY A 85 8.63 -11.90 0.19
CA GLY A 85 7.63 -12.89 -0.15
C GLY A 85 6.68 -13.18 1.00
N ARG A 86 6.61 -12.26 1.95
CA ARG A 86 5.74 -12.42 3.11
C ARG A 86 5.30 -11.06 3.64
N LEU A 87 4.12 -11.03 4.27
CA LEU A 87 3.59 -9.80 4.83
C LEU A 87 4.36 -9.38 6.08
N LEU A 88 4.77 -8.12 6.11
CA LEU A 88 5.52 -7.59 7.25
C LEU A 88 4.64 -6.68 8.10
N SER A 89 5.19 -6.22 9.22
CA SER A 89 4.46 -5.34 10.13
C SER A 89 4.35 -3.94 9.54
N TYR A 90 3.43 -3.14 10.09
CA TYR A 90 3.22 -1.78 9.62
C TYR A 90 3.40 -0.78 10.77
N ILE A 91 3.42 -1.29 11.99
CA ILE A 91 3.58 -0.44 13.17
C ILE A 91 4.85 0.39 13.07
N PRO A 92 6.00 -0.29 12.94
CA PRO A 92 7.30 0.37 12.83
C PRO A 92 7.47 1.11 11.51
N TYR A 93 6.44 1.07 10.67
CA TYR A 93 6.47 1.73 9.37
C TYR A 93 5.61 2.98 9.38
N GLN A 94 4.73 3.09 10.38
CA GLN A 94 3.85 4.24 10.49
C GLN A 94 4.65 5.53 10.68
N LEU A 95 4.58 6.42 9.68
CA LEU A 95 5.29 7.68 9.74
C LEU A 95 4.99 8.44 11.03
N TYR A 96 3.74 8.84 11.19
CA TYR A 96 3.32 9.56 12.38
C TYR A 96 2.42 8.70 13.25
N THR A 97 3.03 7.84 14.06
CA THR A 97 2.30 6.95 14.94
C THR A 97 1.44 7.74 15.92
N GLY A 1 0.22 -16.04 -24.15
CA GLY A 1 0.34 -16.65 -22.84
C GLY A 1 1.77 -17.07 -22.53
N SER A 2 2.14 -18.24 -23.03
CA SER A 2 3.48 -18.78 -22.81
C SER A 2 3.93 -18.51 -21.37
N SER A 3 3.04 -18.74 -20.42
CA SER A 3 3.34 -18.51 -19.01
C SER A 3 4.76 -18.98 -18.68
N GLY A 4 5.68 -18.02 -18.58
CA GLY A 4 7.06 -18.35 -18.27
C GLY A 4 7.31 -18.44 -16.78
N SER A 5 6.67 -19.40 -16.12
CA SER A 5 6.83 -19.59 -14.69
C SER A 5 6.08 -20.83 -14.22
N SER A 6 6.22 -21.16 -12.94
CA SER A 6 5.57 -22.32 -12.36
C SER A 6 4.31 -21.92 -11.60
N GLY A 7 4.42 -20.90 -10.76
CA GLY A 7 3.29 -20.43 -9.99
C GLY A 7 3.66 -19.35 -8.99
N THR A 8 4.06 -18.19 -9.50
CA THR A 8 4.46 -17.08 -8.63
C THR A 8 3.25 -16.26 -8.20
N SER A 9 2.62 -16.67 -7.12
CA SER A 9 1.45 -15.97 -6.60
C SER A 9 1.27 -16.22 -5.11
N SER A 10 0.99 -15.17 -4.36
CA SER A 10 0.80 -15.27 -2.92
C SER A 10 -0.31 -14.33 -2.44
N THR A 11 -1.06 -14.77 -1.44
CA THR A 11 -2.15 -13.97 -0.90
C THR A 11 -1.75 -13.30 0.41
N ILE A 12 -0.59 -12.65 0.40
CA ILE A 12 -0.08 -11.97 1.58
C ILE A 12 -0.75 -10.60 1.75
N PHE A 13 -1.35 -10.11 0.68
CA PHE A 13 -2.01 -8.80 0.70
C PHE A 13 -3.51 -8.96 0.46
N SER A 14 -4.02 -10.16 0.71
CA SER A 14 -5.44 -10.43 0.51
C SER A 14 -6.30 -9.49 1.36
N GLY A 15 -7.12 -8.69 0.69
CA GLY A 15 -7.98 -7.77 1.40
C GLY A 15 -7.22 -6.59 1.96
N VAL A 16 -6.34 -6.01 1.15
CA VAL A 16 -5.55 -4.87 1.57
C VAL A 16 -5.56 -3.76 0.52
N ALA A 17 -6.40 -2.76 0.73
CA ALA A 17 -6.51 -1.64 -0.19
C ALA A 17 -5.60 -0.49 0.22
N ILE A 18 -4.74 -0.07 -0.70
CA ILE A 18 -3.81 1.02 -0.43
C ILE A 18 -4.12 2.24 -1.29
N TYR A 19 -3.57 3.39 -0.90
CA TYR A 19 -3.81 4.62 -1.64
C TYR A 19 -2.55 5.50 -1.62
N VAL A 20 -1.93 5.66 -2.79
CA VAL A 20 -0.73 6.47 -2.91
C VAL A 20 -1.08 7.95 -2.98
N ASN A 21 -0.38 8.76 -2.17
CA ASN A 21 -0.61 10.19 -2.14
C ASN A 21 0.66 10.96 -2.45
N GLY A 22 0.66 11.68 -3.57
CA GLY A 22 1.83 12.45 -3.96
C GLY A 22 2.91 11.59 -4.60
N TYR A 23 4.16 11.92 -4.34
CA TYR A 23 5.28 11.17 -4.91
C TYR A 23 5.83 10.17 -3.90
N THR A 24 5.87 8.90 -4.29
CA THR A 24 6.37 7.84 -3.42
C THR A 24 7.35 6.94 -4.15
N ASP A 25 8.13 6.18 -3.40
CA ASP A 25 9.11 5.27 -3.99
C ASP A 25 8.90 3.85 -3.48
N PRO A 26 8.57 2.93 -4.40
CA PRO A 26 8.42 3.25 -5.82
C PRO A 26 7.18 4.12 -6.09
N SER A 27 6.99 4.51 -7.34
CA SER A 27 5.86 5.34 -7.73
C SER A 27 4.55 4.58 -7.51
N ALA A 28 3.43 5.27 -7.75
CA ALA A 28 2.12 4.67 -7.59
C ALA A 28 1.87 3.58 -8.63
N GLU A 29 2.30 3.84 -9.86
CA GLU A 29 2.13 2.90 -10.95
C GLU A 29 2.76 1.55 -10.61
N GLU A 30 3.91 1.60 -9.94
CA GLU A 30 4.62 0.39 -9.56
C GLU A 30 3.81 -0.42 -8.56
N LEU A 31 3.44 0.21 -7.45
CA LEU A 31 2.66 -0.45 -6.41
C LEU A 31 1.32 -0.94 -6.96
N ARG A 32 0.68 -0.11 -7.76
CA ARG A 32 -0.61 -0.45 -8.36
C ARG A 32 -0.61 -1.89 -8.85
N LYS A 33 0.31 -2.20 -9.77
CA LYS A 33 0.41 -3.54 -10.33
C LYS A 33 0.76 -4.55 -9.24
N LEU A 34 1.91 -4.35 -8.60
CA LEU A 34 2.35 -5.25 -7.54
C LEU A 34 1.18 -5.75 -6.71
N MET A 35 0.39 -4.81 -6.19
CA MET A 35 -0.79 -5.16 -5.39
C MET A 35 -1.59 -6.27 -6.06
N MET A 36 -2.24 -5.94 -7.16
CA MET A 36 -3.05 -6.91 -7.89
C MET A 36 -2.31 -8.25 -8.01
N LEU A 37 -1.06 -8.19 -8.44
CA LEU A 37 -0.25 -9.38 -8.60
C LEU A 37 -0.22 -10.21 -7.32
N HIS A 38 -0.30 -9.51 -6.18
CA HIS A 38 -0.28 -10.17 -4.89
C HIS A 38 -1.69 -10.23 -4.28
N GLY A 39 -2.69 -10.22 -5.15
CA GLY A 39 -4.07 -10.27 -4.69
C GLY A 39 -4.49 -9.00 -3.98
N GLY A 40 -3.59 -8.03 -3.92
CA GLY A 40 -3.89 -6.77 -3.25
C GLY A 40 -4.87 -5.93 -4.02
N GLN A 41 -5.36 -4.87 -3.39
CA GLN A 41 -6.33 -3.97 -4.02
C GLN A 41 -5.79 -2.55 -4.09
N TYR A 42 -6.18 -1.83 -5.14
CA TYR A 42 -5.73 -0.45 -5.33
C TYR A 42 -6.92 0.48 -5.51
N HIS A 43 -6.72 1.76 -5.18
CA HIS A 43 -7.78 2.75 -5.30
C HIS A 43 -7.21 4.08 -5.81
N VAL A 44 -7.92 4.70 -6.74
CA VAL A 44 -7.49 5.97 -7.31
C VAL A 44 -7.82 7.13 -6.38
N TYR A 45 -8.99 7.06 -5.75
CA TYR A 45 -9.43 8.10 -4.83
C TYR A 45 -9.40 7.61 -3.39
N TYR A 46 -8.87 8.44 -2.49
CA TYR A 46 -8.79 8.07 -1.08
C TYR A 46 -10.11 7.50 -0.58
N SER A 47 -10.03 6.55 0.35
CA SER A 47 -11.21 5.91 0.91
C SER A 47 -11.05 5.68 2.40
N ARG A 48 -12.15 5.83 3.14
CA ARG A 48 -12.13 5.63 4.59
C ARG A 48 -12.49 4.20 4.95
N SER A 49 -13.46 3.65 4.22
CA SER A 49 -13.91 2.28 4.47
C SER A 49 -13.21 1.30 3.53
N LYS A 50 -13.29 1.57 2.23
CA LYS A 50 -12.67 0.73 1.23
C LYS A 50 -11.17 0.58 1.49
N THR A 51 -10.45 1.70 1.43
CA THR A 51 -9.01 1.69 1.65
C THR A 51 -8.69 1.44 3.12
N THR A 52 -7.76 0.54 3.38
CA THR A 52 -7.35 0.21 4.74
C THR A 52 -6.21 1.10 5.20
N HIS A 53 -5.16 1.16 4.40
CA HIS A 53 -3.99 1.98 4.72
C HIS A 53 -3.74 3.02 3.63
N ILE A 54 -2.95 4.04 3.98
CA ILE A 54 -2.63 5.11 3.03
C ILE A 54 -1.13 5.20 2.80
N ILE A 55 -0.72 5.02 1.54
CA ILE A 55 0.68 5.09 1.18
C ILE A 55 1.09 6.51 0.82
N ALA A 56 2.07 7.04 1.54
CA ALA A 56 2.56 8.39 1.29
C ALA A 56 3.89 8.64 1.99
N THR A 57 4.87 9.11 1.24
CA THR A 57 6.19 9.40 1.80
C THR A 57 6.11 10.43 2.92
N ASN A 58 5.64 11.62 2.58
CA ASN A 58 5.51 12.70 3.55
C ASN A 58 4.35 13.63 3.18
N LEU A 59 3.53 13.96 4.18
CA LEU A 59 2.39 14.85 3.95
C LEU A 59 2.62 16.20 4.61
N PRO A 60 2.14 17.26 3.96
CA PRO A 60 2.28 18.64 4.46
C PRO A 60 1.42 18.88 5.70
N ASN A 61 1.90 19.77 6.58
CA ASN A 61 1.17 20.10 7.80
C ASN A 61 -0.34 20.07 7.56
N ALA A 62 -0.81 20.95 6.68
CA ALA A 62 -2.23 21.03 6.37
C ALA A 62 -2.81 19.64 6.15
N LYS A 63 -2.28 18.92 5.16
CA LYS A 63 -2.75 17.57 4.86
C LYS A 63 -2.74 16.69 6.11
N ILE A 64 -1.57 16.54 6.71
CA ILE A 64 -1.42 15.72 7.90
C ILE A 64 -2.67 15.83 8.79
N LYS A 65 -3.03 17.06 9.14
CA LYS A 65 -4.20 17.29 9.98
C LYS A 65 -5.43 16.60 9.42
N GLU A 66 -5.61 16.69 8.11
CA GLU A 66 -6.75 16.07 7.44
C GLU A 66 -6.73 14.56 7.64
N LEU A 67 -5.55 13.98 7.61
CA LEU A 67 -5.39 12.53 7.78
C LEU A 67 -5.30 12.17 9.26
N LYS A 68 -6.10 12.84 10.08
CA LYS A 68 -6.13 12.60 11.51
C LYS A 68 -6.63 11.18 11.81
N GLY A 69 -5.79 10.39 12.48
CA GLY A 69 -6.19 9.03 12.81
C GLY A 69 -5.84 8.04 11.71
N GLU A 70 -5.78 8.54 10.48
CA GLU A 70 -5.46 7.69 9.34
C GLU A 70 -4.18 6.89 9.59
N LYS A 71 -4.03 5.78 8.87
CA LYS A 71 -2.85 4.93 9.02
C LYS A 71 -1.89 5.13 7.85
N VAL A 72 -1.03 6.15 7.98
CA VAL A 72 -0.05 6.45 6.94
C VAL A 72 1.16 5.52 7.04
N ILE A 73 1.39 4.75 5.98
CA ILE A 73 2.50 3.81 5.95
C ILE A 73 3.41 4.09 4.75
N ARG A 74 4.71 3.93 4.95
CA ARG A 74 5.68 4.17 3.89
C ARG A 74 5.51 3.14 2.77
N PRO A 75 5.86 3.55 1.54
CA PRO A 75 5.76 2.69 0.36
C PRO A 75 6.77 1.54 0.38
N GLU A 76 7.58 1.51 1.43
CA GLU A 76 8.60 0.47 1.58
C GLU A 76 8.02 -0.78 2.24
N TRP A 77 7.12 -0.57 3.20
CA TRP A 77 6.49 -1.67 3.90
C TRP A 77 5.98 -2.73 2.92
N ILE A 78 5.43 -2.27 1.81
CA ILE A 78 4.90 -3.18 0.79
C ILE A 78 6.03 -3.88 0.05
N VAL A 79 6.81 -3.09 -0.68
CA VAL A 79 7.94 -3.64 -1.45
C VAL A 79 8.71 -4.65 -0.63
N GLU A 80 9.08 -4.27 0.59
CA GLU A 80 9.84 -5.15 1.48
C GLU A 80 9.10 -6.47 1.68
N SER A 81 7.80 -6.39 1.89
CA SER A 81 6.98 -7.59 2.10
C SER A 81 7.02 -8.50 0.88
N ILE A 82 7.00 -7.90 -0.30
CA ILE A 82 7.03 -8.66 -1.54
C ILE A 82 8.40 -9.30 -1.75
N LYS A 83 9.44 -8.48 -1.76
CA LYS A 83 10.81 -8.97 -1.94
C LYS A 83 11.11 -10.10 -0.96
N ALA A 84 10.59 -9.99 0.25
CA ALA A 84 10.81 -11.00 1.27
C ALA A 84 9.96 -12.25 0.99
N GLY A 85 8.80 -12.04 0.39
CA GLY A 85 7.92 -13.15 0.08
C GLY A 85 6.94 -13.44 1.20
N ARG A 86 6.60 -12.40 1.97
CA ARG A 86 5.67 -12.55 3.08
C ARG A 86 5.20 -11.19 3.57
N LEU A 87 4.14 -11.19 4.38
CA LEU A 87 3.59 -9.95 4.92
C LEU A 87 4.35 -9.52 6.18
N LEU A 88 4.75 -8.26 6.22
CA LEU A 88 5.49 -7.73 7.36
C LEU A 88 4.63 -6.75 8.16
N SER A 89 5.20 -6.19 9.22
CA SER A 89 4.47 -5.25 10.06
C SER A 89 4.60 -3.83 9.53
N TYR A 90 3.76 -2.93 10.04
CA TYR A 90 3.79 -1.54 9.61
C TYR A 90 4.18 -0.63 10.76
N ILE A 91 4.17 -1.18 11.98
CA ILE A 91 4.52 -0.42 13.17
C ILE A 91 5.74 0.47 12.91
N PRO A 92 6.86 -0.17 12.53
CA PRO A 92 8.11 0.54 12.24
C PRO A 92 8.03 1.38 10.97
N TYR A 93 7.06 1.05 10.11
CA TYR A 93 6.88 1.78 8.86
C TYR A 93 5.78 2.83 8.99
N GLN A 94 5.21 2.94 10.19
CA GLN A 94 4.16 3.90 10.45
C GLN A 94 4.68 5.33 10.33
N LEU A 95 3.84 6.23 9.83
CA LEU A 95 4.21 7.63 9.65
C LEU A 95 3.34 8.54 10.51
N TYR A 96 3.86 9.71 10.86
CA TYR A 96 3.13 10.67 11.67
C TYR A 96 2.31 9.95 12.74
N THR A 97 2.93 8.98 13.40
CA THR A 97 2.26 8.22 14.44
C THR A 97 1.41 9.12 15.33
N GLY A 1 -1.81 -19.39 -30.60
CA GLY A 1 -1.39 -19.72 -29.25
C GLY A 1 -0.98 -18.50 -28.45
N SER A 2 -1.63 -18.31 -27.30
CA SER A 2 -1.34 -17.17 -26.44
C SER A 2 -1.55 -17.51 -24.98
N SER A 3 -0.68 -17.01 -24.12
CA SER A 3 -0.77 -17.28 -22.68
C SER A 3 -0.50 -16.00 -21.88
N GLY A 4 -1.00 -15.98 -20.64
CA GLY A 4 -0.80 -14.82 -19.79
C GLY A 4 -1.06 -15.12 -18.33
N SER A 5 -0.06 -15.66 -17.66
CA SER A 5 -0.18 -16.01 -16.25
C SER A 5 0.11 -14.79 -15.36
N SER A 6 -0.82 -14.50 -14.46
CA SER A 6 -0.67 -13.37 -13.56
C SER A 6 0.14 -13.75 -12.32
N GLY A 7 -0.25 -14.85 -11.68
CA GLY A 7 0.45 -15.31 -10.50
C GLY A 7 -0.48 -15.98 -9.50
N THR A 8 -1.28 -15.17 -8.81
CA THR A 8 -2.22 -15.68 -7.81
C THR A 8 -1.60 -16.84 -7.03
N SER A 9 -0.39 -16.64 -6.54
CA SER A 9 0.31 -17.68 -5.78
C SER A 9 0.60 -17.20 -4.36
N SER A 10 0.50 -15.89 -4.15
CA SER A 10 0.75 -15.31 -2.83
C SER A 10 -0.35 -14.32 -2.46
N THR A 11 -0.99 -14.56 -1.32
CA THR A 11 -2.06 -13.69 -0.84
C THR A 11 -1.71 -13.06 0.50
N ILE A 12 -0.48 -12.57 0.61
CA ILE A 12 -0.02 -11.94 1.84
C ILE A 12 -0.71 -10.60 2.07
N PHE A 13 -1.10 -9.95 0.98
CA PHE A 13 -1.77 -8.65 1.05
C PHE A 13 -3.25 -8.79 0.67
N SER A 14 -3.82 -9.96 0.93
CA SER A 14 -5.22 -10.22 0.60
C SER A 14 -6.13 -9.19 1.26
N GLY A 15 -7.07 -8.65 0.49
CA GLY A 15 -7.99 -7.66 1.02
C GLY A 15 -7.27 -6.45 1.59
N VAL A 16 -6.23 -6.00 0.88
CA VAL A 16 -5.47 -4.84 1.32
C VAL A 16 -5.52 -3.72 0.29
N ALA A 17 -6.38 -2.74 0.52
CA ALA A 17 -6.53 -1.61 -0.40
C ALA A 17 -5.62 -0.46 0.01
N ILE A 18 -4.62 -0.17 -0.80
CA ILE A 18 -3.68 0.91 -0.52
C ILE A 18 -3.94 2.11 -1.43
N TYR A 19 -3.68 3.30 -0.92
CA TYR A 19 -3.88 4.53 -1.69
C TYR A 19 -2.67 5.45 -1.57
N VAL A 20 -1.87 5.49 -2.64
CA VAL A 20 -0.68 6.32 -2.66
C VAL A 20 -1.04 7.80 -2.76
N ASN A 21 -0.49 8.60 -1.86
CA ASN A 21 -0.76 10.03 -1.84
C ASN A 21 0.53 10.84 -2.03
N GLY A 22 0.64 11.48 -3.20
CA GLY A 22 1.83 12.27 -3.49
C GLY A 22 2.91 11.45 -4.16
N TYR A 23 4.15 11.96 -4.11
CA TYR A 23 5.28 11.27 -4.71
C TYR A 23 5.85 10.22 -3.78
N THR A 24 6.27 9.09 -4.34
CA THR A 24 6.83 8.00 -3.56
C THR A 24 7.73 7.11 -4.41
N ASP A 25 8.28 6.07 -3.81
CA ASP A 25 9.15 5.14 -4.51
C ASP A 25 8.98 3.72 -3.99
N PRO A 26 8.57 2.80 -4.87
CA PRO A 26 8.30 3.13 -6.28
C PRO A 26 7.05 3.99 -6.45
N SER A 27 6.74 4.31 -7.69
CA SER A 27 5.57 5.13 -7.99
C SER A 27 4.28 4.33 -7.80
N ALA A 28 3.18 5.05 -7.57
CA ALA A 28 1.89 4.40 -7.37
C ALA A 28 1.61 3.39 -8.47
N GLU A 29 1.92 3.76 -9.72
CA GLU A 29 1.70 2.88 -10.85
C GLU A 29 2.28 1.49 -10.59
N GLU A 30 3.56 1.45 -10.21
CA GLU A 30 4.23 0.19 -9.92
C GLU A 30 3.51 -0.58 -8.82
N LEU A 31 3.31 0.08 -7.68
CA LEU A 31 2.64 -0.54 -6.54
C LEU A 31 1.27 -1.09 -6.96
N ARG A 32 0.58 -0.35 -7.82
CA ARG A 32 -0.73 -0.77 -8.29
C ARG A 32 -0.67 -2.17 -8.91
N LYS A 33 0.36 -2.41 -9.69
CA LYS A 33 0.53 -3.71 -10.35
C LYS A 33 0.84 -4.79 -9.33
N LEU A 34 1.82 -4.53 -8.46
CA LEU A 34 2.20 -5.48 -7.43
C LEU A 34 0.99 -5.95 -6.64
N MET A 35 0.30 -5.02 -6.02
CA MET A 35 -0.89 -5.33 -5.23
C MET A 35 -1.85 -6.21 -6.01
N MET A 36 -2.36 -5.67 -7.12
CA MET A 36 -3.29 -6.42 -7.97
C MET A 36 -2.72 -7.78 -8.34
N LEU A 37 -1.63 -7.77 -9.10
CA LEU A 37 -0.98 -9.00 -9.52
C LEU A 37 -0.87 -10.00 -8.37
N HIS A 38 -0.53 -9.48 -7.20
CA HIS A 38 -0.41 -10.32 -6.01
C HIS A 38 -1.78 -10.72 -5.46
N GLY A 39 -2.78 -9.90 -5.75
CA GLY A 39 -4.12 -10.19 -5.29
C GLY A 39 -4.78 -8.99 -4.62
N GLY A 40 -3.95 -8.09 -4.09
CA GLY A 40 -4.47 -6.91 -3.43
C GLY A 40 -5.23 -6.00 -4.38
N GLN A 41 -5.60 -4.81 -3.88
CA GLN A 41 -6.33 -3.85 -4.70
C GLN A 41 -5.72 -2.47 -4.57
N TYR A 42 -6.24 -1.52 -5.34
CA TYR A 42 -5.74 -0.15 -5.32
C TYR A 42 -6.85 0.84 -5.66
N HIS A 43 -7.24 1.65 -4.68
CA HIS A 43 -8.28 2.64 -4.88
C HIS A 43 -7.70 3.96 -5.37
N VAL A 44 -7.96 4.28 -6.63
CA VAL A 44 -7.46 5.51 -7.24
C VAL A 44 -7.87 6.72 -6.41
N TYR A 45 -9.13 6.75 -5.97
CA TYR A 45 -9.64 7.84 -5.17
C TYR A 45 -9.61 7.51 -3.69
N TYR A 46 -9.05 8.41 -2.88
CA TYR A 46 -8.96 8.21 -1.45
C TYR A 46 -10.28 7.73 -0.88
N SER A 47 -10.20 6.79 0.07
CA SER A 47 -11.40 6.24 0.70
C SER A 47 -11.21 6.08 2.20
N ARG A 48 -12.26 6.33 2.96
CA ARG A 48 -12.21 6.20 4.41
C ARG A 48 -12.62 4.81 4.86
N SER A 49 -13.51 4.18 4.09
CA SER A 49 -13.99 2.85 4.42
C SER A 49 -13.34 1.80 3.52
N LYS A 50 -13.43 2.00 2.21
CA LYS A 50 -12.84 1.08 1.24
C LYS A 50 -11.36 0.86 1.54
N THR A 51 -10.58 1.94 1.48
CA THR A 51 -9.16 1.86 1.74
C THR A 51 -8.88 1.52 3.19
N THR A 52 -7.85 0.70 3.42
CA THR A 52 -7.47 0.29 4.77
C THR A 52 -6.28 1.10 5.28
N HIS A 53 -5.34 1.36 4.39
CA HIS A 53 -4.14 2.13 4.75
C HIS A 53 -3.84 3.19 3.70
N ILE A 54 -3.01 4.16 4.07
CA ILE A 54 -2.63 5.23 3.16
C ILE A 54 -1.13 5.28 2.94
N ILE A 55 -0.69 4.80 1.79
CA ILE A 55 0.74 4.79 1.46
C ILE A 55 1.22 6.19 1.09
N ALA A 56 2.25 6.66 1.78
CA ALA A 56 2.82 7.98 1.52
C ALA A 56 4.16 8.15 2.24
N THR A 57 5.15 8.61 1.50
CA THR A 57 6.48 8.82 2.07
C THR A 57 6.46 9.93 3.13
N ASN A 58 6.00 11.12 2.72
CA ASN A 58 5.92 12.26 3.64
C ASN A 58 4.77 13.18 3.26
N LEU A 59 4.11 13.73 4.26
CA LEU A 59 2.99 14.64 4.03
C LEU A 59 3.17 15.93 4.81
N PRO A 60 2.68 17.04 4.24
CA PRO A 60 2.77 18.37 4.87
C PRO A 60 1.88 18.49 6.10
N ASN A 61 2.11 19.53 6.89
CA ASN A 61 1.33 19.76 8.10
C ASN A 61 -0.17 19.72 7.79
N ALA A 62 -0.57 20.49 6.79
CA ALA A 62 -1.97 20.55 6.39
C ALA A 62 -2.53 19.16 6.15
N LYS A 63 -1.77 18.33 5.44
CA LYS A 63 -2.20 16.97 5.15
C LYS A 63 -2.16 16.10 6.39
N ILE A 64 -1.20 16.37 7.28
CA ILE A 64 -1.07 15.61 8.52
C ILE A 64 -2.26 15.87 9.44
N LYS A 65 -2.63 17.14 9.59
CA LYS A 65 -3.74 17.52 10.45
C LYS A 65 -5.05 16.93 9.93
N GLU A 66 -5.18 16.88 8.61
CA GLU A 66 -6.39 16.34 7.98
C GLU A 66 -6.32 14.82 7.90
N LEU A 67 -5.11 14.29 7.86
CA LEU A 67 -4.90 12.84 7.79
C LEU A 67 -4.66 12.26 9.17
N LYS A 68 -5.33 12.81 10.18
CA LYS A 68 -5.19 12.34 11.55
C LYS A 68 -6.05 11.11 11.79
N GLY A 69 -5.49 10.14 12.50
CA GLY A 69 -6.23 8.91 12.79
C GLY A 69 -5.89 7.79 11.83
N GLU A 70 -5.98 8.09 10.53
CA GLU A 70 -5.68 7.10 9.50
C GLU A 70 -4.33 6.44 9.75
N LYS A 71 -3.95 5.53 8.86
CA LYS A 71 -2.67 4.84 8.97
C LYS A 71 -1.76 5.17 7.80
N VAL A 72 -0.77 6.03 8.06
CA VAL A 72 0.18 6.43 7.03
C VAL A 72 1.40 5.52 7.02
N ILE A 73 1.35 4.49 6.18
CA ILE A 73 2.45 3.54 6.07
C ILE A 73 3.35 3.88 4.89
N ARG A 74 4.65 3.67 5.07
CA ARG A 74 5.62 3.95 4.01
C ARG A 74 5.55 2.89 2.92
N PRO A 75 5.95 3.28 1.69
CA PRO A 75 5.94 2.38 0.53
C PRO A 75 7.00 1.30 0.64
N GLU A 76 7.76 1.32 1.74
CA GLU A 76 8.81 0.33 1.95
C GLU A 76 8.26 -0.92 2.62
N TRP A 77 7.21 -0.74 3.42
CA TRP A 77 6.58 -1.87 4.12
C TRP A 77 6.10 -2.92 3.12
N ILE A 78 5.54 -2.46 2.01
CA ILE A 78 5.04 -3.38 0.98
C ILE A 78 6.16 -3.86 0.09
N VAL A 79 6.95 -2.92 -0.43
CA VAL A 79 8.07 -3.25 -1.31
C VAL A 79 8.98 -4.28 -0.67
N GLU A 80 9.18 -4.16 0.64
CA GLU A 80 10.04 -5.08 1.38
C GLU A 80 9.33 -6.40 1.64
N SER A 81 8.01 -6.32 1.87
CA SER A 81 7.22 -7.50 2.13
C SER A 81 7.22 -8.45 0.93
N ILE A 82 7.13 -7.87 -0.26
CA ILE A 82 7.12 -8.65 -1.49
C ILE A 82 8.49 -9.30 -1.73
N LYS A 83 9.53 -8.48 -1.74
CA LYS A 83 10.88 -8.97 -1.96
C LYS A 83 11.21 -10.12 -1.00
N ALA A 84 10.82 -9.96 0.26
CA ALA A 84 11.07 -10.99 1.26
C ALA A 84 10.18 -12.21 1.03
N GLY A 85 8.98 -11.98 0.52
CA GLY A 85 8.06 -13.07 0.26
C GLY A 85 7.11 -13.32 1.41
N ARG A 86 6.84 -12.26 2.19
CA ARG A 86 5.94 -12.38 3.33
C ARG A 86 5.55 -11.00 3.85
N LEU A 87 4.64 -10.97 4.81
CA LEU A 87 4.18 -9.71 5.40
C LEU A 87 5.08 -9.28 6.55
N LEU A 88 5.55 -8.04 6.50
CA LEU A 88 6.42 -7.51 7.54
C LEU A 88 5.65 -6.57 8.47
N SER A 89 6.34 -6.06 9.49
CA SER A 89 5.72 -5.16 10.45
C SER A 89 5.35 -3.84 9.79
N TYR A 90 4.30 -3.19 10.30
CA TYR A 90 3.85 -1.92 9.77
C TYR A 90 3.94 -0.82 10.82
N ILE A 91 4.04 -1.22 12.08
CA ILE A 91 4.13 -0.27 13.19
C ILE A 91 5.29 0.71 12.97
N PRO A 92 6.51 0.17 12.83
CA PRO A 92 7.70 0.98 12.61
C PRO A 92 7.73 1.63 11.22
N TYR A 93 6.66 1.42 10.46
CA TYR A 93 6.56 1.97 9.12
C TYR A 93 5.53 3.09 9.07
N GLN A 94 4.71 3.17 10.11
CA GLN A 94 3.67 4.20 10.18
C GLN A 94 4.30 5.60 10.17
N LEU A 95 3.52 6.58 9.74
CA LEU A 95 3.99 7.96 9.68
C LEU A 95 3.03 8.90 10.40
N TYR A 96 3.58 9.86 11.13
CA TYR A 96 2.78 10.83 11.87
C TYR A 96 1.74 10.12 12.74
N THR A 97 2.18 9.08 13.45
CA THR A 97 1.30 8.32 14.31
C THR A 97 1.79 8.33 15.75
N GLY A 1 -0.22 -10.86 -29.00
CA GLY A 1 0.73 -11.26 -27.99
C GLY A 1 0.15 -11.20 -26.58
N SER A 2 0.03 -12.36 -25.95
CA SER A 2 -0.52 -12.43 -24.59
C SER A 2 0.25 -13.44 -23.75
N SER A 3 0.84 -12.96 -22.66
CA SER A 3 1.62 -13.82 -21.77
C SER A 3 0.88 -15.12 -21.50
N GLY A 4 1.46 -16.23 -21.95
CA GLY A 4 0.84 -17.53 -21.75
C GLY A 4 1.63 -18.41 -20.79
N SER A 5 1.62 -18.03 -19.51
CA SER A 5 2.34 -18.79 -18.50
C SER A 5 1.77 -18.51 -17.11
N SER A 6 1.18 -19.54 -16.51
CA SER A 6 0.60 -19.40 -15.17
C SER A 6 1.59 -19.84 -14.10
N GLY A 7 1.33 -19.43 -12.86
CA GLY A 7 2.20 -19.80 -11.76
C GLY A 7 1.53 -19.64 -10.41
N THR A 8 2.23 -20.03 -9.35
CA THR A 8 1.69 -19.93 -7.99
C THR A 8 1.26 -18.50 -7.68
N SER A 9 0.39 -18.37 -6.69
CA SER A 9 -0.11 -17.05 -6.29
C SER A 9 0.23 -16.75 -4.83
N SER A 10 0.10 -15.49 -4.44
CA SER A 10 0.39 -15.08 -3.08
C SER A 10 -0.69 -14.16 -2.54
N THR A 11 -1.40 -14.63 -1.51
CA THR A 11 -2.48 -13.85 -0.91
C THR A 11 -2.02 -13.20 0.39
N ILE A 12 -0.91 -12.46 0.33
CA ILE A 12 -0.37 -11.79 1.50
C ILE A 12 -1.03 -10.43 1.71
N PHE A 13 -1.48 -9.83 0.62
CA PHE A 13 -2.13 -8.53 0.69
C PHE A 13 -3.65 -8.68 0.57
N SER A 14 -4.13 -9.89 0.81
CA SER A 14 -5.57 -10.16 0.72
C SER A 14 -6.35 -9.29 1.70
N GLY A 15 -7.28 -8.51 1.18
CA GLY A 15 -8.08 -7.63 2.01
C GLY A 15 -7.31 -6.41 2.48
N VAL A 16 -6.19 -6.13 1.82
CA VAL A 16 -5.37 -4.97 2.16
C VAL A 16 -5.26 -4.00 1.01
N ALA A 17 -5.99 -2.89 1.10
CA ALA A 17 -5.98 -1.88 0.05
C ALA A 17 -5.00 -0.76 0.39
N ILE A 18 -4.40 -0.17 -0.65
CA ILE A 18 -3.44 0.91 -0.46
C ILE A 18 -3.76 2.10 -1.37
N TYR A 19 -3.37 3.29 -0.93
CA TYR A 19 -3.62 4.50 -1.70
C TYR A 19 -2.41 5.43 -1.66
N VAL A 20 -1.75 5.58 -2.81
CA VAL A 20 -0.58 6.45 -2.89
C VAL A 20 -0.98 7.92 -2.92
N ASN A 21 -0.31 8.73 -2.11
CA ASN A 21 -0.59 10.16 -2.05
C ASN A 21 0.69 10.97 -2.18
N GLY A 22 0.84 11.65 -3.32
CA GLY A 22 2.03 12.47 -3.54
C GLY A 22 3.20 11.65 -4.04
N TYR A 23 4.39 12.25 -4.02
CA TYR A 23 5.59 11.58 -4.48
C TYR A 23 5.96 10.44 -3.54
N THR A 24 6.09 9.23 -4.10
CA THR A 24 6.44 8.06 -3.32
C THR A 24 7.34 7.11 -4.13
N ASP A 25 8.12 6.31 -3.41
CA ASP A 25 9.02 5.36 -4.06
C ASP A 25 8.88 3.98 -3.44
N PRO A 26 8.57 2.98 -4.29
CA PRO A 26 8.37 3.19 -5.73
C PRO A 26 7.11 3.98 -6.03
N SER A 27 7.02 4.51 -7.25
CA SER A 27 5.86 5.28 -7.67
C SER A 27 4.57 4.52 -7.41
N ALA A 28 3.44 5.20 -7.55
CA ALA A 28 2.14 4.59 -7.33
C ALA A 28 1.91 3.43 -8.30
N GLU A 29 2.15 3.70 -9.59
CA GLU A 29 1.96 2.68 -10.62
C GLU A 29 2.63 1.37 -10.22
N GLU A 30 3.83 1.48 -9.66
CA GLU A 30 4.59 0.30 -9.23
C GLU A 30 3.79 -0.51 -8.22
N LEU A 31 3.25 0.16 -7.22
CA LEU A 31 2.47 -0.50 -6.17
C LEU A 31 1.12 -0.95 -6.72
N ARG A 32 0.66 -0.29 -7.77
CA ARG A 32 -0.63 -0.62 -8.38
C ARG A 32 -0.66 -2.10 -8.81
N LYS A 33 0.44 -2.55 -9.42
CA LYS A 33 0.53 -3.93 -9.87
C LYS A 33 0.94 -4.85 -8.73
N LEU A 34 2.00 -4.48 -8.02
CA LEU A 34 2.49 -5.27 -6.90
C LEU A 34 1.34 -5.80 -6.06
N MET A 35 0.22 -5.10 -6.10
CA MET A 35 -0.97 -5.49 -5.35
C MET A 35 -1.72 -6.61 -6.06
N MET A 36 -2.35 -6.27 -7.18
CA MET A 36 -3.10 -7.24 -7.96
C MET A 36 -2.32 -8.54 -8.11
N LEU A 37 -1.02 -8.41 -8.35
CA LEU A 37 -0.16 -9.58 -8.51
C LEU A 37 -0.10 -10.40 -7.22
N HIS A 38 -0.05 -9.72 -6.09
CA HIS A 38 -0.01 -10.39 -4.79
C HIS A 38 -1.39 -10.43 -4.15
N GLY A 39 -2.42 -10.37 -4.98
CA GLY A 39 -3.79 -10.40 -4.47
C GLY A 39 -4.11 -9.19 -3.62
N GLY A 40 -3.87 -8.00 -4.16
CA GLY A 40 -4.15 -6.78 -3.43
C GLY A 40 -5.18 -5.91 -4.12
N GLN A 41 -5.32 -4.67 -3.66
CA GLN A 41 -6.28 -3.74 -4.23
C GLN A 41 -5.67 -2.37 -4.44
N TYR A 42 -6.26 -1.60 -5.34
CA TYR A 42 -5.76 -0.26 -5.65
C TYR A 42 -6.91 0.72 -5.86
N HIS A 43 -6.92 1.80 -5.08
CA HIS A 43 -7.96 2.81 -5.19
C HIS A 43 -7.37 4.16 -5.59
N VAL A 44 -7.94 4.75 -6.64
CA VAL A 44 -7.47 6.04 -7.13
C VAL A 44 -7.92 7.17 -6.21
N TYR A 45 -9.12 7.04 -5.67
CA TYR A 45 -9.68 8.06 -4.77
C TYR A 45 -9.81 7.51 -3.35
N TYR A 46 -9.10 8.15 -2.42
CA TYR A 46 -9.13 7.73 -1.02
C TYR A 46 -10.53 7.30 -0.61
N SER A 47 -10.63 6.09 -0.07
CA SER A 47 -11.91 5.56 0.37
C SER A 47 -11.82 4.98 1.77
N ARG A 48 -12.35 5.71 2.74
CA ARG A 48 -12.32 5.28 4.14
C ARG A 48 -13.04 3.95 4.31
N SER A 49 -13.92 3.64 3.35
CA SER A 49 -14.67 2.39 3.40
C SER A 49 -13.93 1.27 2.68
N LYS A 50 -13.22 1.64 1.61
CA LYS A 50 -12.47 0.68 0.83
C LYS A 50 -10.99 0.66 1.24
N THR A 51 -10.31 1.78 1.01
CA THR A 51 -8.91 1.90 1.37
C THR A 51 -8.69 1.70 2.87
N THR A 52 -7.81 0.77 3.22
CA THR A 52 -7.52 0.49 4.62
C THR A 52 -6.33 1.32 5.11
N HIS A 53 -5.27 1.36 4.31
CA HIS A 53 -4.07 2.12 4.67
C HIS A 53 -3.77 3.19 3.62
N ILE A 54 -2.89 4.12 3.96
CA ILE A 54 -2.52 5.19 3.05
C ILE A 54 -1.01 5.22 2.83
N ILE A 55 -0.59 5.01 1.59
CA ILE A 55 0.82 5.01 1.24
C ILE A 55 1.30 6.42 0.89
N ALA A 56 2.21 6.95 1.69
CA ALA A 56 2.75 8.27 1.47
C ALA A 56 4.06 8.48 2.21
N THR A 57 5.08 8.95 1.50
CA THR A 57 6.39 9.18 2.11
C THR A 57 6.31 10.21 3.24
N ASN A 58 5.84 11.41 2.91
CA ASN A 58 5.72 12.48 3.89
C ASN A 58 4.57 13.41 3.53
N LEU A 59 3.90 13.95 4.55
CA LEU A 59 2.78 14.86 4.34
C LEU A 59 2.94 16.12 5.19
N PRO A 60 2.53 17.26 4.63
CA PRO A 60 2.61 18.56 5.33
C PRO A 60 1.63 18.65 6.49
N ASN A 61 2.01 19.41 7.51
CA ASN A 61 1.16 19.58 8.69
C ASN A 61 -0.31 19.69 8.29
N ALA A 62 -0.56 20.29 7.13
CA ALA A 62 -1.93 20.45 6.64
C ALA A 62 -2.55 19.10 6.32
N LYS A 63 -1.93 18.36 5.40
CA LYS A 63 -2.43 17.05 4.99
C LYS A 63 -2.47 16.10 6.18
N ILE A 64 -1.74 16.44 7.24
CA ILE A 64 -1.69 15.62 8.45
C ILE A 64 -2.91 15.87 9.33
N LYS A 65 -3.58 16.99 9.10
CA LYS A 65 -4.77 17.34 9.87
C LYS A 65 -6.02 16.73 9.24
N GLU A 66 -5.96 16.46 7.94
CA GLU A 66 -7.09 15.88 7.24
C GLU A 66 -7.07 14.36 7.34
N LEU A 67 -6.00 13.81 7.90
CA LEU A 67 -5.87 12.37 8.07
C LEU A 67 -5.67 12.01 9.55
N LYS A 68 -6.42 12.69 10.41
CA LYS A 68 -6.34 12.44 11.85
C LYS A 68 -6.84 11.04 12.19
N GLY A 69 -6.02 10.27 12.89
CA GLY A 69 -6.40 8.91 13.26
C GLY A 69 -6.02 7.89 12.21
N GLU A 70 -6.07 8.30 10.95
CA GLU A 70 -5.73 7.40 9.84
C GLU A 70 -4.39 6.72 10.10
N LYS A 71 -4.05 5.76 9.23
CA LYS A 71 -2.80 5.04 9.35
C LYS A 71 -1.94 5.22 8.10
N VAL A 72 -0.98 6.15 8.16
CA VAL A 72 -0.10 6.41 7.04
C VAL A 72 1.14 5.52 7.09
N ILE A 73 1.38 4.79 6.02
CA ILE A 73 2.54 3.90 5.94
C ILE A 73 3.41 4.22 4.73
N ARG A 74 4.71 4.01 4.87
CA ARG A 74 5.65 4.28 3.79
C ARG A 74 5.53 3.23 2.68
N PRO A 75 5.87 3.62 1.45
CA PRO A 75 5.82 2.73 0.28
C PRO A 75 6.87 1.64 0.34
N GLU A 76 7.67 1.65 1.40
CA GLU A 76 8.73 0.66 1.56
C GLU A 76 8.20 -0.58 2.28
N TRP A 77 7.18 -0.39 3.12
CA TRP A 77 6.59 -1.48 3.87
C TRP A 77 6.11 -2.58 2.94
N ILE A 78 5.59 -2.18 1.77
CA ILE A 78 5.10 -3.14 0.79
C ILE A 78 6.25 -3.75 -0.01
N VAL A 79 7.00 -2.89 -0.70
CA VAL A 79 8.12 -3.34 -1.50
C VAL A 79 8.88 -4.48 -0.82
N GLU A 80 9.09 -4.33 0.49
CA GLU A 80 9.80 -5.35 1.27
C GLU A 80 8.99 -6.63 1.35
N SER A 81 7.68 -6.49 1.55
CA SER A 81 6.80 -7.65 1.65
C SER A 81 6.95 -8.56 0.44
N ILE A 82 6.92 -7.96 -0.75
CA ILE A 82 7.06 -8.72 -1.99
C ILE A 82 8.41 -9.43 -2.04
N LYS A 83 9.48 -8.65 -1.95
CA LYS A 83 10.83 -9.20 -1.98
C LYS A 83 10.97 -10.37 -1.01
N ALA A 84 10.38 -10.22 0.17
CA ALA A 84 10.44 -11.26 1.19
C ALA A 84 9.45 -12.37 0.90
N GLY A 85 8.43 -12.05 0.12
CA GLY A 85 7.42 -13.04 -0.23
C GLY A 85 6.36 -13.18 0.84
N ARG A 86 6.43 -12.33 1.86
CA ARG A 86 5.46 -12.36 2.95
C ARG A 86 5.16 -10.95 3.46
N LEU A 87 3.99 -10.79 4.06
CA LEU A 87 3.58 -9.49 4.60
C LEU A 87 4.39 -9.13 5.83
N LEU A 88 4.78 -7.87 5.93
CA LEU A 88 5.56 -7.39 7.07
C LEU A 88 4.73 -6.47 7.94
N SER A 89 5.36 -5.91 8.97
CA SER A 89 4.68 -5.00 9.89
C SER A 89 4.91 -3.54 9.49
N TYR A 90 3.92 -2.70 9.76
CA TYR A 90 4.02 -1.28 9.42
C TYR A 90 4.51 -0.47 10.61
N ILE A 91 4.48 -1.09 11.79
CA ILE A 91 4.92 -0.42 13.01
C ILE A 91 6.12 0.48 12.74
N PRO A 92 7.20 -0.10 12.21
CA PRO A 92 8.42 0.64 11.88
C PRO A 92 8.23 1.59 10.70
N TYR A 93 7.42 1.17 9.73
CA TYR A 93 7.15 1.98 8.55
C TYR A 93 5.93 2.88 8.76
N GLN A 94 5.53 3.01 10.02
CA GLN A 94 4.37 3.83 10.36
C GLN A 94 4.71 5.32 10.26
N LEU A 95 3.74 6.11 9.83
CA LEU A 95 3.93 7.56 9.70
C LEU A 95 2.87 8.33 10.47
N TYR A 96 3.29 9.41 11.11
CA TYR A 96 2.38 10.24 11.89
C TYR A 96 1.34 9.38 12.61
N THR A 97 1.82 8.39 13.36
CA THR A 97 0.94 7.50 14.10
C THR A 97 -0.30 8.23 14.58
N GLY A 1 -5.00 -38.31 -13.33
CA GLY A 1 -5.53 -37.75 -12.08
C GLY A 1 -4.70 -36.61 -11.54
N SER A 2 -4.99 -35.40 -11.99
CA SER A 2 -4.25 -34.22 -11.55
C SER A 2 -5.02 -32.95 -11.87
N SER A 3 -5.14 -32.07 -10.87
CA SER A 3 -5.86 -30.81 -11.05
C SER A 3 -5.33 -29.74 -10.10
N GLY A 4 -5.69 -28.49 -10.36
CA GLY A 4 -5.24 -27.39 -9.52
C GLY A 4 -5.96 -26.10 -9.82
N SER A 5 -6.46 -25.44 -8.79
CA SER A 5 -7.18 -24.18 -8.95
C SER A 5 -6.28 -23.00 -8.60
N SER A 6 -6.34 -21.96 -9.42
CA SER A 6 -5.54 -20.77 -9.21
C SER A 6 -5.85 -20.12 -7.86
N GLY A 7 -4.93 -19.31 -7.37
CA GLY A 7 -5.13 -18.64 -6.10
C GLY A 7 -3.85 -18.53 -5.30
N THR A 8 -3.25 -17.35 -5.28
CA THR A 8 -2.00 -17.12 -4.55
C THR A 8 -2.20 -17.39 -3.06
N SER A 9 -1.54 -18.43 -2.56
CA SER A 9 -1.65 -18.79 -1.15
C SER A 9 -1.10 -17.67 -0.26
N SER A 10 -0.03 -17.03 -0.72
CA SER A 10 0.59 -15.94 0.02
C SER A 10 -0.47 -15.06 0.68
N THR A 11 -1.33 -14.47 -0.14
CA THR A 11 -2.39 -13.61 0.36
C THR A 11 -1.87 -12.67 1.44
N ILE A 12 -0.58 -12.35 1.36
CA ILE A 12 0.05 -11.46 2.34
C ILE A 12 -0.63 -10.09 2.34
N PHE A 13 -1.28 -9.76 1.23
CA PHE A 13 -1.97 -8.48 1.11
C PHE A 13 -3.44 -8.69 0.74
N SER A 14 -4.03 -9.76 1.25
CA SER A 14 -5.42 -10.08 0.96
C SER A 14 -6.33 -8.92 1.34
N GLY A 15 -7.32 -8.64 0.50
CA GLY A 15 -8.25 -7.56 0.76
C GLY A 15 -7.56 -6.34 1.35
N VAL A 16 -6.37 -6.04 0.85
CA VAL A 16 -5.60 -4.89 1.33
C VAL A 16 -5.49 -3.82 0.26
N ALA A 17 -6.17 -2.70 0.47
CA ALA A 17 -6.14 -1.60 -0.47
C ALA A 17 -5.17 -0.51 -0.03
N ILE A 18 -4.54 0.15 -0.98
CA ILE A 18 -3.58 1.21 -0.68
C ILE A 18 -3.81 2.43 -1.58
N TYR A 19 -3.63 3.62 -1.01
CA TYR A 19 -3.82 4.85 -1.75
C TYR A 19 -2.60 5.76 -1.62
N VAL A 20 -1.81 5.84 -2.69
CA VAL A 20 -0.62 6.67 -2.70
C VAL A 20 -0.97 8.15 -2.74
N ASN A 21 -0.38 8.92 -1.84
CA ASN A 21 -0.64 10.36 -1.77
C ASN A 21 0.61 11.16 -2.16
N GLY A 22 0.54 11.81 -3.31
CA GLY A 22 1.67 12.60 -3.77
C GLY A 22 2.75 11.75 -4.41
N TYR A 23 4.00 12.14 -4.20
CA TYR A 23 5.13 11.41 -4.75
C TYR A 23 5.58 10.30 -3.81
N THR A 24 5.99 9.17 -4.38
CA THR A 24 6.45 8.03 -3.59
C THR A 24 7.37 7.13 -4.40
N ASP A 25 8.01 6.19 -3.72
CA ASP A 25 8.92 5.26 -4.39
C ASP A 25 8.79 3.86 -3.79
N PRO A 26 8.48 2.88 -4.66
CA PRO A 26 8.26 3.13 -6.09
C PRO A 26 7.00 3.91 -6.37
N SER A 27 6.86 4.40 -7.59
CA SER A 27 5.69 5.18 -7.98
C SER A 27 4.40 4.39 -7.73
N ALA A 28 3.28 5.10 -7.71
CA ALA A 28 1.99 4.46 -7.47
C ALA A 28 1.72 3.36 -8.50
N GLU A 29 1.90 3.69 -9.77
CA GLU A 29 1.68 2.73 -10.85
C GLU A 29 2.36 1.39 -10.53
N GLU A 30 3.56 1.46 -9.97
CA GLU A 30 4.30 0.26 -9.61
C GLU A 30 3.58 -0.53 -8.53
N LEU A 31 3.26 0.14 -7.43
CA LEU A 31 2.56 -0.49 -6.32
C LEU A 31 1.22 -1.08 -6.77
N ARG A 32 0.40 -0.25 -7.41
CA ARG A 32 -0.90 -0.69 -7.89
C ARG A 32 -0.84 -2.14 -8.35
N LYS A 33 0.06 -2.43 -9.28
CA LYS A 33 0.22 -3.79 -9.80
C LYS A 33 0.63 -4.75 -8.70
N LEU A 34 1.74 -4.44 -8.03
CA LEU A 34 2.25 -5.29 -6.96
C LEU A 34 1.09 -5.87 -6.14
N MET A 35 0.34 -5.00 -5.48
CA MET A 35 -0.79 -5.42 -4.67
C MET A 35 -1.55 -6.55 -5.35
N MET A 36 -2.12 -6.25 -6.51
CA MET A 36 -2.88 -7.24 -7.27
C MET A 36 -2.07 -8.52 -7.46
N LEU A 37 -0.81 -8.36 -7.85
CA LEU A 37 0.07 -9.51 -8.07
C LEU A 37 0.18 -10.36 -6.81
N HIS A 38 -0.11 -9.76 -5.66
CA HIS A 38 -0.06 -10.47 -4.39
C HIS A 38 -1.46 -10.78 -3.88
N GLY A 39 -2.47 -10.20 -4.52
CA GLY A 39 -3.84 -10.42 -4.12
C GLY A 39 -4.40 -9.26 -3.30
N GLY A 40 -4.11 -8.04 -3.74
CA GLY A 40 -4.59 -6.87 -3.03
C GLY A 40 -5.54 -6.03 -3.87
N GLN A 41 -5.52 -4.72 -3.64
CA GLN A 41 -6.38 -3.80 -4.38
C GLN A 41 -5.76 -2.40 -4.44
N TYR A 42 -6.25 -1.58 -5.36
CA TYR A 42 -5.75 -0.23 -5.52
C TYR A 42 -6.89 0.74 -5.82
N HIS A 43 -6.86 1.89 -5.14
CA HIS A 43 -7.89 2.91 -5.33
C HIS A 43 -7.27 4.24 -5.75
N VAL A 44 -7.89 4.90 -6.72
CA VAL A 44 -7.40 6.19 -7.21
C VAL A 44 -7.98 7.33 -6.41
N TYR A 45 -9.23 7.18 -5.99
CA TYR A 45 -9.91 8.21 -5.21
C TYR A 45 -9.96 7.84 -3.73
N TYR A 46 -9.21 8.57 -2.90
CA TYR A 46 -9.17 8.30 -1.47
C TYR A 46 -10.54 7.86 -0.96
N SER A 47 -10.58 6.71 -0.30
CA SER A 47 -11.82 6.18 0.24
C SER A 47 -11.66 5.81 1.71
N ARG A 48 -12.56 6.33 2.54
CA ARG A 48 -12.52 6.06 3.97
C ARG A 48 -13.22 4.74 4.30
N SER A 49 -13.99 4.24 3.35
CA SER A 49 -14.72 2.99 3.53
C SER A 49 -14.03 1.85 2.81
N LYS A 50 -13.59 2.11 1.58
CA LYS A 50 -12.90 1.10 0.78
C LYS A 50 -11.44 0.96 1.21
N THR A 51 -10.63 1.94 0.85
CA THR A 51 -9.22 1.93 1.21
C THR A 51 -9.02 1.64 2.69
N THR A 52 -7.96 0.91 3.00
CA THR A 52 -7.66 0.55 4.39
C THR A 52 -6.45 1.33 4.91
N HIS A 53 -5.42 1.44 4.08
CA HIS A 53 -4.21 2.16 4.46
C HIS A 53 -3.93 3.30 3.48
N ILE A 54 -3.04 4.20 3.88
CA ILE A 54 -2.69 5.35 3.05
C ILE A 54 -1.18 5.45 2.85
N ILE A 55 -0.72 5.15 1.64
CA ILE A 55 0.70 5.22 1.33
C ILE A 55 1.15 6.66 1.10
N ALA A 56 2.24 7.04 1.76
CA ALA A 56 2.78 8.38 1.63
C ALA A 56 4.15 8.50 2.28
N THR A 57 5.11 9.02 1.52
CA THR A 57 6.47 9.17 2.02
C THR A 57 6.56 10.30 3.04
N ASN A 58 5.92 11.42 2.74
CA ASN A 58 5.91 12.57 3.64
C ASN A 58 4.62 13.37 3.50
N LEU A 59 4.19 13.98 4.59
CA LEU A 59 2.97 14.77 4.60
C LEU A 59 3.13 16.03 5.45
N PRO A 60 2.52 17.14 5.01
CA PRO A 60 2.58 18.42 5.71
C PRO A 60 1.81 18.39 7.02
N ASN A 61 2.25 19.21 7.99
CA ASN A 61 1.60 19.28 9.29
C ASN A 61 0.09 19.20 9.14
N ALA A 62 -0.47 20.08 8.31
CA ALA A 62 -1.91 20.11 8.09
C ALA A 62 -2.43 18.73 7.73
N LYS A 63 -1.83 18.11 6.72
CA LYS A 63 -2.24 16.78 6.27
C LYS A 63 -2.22 15.79 7.43
N ILE A 64 -1.07 15.71 8.11
CA ILE A 64 -0.92 14.81 9.23
C ILE A 64 -2.18 14.77 10.10
N LYS A 65 -2.62 15.94 10.54
CA LYS A 65 -3.82 16.05 11.36
C LYS A 65 -5.06 15.64 10.57
N GLU A 66 -5.14 16.10 9.32
CA GLU A 66 -6.27 15.78 8.47
C GLU A 66 -6.50 14.27 8.39
N LEU A 67 -5.45 13.51 8.69
CA LEU A 67 -5.52 12.05 8.66
C LEU A 67 -5.49 11.48 10.06
N LYS A 68 -5.95 12.27 11.03
CA LYS A 68 -5.99 11.82 12.42
C LYS A 68 -6.65 10.46 12.55
N GLY A 69 -5.95 9.52 13.20
CA GLY A 69 -6.49 8.19 13.38
C GLY A 69 -6.12 7.25 12.23
N GLU A 70 -6.28 7.74 11.00
CA GLU A 70 -5.96 6.94 9.82
C GLU A 70 -4.58 6.31 9.96
N LYS A 71 -4.32 5.29 9.13
CA LYS A 71 -3.03 4.60 9.15
C LYS A 71 -2.25 4.87 7.87
N VAL A 72 -1.11 5.53 8.01
CA VAL A 72 -0.26 5.85 6.86
C VAL A 72 1.05 5.07 6.92
N ILE A 73 1.24 4.18 5.95
CA ILE A 73 2.46 3.38 5.88
C ILE A 73 3.33 3.80 4.71
N ARG A 74 4.65 3.75 4.91
CA ARG A 74 5.60 4.13 3.86
C ARG A 74 5.55 3.14 2.70
N PRO A 75 5.88 3.62 1.50
CA PRO A 75 5.87 2.81 0.29
C PRO A 75 7.00 1.77 0.29
N GLU A 76 7.76 1.72 1.38
CA GLU A 76 8.86 0.78 1.50
C GLU A 76 8.40 -0.52 2.17
N TRP A 77 7.40 -0.40 3.05
CA TRP A 77 6.88 -1.56 3.75
C TRP A 77 6.50 -2.67 2.77
N ILE A 78 5.73 -2.31 1.75
CA ILE A 78 5.30 -3.28 0.75
C ILE A 78 6.49 -3.80 -0.06
N VAL A 79 7.24 -2.87 -0.66
CA VAL A 79 8.41 -3.24 -1.45
C VAL A 79 9.21 -4.35 -0.79
N GLU A 80 9.57 -4.13 0.48
CA GLU A 80 10.34 -5.12 1.23
C GLU A 80 9.54 -6.42 1.40
N SER A 81 8.26 -6.28 1.72
CA SER A 81 7.39 -7.44 1.91
C SER A 81 7.35 -8.30 0.65
N ILE A 82 7.37 -7.65 -0.51
CA ILE A 82 7.33 -8.36 -1.78
C ILE A 82 8.61 -9.17 -2.00
N LYS A 83 9.75 -8.48 -1.97
CA LYS A 83 11.04 -9.14 -2.16
C LYS A 83 11.15 -10.37 -1.28
N ALA A 84 10.70 -10.25 -0.03
CA ALA A 84 10.74 -11.36 0.91
C ALA A 84 9.69 -12.40 0.60
N GLY A 85 8.62 -11.97 -0.08
CA GLY A 85 7.54 -12.87 -0.43
C GLY A 85 6.62 -13.16 0.73
N ARG A 86 6.74 -12.37 1.79
CA ARG A 86 5.92 -12.55 2.97
C ARG A 86 5.85 -11.26 3.79
N LEU A 87 4.63 -10.84 4.11
CA LEU A 87 4.42 -9.62 4.88
C LEU A 87 5.41 -9.54 6.05
N LEU A 88 6.07 -8.39 6.18
CA LEU A 88 7.04 -8.19 7.24
C LEU A 88 6.39 -7.54 8.46
N SER A 89 6.11 -6.24 8.36
CA SER A 89 5.47 -5.51 9.45
C SER A 89 5.16 -4.08 9.03
N TYR A 90 4.08 -3.53 9.58
CA TYR A 90 3.66 -2.17 9.25
C TYR A 90 3.87 -1.25 10.45
N ILE A 91 3.85 -1.83 11.65
CA ILE A 91 4.04 -1.05 12.88
C ILE A 91 5.26 -0.15 12.78
N PRO A 92 6.43 -0.76 12.54
CA PRO A 92 7.70 -0.03 12.42
C PRO A 92 7.76 0.80 11.14
N TYR A 93 6.72 0.70 10.33
CA TYR A 93 6.66 1.45 9.06
C TYR A 93 5.66 2.59 9.16
N GLN A 94 4.96 2.67 10.29
CA GLN A 94 3.96 3.72 10.49
C GLN A 94 4.64 5.05 10.80
N LEU A 95 4.35 6.05 9.96
CA LEU A 95 4.92 7.38 10.14
C LEU A 95 4.34 8.07 11.37
N TYR A 96 3.11 8.54 11.26
CA TYR A 96 2.44 9.21 12.36
C TYR A 96 1.26 8.38 12.88
N THR A 97 1.56 7.43 13.75
CA THR A 97 0.54 6.57 14.32
C THR A 97 0.26 6.93 15.77
N GLY A 1 -0.37 -12.88 -25.00
CA GLY A 1 -1.21 -13.33 -23.90
C GLY A 1 -1.06 -12.45 -22.67
N SER A 2 -2.05 -11.59 -22.44
CA SER A 2 -2.03 -10.70 -21.30
C SER A 2 -2.71 -11.33 -20.09
N SER A 3 -2.45 -10.78 -18.90
CA SER A 3 -3.03 -11.30 -17.67
C SER A 3 -2.61 -12.75 -17.45
N GLY A 4 -1.33 -13.03 -17.64
CA GLY A 4 -0.82 -14.38 -17.45
C GLY A 4 0.12 -14.49 -16.28
N SER A 5 -0.37 -15.03 -15.17
CA SER A 5 0.44 -15.17 -13.96
C SER A 5 1.46 -16.29 -14.14
N SER A 6 2.73 -15.91 -14.23
CA SER A 6 3.81 -16.87 -14.41
C SER A 6 4.64 -16.99 -13.14
N GLY A 7 4.28 -17.94 -12.28
CA GLY A 7 5.00 -18.14 -11.04
C GLY A 7 4.09 -18.31 -9.84
N THR A 8 4.67 -18.34 -8.65
CA THR A 8 3.89 -18.51 -7.43
C THR A 8 3.04 -17.28 -7.16
N SER A 9 1.81 -17.51 -6.69
CA SER A 9 0.89 -16.42 -6.39
C SER A 9 0.75 -16.24 -4.87
N SER A 10 1.36 -15.18 -4.35
CA SER A 10 1.30 -14.89 -2.92
C SER A 10 0.12 -13.99 -2.60
N THR A 11 -0.67 -14.38 -1.60
CA THR A 11 -1.83 -13.60 -1.20
C THR A 11 -1.65 -13.03 0.20
N ILE A 12 -0.57 -12.28 0.39
CA ILE A 12 -0.28 -11.67 1.69
C ILE A 12 -1.06 -10.38 1.87
N PHE A 13 -1.29 -9.67 0.77
CA PHE A 13 -2.01 -8.40 0.81
C PHE A 13 -3.47 -8.60 0.40
N SER A 14 -3.99 -9.80 0.65
CA SER A 14 -5.37 -10.13 0.31
C SER A 14 -6.35 -9.36 1.20
N GLY A 15 -7.06 -8.41 0.61
CA GLY A 15 -8.02 -7.62 1.36
C GLY A 15 -7.46 -6.27 1.77
N VAL A 16 -6.15 -6.16 1.78
CA VAL A 16 -5.49 -4.91 2.16
C VAL A 16 -5.48 -3.92 1.00
N ALA A 17 -6.23 -2.84 1.15
CA ALA A 17 -6.30 -1.81 0.12
C ALA A 17 -5.40 -0.63 0.45
N ILE A 18 -4.60 -0.21 -0.54
CA ILE A 18 -3.68 0.90 -0.35
C ILE A 18 -4.06 2.08 -1.24
N TYR A 19 -3.50 3.24 -0.96
CA TYR A 19 -3.77 4.44 -1.74
C TYR A 19 -2.59 5.41 -1.68
N VAL A 20 -1.87 5.52 -2.79
CA VAL A 20 -0.72 6.41 -2.87
C VAL A 20 -1.16 7.87 -2.93
N ASN A 21 -0.52 8.71 -2.13
CA ASN A 21 -0.85 10.13 -2.10
C ASN A 21 0.39 10.98 -2.41
N GLY A 22 0.34 11.67 -3.54
CA GLY A 22 1.47 12.52 -3.95
C GLY A 22 2.56 11.72 -4.63
N TYR A 23 3.79 11.91 -4.16
CA TYR A 23 4.94 11.21 -4.74
C TYR A 23 5.45 10.13 -3.78
N THR A 24 5.69 8.94 -4.32
CA THR A 24 6.18 7.83 -3.53
C THR A 24 7.19 6.99 -4.30
N ASP A 25 7.88 6.11 -3.60
CA ASP A 25 8.89 5.24 -4.23
C ASP A 25 8.72 3.81 -3.77
N PRO A 26 8.45 2.90 -4.72
CA PRO A 26 8.30 3.26 -6.13
C PRO A 26 7.05 4.07 -6.40
N SER A 27 6.86 4.49 -7.65
CA SER A 27 5.70 5.28 -8.03
C SER A 27 4.41 4.52 -7.72
N ALA A 28 3.28 5.15 -8.02
CA ALA A 28 1.98 4.54 -7.77
C ALA A 28 1.67 3.45 -8.79
N GLU A 29 2.12 3.66 -10.03
CA GLU A 29 1.91 2.69 -11.10
C GLU A 29 2.55 1.35 -10.76
N GLU A 30 3.77 1.40 -10.22
CA GLU A 30 4.49 0.19 -9.87
C GLU A 30 3.75 -0.58 -8.78
N LEU A 31 3.39 0.12 -7.70
CA LEU A 31 2.68 -0.50 -6.60
C LEU A 31 1.31 -1.02 -7.04
N ARG A 32 0.61 -0.21 -7.83
CA ARG A 32 -0.70 -0.59 -8.33
C ARG A 32 -0.71 -2.04 -8.81
N LYS A 33 0.22 -2.37 -9.68
CA LYS A 33 0.33 -3.72 -10.22
C LYS A 33 0.71 -4.72 -9.13
N LEU A 34 1.88 -4.51 -8.53
CA LEU A 34 2.37 -5.39 -7.46
C LEU A 34 1.21 -5.87 -6.60
N MET A 35 0.32 -4.96 -6.23
CA MET A 35 -0.84 -5.30 -5.40
C MET A 35 -1.62 -6.45 -6.03
N MET A 36 -2.22 -6.19 -7.19
CA MET A 36 -3.00 -7.21 -7.88
C MET A 36 -2.22 -8.50 -8.02
N LEU A 37 -0.98 -8.40 -8.51
CA LEU A 37 -0.13 -9.57 -8.70
C LEU A 37 -0.19 -10.48 -7.48
N HIS A 38 -0.37 -9.88 -6.31
CA HIS A 38 -0.45 -10.66 -5.07
C HIS A 38 -1.90 -10.75 -4.59
N GLY A 39 -2.75 -9.86 -5.10
CA GLY A 39 -4.15 -9.86 -4.71
C GLY A 39 -4.60 -8.53 -4.15
N GLY A 40 -3.63 -7.68 -3.81
CA GLY A 40 -3.95 -6.38 -3.26
C GLY A 40 -4.84 -5.57 -4.18
N GLN A 41 -5.41 -4.49 -3.65
CA GLN A 41 -6.29 -3.63 -4.43
C GLN A 41 -5.77 -2.19 -4.44
N TYR A 42 -6.02 -1.49 -5.54
CA TYR A 42 -5.58 -0.11 -5.69
C TYR A 42 -6.76 0.80 -6.01
N HIS A 43 -6.90 1.88 -5.24
CA HIS A 43 -7.98 2.83 -5.47
C HIS A 43 -7.43 4.17 -5.94
N VAL A 44 -8.12 4.78 -6.90
CA VAL A 44 -7.70 6.08 -7.43
C VAL A 44 -7.99 7.20 -6.46
N TYR A 45 -9.01 7.01 -5.63
CA TYR A 45 -9.40 8.01 -4.64
C TYR A 45 -9.46 7.41 -3.24
N TYR A 46 -8.72 8.00 -2.31
CA TYR A 46 -8.69 7.52 -0.94
C TYR A 46 -10.10 7.41 -0.37
N SER A 47 -10.44 6.24 0.15
CA SER A 47 -11.75 6.00 0.72
C SER A 47 -11.64 5.43 2.13
N ARG A 48 -12.46 5.94 3.04
CA ARG A 48 -12.45 5.49 4.43
C ARG A 48 -13.24 4.20 4.58
N SER A 49 -13.97 3.83 3.53
CA SER A 49 -14.78 2.62 3.56
C SER A 49 -14.11 1.50 2.76
N LYS A 50 -13.50 1.85 1.64
CA LYS A 50 -12.81 0.88 0.80
C LYS A 50 -11.33 0.79 1.17
N THR A 51 -10.62 1.90 1.05
CA THR A 51 -9.21 1.95 1.38
C THR A 51 -8.98 1.75 2.87
N THR A 52 -7.96 0.96 3.21
CA THR A 52 -7.64 0.68 4.61
C THR A 52 -6.51 1.59 5.09
N HIS A 53 -5.36 1.49 4.44
CA HIS A 53 -4.21 2.29 4.81
C HIS A 53 -3.89 3.31 3.71
N ILE A 54 -3.13 4.35 4.08
CA ILE A 54 -2.76 5.39 3.14
C ILE A 54 -1.24 5.41 2.91
N ILE A 55 -0.83 5.12 1.69
CA ILE A 55 0.59 5.11 1.34
C ILE A 55 1.10 6.52 1.08
N ALA A 56 2.22 6.86 1.72
CA ALA A 56 2.82 8.18 1.56
C ALA A 56 4.22 8.22 2.15
N THR A 57 5.12 8.95 1.48
CA THR A 57 6.50 9.07 1.94
C THR A 57 6.66 10.24 2.90
N ASN A 58 6.14 11.39 2.51
CA ASN A 58 6.23 12.59 3.34
C ASN A 58 5.03 13.50 3.09
N LEU A 59 4.55 14.12 4.17
CA LEU A 59 3.40 15.03 4.08
C LEU A 59 3.59 16.24 4.98
N PRO A 60 3.14 17.41 4.50
CA PRO A 60 3.24 18.67 5.26
C PRO A 60 2.34 18.69 6.48
N ASN A 61 2.65 19.57 7.42
CA ASN A 61 1.86 19.69 8.64
C ASN A 61 0.37 19.78 8.31
N ALA A 62 0.05 20.45 7.21
CA ALA A 62 -1.34 20.61 6.78
C ALA A 62 -2.00 19.26 6.55
N LYS A 63 -1.46 18.50 5.60
CA LYS A 63 -2.01 17.18 5.28
C LYS A 63 -2.08 16.31 6.53
N ILE A 64 -0.95 16.19 7.23
CA ILE A 64 -0.91 15.38 8.44
C ILE A 64 -2.05 15.73 9.39
N LYS A 65 -2.23 17.02 9.64
CA LYS A 65 -3.30 17.48 10.52
C LYS A 65 -4.66 17.10 9.97
N GLU A 66 -4.74 16.91 8.65
CA GLU A 66 -6.00 16.54 8.00
C GLU A 66 -6.23 15.04 8.11
N LEU A 67 -5.14 14.28 8.13
CA LEU A 67 -5.23 12.82 8.22
C LEU A 67 -5.05 12.35 9.67
N LYS A 68 -5.40 13.22 10.61
CA LYS A 68 -5.27 12.89 12.03
C LYS A 68 -6.01 11.60 12.35
N GLY A 69 -5.29 10.66 12.96
CA GLY A 69 -5.89 9.38 13.32
C GLY A 69 -5.62 8.31 12.28
N GLU A 70 -5.79 8.66 11.01
CA GLU A 70 -5.58 7.71 9.92
C GLU A 70 -4.25 6.98 10.09
N LYS A 71 -4.05 5.92 9.32
CA LYS A 71 -2.83 5.13 9.40
C LYS A 71 -1.99 5.32 8.14
N VAL A 72 -0.95 6.14 8.24
CA VAL A 72 -0.06 6.40 7.11
C VAL A 72 1.16 5.49 7.14
N ILE A 73 1.30 4.67 6.11
CA ILE A 73 2.42 3.75 6.01
C ILE A 73 3.29 4.06 4.80
N ARG A 74 4.60 3.86 4.94
CA ARG A 74 5.53 4.12 3.85
C ARG A 74 5.42 3.05 2.78
N PRO A 75 5.81 3.40 1.54
CA PRO A 75 5.75 2.50 0.40
C PRO A 75 6.78 1.38 0.50
N GLU A 76 7.59 1.42 1.55
CA GLU A 76 8.62 0.40 1.76
C GLU A 76 8.04 -0.80 2.51
N TRP A 77 7.08 -0.54 3.39
CA TRP A 77 6.45 -1.61 4.15
C TRP A 77 6.00 -2.75 3.25
N ILE A 78 5.65 -2.41 2.01
CA ILE A 78 5.20 -3.41 1.05
C ILE A 78 6.37 -3.93 0.21
N VAL A 79 7.11 -3.02 -0.39
CA VAL A 79 8.26 -3.38 -1.21
C VAL A 79 9.06 -4.50 -0.56
N GLU A 80 9.42 -4.32 0.70
CA GLU A 80 10.18 -5.32 1.43
C GLU A 80 9.39 -6.63 1.57
N SER A 81 8.11 -6.49 1.85
CA SER A 81 7.23 -7.66 2.02
C SER A 81 7.31 -8.56 0.79
N ILE A 82 7.26 -7.95 -0.39
CA ILE A 82 7.32 -8.71 -1.63
C ILE A 82 8.66 -9.40 -1.79
N LYS A 83 9.74 -8.62 -1.79
CA LYS A 83 11.08 -9.16 -1.92
C LYS A 83 11.29 -10.34 -0.98
N ALA A 84 10.76 -10.22 0.24
CA ALA A 84 10.89 -11.29 1.23
C ALA A 84 9.87 -12.39 0.98
N GLY A 85 8.75 -12.03 0.36
CA GLY A 85 7.72 -13.02 0.08
C GLY A 85 6.79 -13.24 1.26
N ARG A 86 6.56 -12.18 2.03
CA ARG A 86 5.68 -12.27 3.20
C ARG A 86 5.37 -10.88 3.75
N LEU A 87 4.19 -10.74 4.35
CA LEU A 87 3.77 -9.47 4.91
C LEU A 87 4.62 -9.10 6.12
N LEU A 88 5.17 -7.89 6.10
CA LEU A 88 6.01 -7.41 7.20
C LEU A 88 5.21 -6.54 8.15
N SER A 89 5.83 -6.17 9.27
CA SER A 89 5.17 -5.33 10.27
C SER A 89 5.20 -3.87 9.85
N TYR A 90 4.08 -3.18 10.07
CA TYR A 90 3.97 -1.77 9.71
C TYR A 90 4.30 -0.87 10.91
N ILE A 91 4.30 -1.46 12.09
CA ILE A 91 4.60 -0.73 13.32
C ILE A 91 5.81 0.19 13.12
N PRO A 92 6.95 -0.42 12.76
CA PRO A 92 8.20 0.32 12.53
C PRO A 92 8.13 1.19 11.28
N TYR A 93 7.21 0.87 10.38
CA TYR A 93 7.05 1.62 9.14
C TYR A 93 5.86 2.56 9.23
N GLN A 94 5.45 2.88 10.46
CA GLN A 94 4.32 3.77 10.68
C GLN A 94 4.77 5.24 10.63
N LEU A 95 3.96 6.07 9.97
CA LEU A 95 4.27 7.49 9.85
C LEU A 95 3.52 8.30 10.90
N TYR A 96 3.63 9.62 10.81
CA TYR A 96 2.96 10.51 11.75
C TYR A 96 1.65 9.90 12.24
N THR A 97 1.70 9.26 13.41
CA THR A 97 0.52 8.64 13.99
C THR A 97 0.28 9.13 15.41
N GLY A 1 -1.45 -21.38 -11.76
CA GLY A 1 -0.90 -22.56 -11.13
C GLY A 1 0.39 -22.28 -10.39
N SER A 2 1.44 -23.04 -10.72
CA SER A 2 2.73 -22.87 -10.07
C SER A 2 3.36 -21.54 -10.47
N SER A 3 3.36 -21.26 -11.77
CA SER A 3 3.93 -20.02 -12.28
C SER A 3 2.84 -19.00 -12.61
N GLY A 4 2.94 -17.83 -11.98
CA GLY A 4 1.94 -16.79 -12.22
C GLY A 4 2.40 -15.78 -13.26
N SER A 5 1.53 -14.83 -13.56
CA SER A 5 1.85 -13.80 -14.55
C SER A 5 3.33 -13.39 -14.46
N SER A 6 3.73 -12.92 -13.28
CA SER A 6 5.10 -12.49 -13.07
C SER A 6 5.57 -12.86 -11.65
N GLY A 7 6.88 -12.95 -11.48
CA GLY A 7 7.44 -13.29 -10.18
C GLY A 7 6.66 -14.41 -9.50
N THR A 8 6.32 -14.19 -8.23
CA THR A 8 5.57 -15.19 -7.47
C THR A 8 4.14 -14.72 -7.20
N SER A 9 3.28 -15.65 -6.83
CA SER A 9 1.89 -15.34 -6.54
C SER A 9 1.54 -15.68 -5.10
N SER A 10 1.48 -14.65 -4.25
CA SER A 10 1.16 -14.85 -2.84
C SER A 10 0.00 -13.95 -2.42
N THR A 11 -0.84 -14.46 -1.51
CA THR A 11 -1.98 -13.71 -1.03
C THR A 11 -1.68 -13.03 0.31
N ILE A 12 -0.49 -12.46 0.42
CA ILE A 12 -0.09 -11.79 1.65
C ILE A 12 -0.81 -10.46 1.82
N PHE A 13 -1.19 -9.86 0.69
CA PHE A 13 -1.89 -8.59 0.71
C PHE A 13 -3.36 -8.77 0.36
N SER A 14 -3.94 -9.89 0.78
CA SER A 14 -5.34 -10.19 0.50
C SER A 14 -6.26 -9.24 1.27
N GLY A 15 -7.17 -8.59 0.55
CA GLY A 15 -8.09 -7.67 1.17
C GLY A 15 -7.40 -6.46 1.75
N VAL A 16 -6.40 -5.95 1.05
CA VAL A 16 -5.65 -4.79 1.51
C VAL A 16 -5.56 -3.73 0.41
N ALA A 17 -6.37 -2.69 0.53
CA ALA A 17 -6.37 -1.60 -0.46
C ALA A 17 -5.47 -0.45 -0.01
N ILE A 18 -4.65 0.04 -0.93
CA ILE A 18 -3.75 1.14 -0.63
C ILE A 18 -4.00 2.33 -1.55
N TYR A 19 -3.71 3.53 -1.05
CA TYR A 19 -3.91 4.74 -1.83
C TYR A 19 -2.66 5.61 -1.82
N VAL A 20 -1.96 5.65 -2.95
CA VAL A 20 -0.74 6.45 -3.05
C VAL A 20 -1.07 7.94 -3.15
N ASN A 21 -0.51 8.71 -2.24
CA ASN A 21 -0.73 10.16 -2.22
C ASN A 21 0.58 10.91 -2.41
N GLY A 22 0.67 11.66 -3.51
CA GLY A 22 1.87 12.43 -3.79
C GLY A 22 2.95 11.59 -4.45
N TYR A 23 4.20 11.94 -4.19
CA TYR A 23 5.34 11.21 -4.75
C TYR A 23 5.82 10.13 -3.81
N THR A 24 5.93 8.90 -4.32
CA THR A 24 6.40 7.78 -3.52
C THR A 24 7.31 6.87 -4.33
N ASP A 25 8.04 6.00 -3.63
CA ASP A 25 8.95 5.07 -4.29
C ASP A 25 8.76 3.65 -3.75
N PRO A 26 8.43 2.71 -4.65
CA PRO A 26 8.26 3.01 -6.08
C PRO A 26 7.01 3.85 -6.35
N SER A 27 6.87 4.30 -7.59
CA SER A 27 5.72 5.11 -7.97
C SER A 27 4.42 4.38 -7.71
N ALA A 28 3.30 5.03 -8.03
CA ALA A 28 1.98 4.43 -7.83
C ALA A 28 1.71 3.33 -8.86
N GLU A 29 2.09 3.60 -10.10
CA GLU A 29 1.88 2.63 -11.18
C GLU A 29 2.53 1.29 -10.84
N GLU A 30 3.72 1.36 -10.24
CA GLU A 30 4.45 0.15 -9.86
C GLU A 30 3.70 -0.62 -8.78
N LEU A 31 3.32 0.08 -7.71
CA LEU A 31 2.61 -0.53 -6.60
C LEU A 31 1.26 -1.06 -7.05
N ARG A 32 0.60 -0.33 -7.96
CA ARG A 32 -0.70 -0.73 -8.46
C ARG A 32 -0.69 -2.19 -8.89
N LYS A 33 0.13 -2.51 -9.88
CA LYS A 33 0.24 -3.88 -10.38
C LYS A 33 0.54 -4.85 -9.24
N LEU A 34 1.69 -4.67 -8.60
CA LEU A 34 2.10 -5.52 -7.49
C LEU A 34 0.90 -5.96 -6.67
N MET A 35 0.20 -4.97 -6.09
CA MET A 35 -0.97 -5.25 -5.27
C MET A 35 -1.81 -6.36 -5.89
N MET A 36 -2.45 -6.05 -7.02
CA MET A 36 -3.29 -7.02 -7.71
C MET A 36 -2.55 -8.34 -7.91
N LEU A 37 -1.39 -8.27 -8.55
CA LEU A 37 -0.58 -9.46 -8.80
C LEU A 37 -0.59 -10.39 -7.59
N HIS A 38 -0.50 -9.80 -6.40
CA HIS A 38 -0.50 -10.57 -5.17
C HIS A 38 -1.92 -10.76 -4.63
N GLY A 39 -2.83 -9.91 -5.08
CA GLY A 39 -4.21 -10.00 -4.65
C GLY A 39 -4.74 -8.68 -4.12
N GLY A 40 -3.83 -7.82 -3.66
CA GLY A 40 -4.23 -6.53 -3.12
C GLY A 40 -5.08 -5.74 -4.10
N GLN A 41 -5.49 -4.54 -3.69
CA GLN A 41 -6.31 -3.68 -4.54
C GLN A 41 -5.78 -2.25 -4.53
N TYR A 42 -6.01 -1.54 -5.63
CA TYR A 42 -5.55 -0.16 -5.75
C TYR A 42 -6.74 0.80 -5.88
N HIS A 43 -6.71 1.88 -5.11
CA HIS A 43 -7.76 2.87 -5.14
C HIS A 43 -7.24 4.23 -5.59
N VAL A 44 -7.84 4.76 -6.65
CA VAL A 44 -7.43 6.06 -7.18
C VAL A 44 -7.65 7.17 -6.16
N TYR A 45 -8.76 7.09 -5.44
CA TYR A 45 -9.10 8.09 -4.44
C TYR A 45 -9.17 7.46 -3.05
N TYR A 46 -8.77 8.22 -2.04
CA TYR A 46 -8.78 7.74 -0.67
C TYR A 46 -10.20 7.42 -0.21
N SER A 47 -10.38 6.23 0.34
CA SER A 47 -11.70 5.80 0.81
C SER A 47 -11.60 5.15 2.19
N ARG A 48 -12.15 5.82 3.19
CA ARG A 48 -12.11 5.31 4.56
C ARG A 48 -12.78 3.93 4.64
N SER A 49 -13.85 3.75 3.88
CA SER A 49 -14.57 2.49 3.87
C SER A 49 -13.83 1.45 3.04
N LYS A 50 -13.50 1.82 1.80
CA LYS A 50 -12.78 0.91 0.91
C LYS A 50 -11.31 0.84 1.27
N THR A 51 -10.58 1.91 0.98
CA THR A 51 -9.16 1.97 1.28
C THR A 51 -8.88 1.75 2.77
N THR A 52 -7.91 0.91 3.06
CA THR A 52 -7.55 0.61 4.45
C THR A 52 -6.41 1.51 4.94
N HIS A 53 -5.28 1.44 4.26
CA HIS A 53 -4.12 2.24 4.62
C HIS A 53 -3.83 3.29 3.56
N ILE A 54 -2.91 4.20 3.86
CA ILE A 54 -2.54 5.26 2.92
C ILE A 54 -1.04 5.30 2.70
N ILE A 55 -0.60 4.87 1.51
CA ILE A 55 0.81 4.87 1.18
C ILE A 55 1.28 6.26 0.80
N ALA A 56 2.06 6.88 1.68
CA ALA A 56 2.57 8.22 1.43
C ALA A 56 3.91 8.43 2.13
N THR A 57 4.89 8.94 1.39
CA THR A 57 6.22 9.17 1.95
C THR A 57 6.16 10.20 3.08
N ASN A 58 5.68 11.40 2.78
CA ASN A 58 5.57 12.46 3.76
C ASN A 58 4.38 13.37 3.46
N LEU A 59 3.60 13.68 4.49
CA LEU A 59 2.43 14.54 4.34
C LEU A 59 2.69 15.91 4.94
N PRO A 60 2.22 16.97 4.26
CA PRO A 60 2.38 18.36 4.71
C PRO A 60 1.54 18.66 5.95
N ASN A 61 2.07 19.48 6.83
CA ASN A 61 1.38 19.85 8.06
C ASN A 61 -0.13 19.94 7.82
N ALA A 62 -0.51 20.58 6.72
CA ALA A 62 -1.92 20.73 6.38
C ALA A 62 -2.61 19.37 6.27
N LYS A 63 -2.16 18.55 5.33
CA LYS A 63 -2.73 17.23 5.12
C LYS A 63 -2.59 16.38 6.39
N ILE A 64 -1.36 16.27 6.89
CA ILE A 64 -1.09 15.49 8.09
C ILE A 64 -2.27 15.54 9.06
N LYS A 65 -2.63 16.76 9.46
CA LYS A 65 -3.74 16.95 10.38
C LYS A 65 -5.02 16.31 9.84
N GLU A 66 -5.47 16.79 8.69
CA GLU A 66 -6.68 16.26 8.07
C GLU A 66 -6.67 14.73 8.08
N LEU A 67 -5.48 14.15 8.11
CA LEU A 67 -5.34 12.70 8.11
C LEU A 67 -5.00 12.20 9.52
N LYS A 68 -5.51 12.90 10.53
CA LYS A 68 -5.27 12.51 11.92
C LYS A 68 -5.82 11.13 12.21
N GLY A 69 -5.12 10.39 13.06
CA GLY A 69 -5.54 9.04 13.42
C GLY A 69 -5.25 8.03 12.31
N GLU A 70 -5.55 8.41 11.07
CA GLU A 70 -5.32 7.53 9.93
C GLU A 70 -4.01 6.77 10.09
N LYS A 71 -3.89 5.64 9.39
CA LYS A 71 -2.70 4.82 9.45
C LYS A 71 -1.89 4.93 8.16
N VAL A 72 -1.00 5.91 8.11
CA VAL A 72 -0.17 6.12 6.93
C VAL A 72 1.11 5.28 7.00
N ILE A 73 1.25 4.35 6.06
CA ILE A 73 2.41 3.49 6.02
C ILE A 73 3.31 3.82 4.83
N ARG A 74 4.62 3.77 5.04
CA ARG A 74 5.58 4.07 3.99
C ARG A 74 5.49 3.05 2.86
N PRO A 75 5.85 3.47 1.65
CA PRO A 75 5.81 2.61 0.46
C PRO A 75 6.88 1.52 0.51
N GLU A 76 7.63 1.49 1.61
CA GLU A 76 8.69 0.50 1.77
C GLU A 76 8.15 -0.77 2.42
N TRP A 77 7.18 -0.60 3.32
CA TRP A 77 6.58 -1.73 4.02
C TRP A 77 6.10 -2.79 3.03
N ILE A 78 5.57 -2.35 1.90
CA ILE A 78 5.08 -3.26 0.87
C ILE A 78 6.23 -3.85 0.07
N VAL A 79 7.04 -2.98 -0.54
CA VAL A 79 8.17 -3.42 -1.34
C VAL A 79 8.93 -4.55 -0.63
N GLU A 80 9.40 -4.27 0.58
CA GLU A 80 10.14 -5.25 1.36
C GLU A 80 9.35 -6.54 1.50
N SER A 81 8.06 -6.41 1.81
CA SER A 81 7.18 -7.57 1.98
C SER A 81 7.19 -8.44 0.72
N ILE A 82 7.15 -7.79 -0.44
CA ILE A 82 7.15 -8.50 -1.71
C ILE A 82 8.49 -9.17 -1.97
N LYS A 83 9.56 -8.39 -1.87
CA LYS A 83 10.91 -8.91 -2.09
C LYS A 83 11.22 -10.06 -1.13
N ALA A 84 10.78 -9.92 0.11
CA ALA A 84 11.00 -10.94 1.13
C ALA A 84 10.09 -12.14 0.90
N GLY A 85 8.91 -11.88 0.33
CA GLY A 85 7.97 -12.95 0.08
C GLY A 85 7.04 -13.21 1.25
N ARG A 86 6.74 -12.16 2.01
CA ARG A 86 5.87 -12.27 3.17
C ARG A 86 5.51 -10.89 3.71
N LEU A 87 4.55 -10.86 4.63
CA LEU A 87 4.09 -9.61 5.22
C LEU A 87 4.98 -9.21 6.39
N LEU A 88 5.42 -7.96 6.41
CA LEU A 88 6.28 -7.46 7.48
C LEU A 88 5.49 -6.57 8.44
N SER A 89 6.16 -6.08 9.47
CA SER A 89 5.53 -5.21 10.46
C SER A 89 5.20 -3.85 9.85
N TYR A 90 4.18 -3.20 10.40
CA TYR A 90 3.75 -1.89 9.93
C TYR A 90 3.87 -0.84 11.02
N ILE A 91 3.86 -1.29 12.27
CA ILE A 91 3.96 -0.39 13.42
C ILE A 91 5.14 0.57 13.24
N PRO A 92 6.34 0.02 13.10
CA PRO A 92 7.56 0.81 12.92
C PRO A 92 7.61 1.51 11.56
N TYR A 93 6.67 1.16 10.70
CA TYR A 93 6.61 1.75 9.36
C TYR A 93 5.66 2.94 9.34
N GLN A 94 4.88 3.09 10.41
CA GLN A 94 3.93 4.20 10.52
C GLN A 94 4.66 5.52 10.74
N LEU A 95 4.46 6.46 9.83
CA LEU A 95 5.09 7.77 9.93
C LEU A 95 4.62 8.51 11.17
N TYR A 96 3.37 8.98 11.13
CA TYR A 96 2.80 9.71 12.25
C TYR A 96 1.81 8.84 13.03
N THR A 97 2.26 8.31 14.16
CA THR A 97 1.41 7.46 14.98
C THR A 97 1.63 7.73 16.47
N GLY A 1 -5.44 -3.49 -21.76
CA GLY A 1 -5.66 -4.82 -21.23
C GLY A 1 -6.89 -4.88 -20.34
N SER A 2 -7.53 -6.05 -20.30
CA SER A 2 -8.72 -6.24 -19.49
C SER A 2 -8.37 -6.83 -18.13
N SER A 3 -9.30 -6.71 -17.18
CA SER A 3 -9.08 -7.23 -15.83
C SER A 3 -10.33 -7.95 -15.33
N GLY A 4 -10.14 -8.81 -14.34
CA GLY A 4 -11.25 -9.57 -13.78
C GLY A 4 -10.98 -11.06 -13.72
N SER A 5 -9.85 -11.42 -13.13
CA SER A 5 -9.46 -12.82 -13.01
C SER A 5 -8.22 -12.97 -12.14
N SER A 6 -8.32 -13.83 -11.12
CA SER A 6 -7.20 -14.06 -10.21
C SER A 6 -6.62 -15.45 -10.43
N GLY A 7 -5.35 -15.63 -10.05
CA GLY A 7 -4.69 -16.91 -10.20
C GLY A 7 -3.99 -17.34 -8.94
N THR A 8 -3.46 -18.58 -8.96
CA THR A 8 -2.76 -19.11 -7.81
C THR A 8 -1.52 -18.29 -7.47
N SER A 9 -1.72 -17.22 -6.71
CA SER A 9 -0.62 -16.34 -6.32
C SER A 9 -0.65 -16.06 -4.82
N SER A 10 0.51 -15.74 -4.26
CA SER A 10 0.63 -15.45 -2.84
C SER A 10 -0.52 -14.55 -2.37
N THR A 11 -1.06 -14.85 -1.20
CA THR A 11 -2.15 -14.06 -0.64
C THR A 11 -1.73 -13.36 0.65
N ILE A 12 -0.62 -12.64 0.57
CA ILE A 12 -0.11 -11.92 1.74
C ILE A 12 -0.76 -10.54 1.86
N PHE A 13 -1.43 -10.12 0.80
CA PHE A 13 -2.10 -8.82 0.78
C PHE A 13 -3.60 -8.98 0.58
N SER A 14 -4.07 -10.22 0.66
CA SER A 14 -5.48 -10.52 0.47
C SER A 14 -6.34 -9.65 1.40
N GLY A 15 -7.15 -8.77 0.79
CA GLY A 15 -8.01 -7.90 1.57
C GLY A 15 -7.27 -6.69 2.10
N VAL A 16 -6.31 -6.20 1.33
CA VAL A 16 -5.54 -5.03 1.73
C VAL A 16 -5.52 -3.97 0.63
N ALA A 17 -6.29 -2.90 0.83
CA ALA A 17 -6.38 -1.82 -0.13
C ALA A 17 -5.41 -0.70 0.22
N ILE A 18 -4.55 -0.34 -0.74
CA ILE A 18 -3.58 0.72 -0.52
C ILE A 18 -3.90 1.95 -1.38
N TYR A 19 -3.60 3.12 -0.86
CA TYR A 19 -3.85 4.37 -1.59
C TYR A 19 -2.65 5.29 -1.52
N VAL A 20 -1.90 5.37 -2.62
CA VAL A 20 -0.72 6.23 -2.69
C VAL A 20 -1.12 7.70 -2.79
N ASN A 21 -0.54 8.52 -1.91
CA ASN A 21 -0.83 9.95 -1.91
C ASN A 21 0.46 10.77 -2.02
N GLY A 22 0.64 11.41 -3.16
CA GLY A 22 1.83 12.21 -3.38
C GLY A 22 2.98 11.41 -3.97
N TYR A 23 4.18 11.96 -3.91
CA TYR A 23 5.36 11.30 -4.44
C TYR A 23 5.80 10.16 -3.53
N THR A 24 6.06 9.00 -4.12
CA THR A 24 6.49 7.83 -3.37
C THR A 24 7.36 6.92 -4.21
N ASP A 25 8.17 6.09 -3.56
CA ASP A 25 9.05 5.16 -4.26
C ASP A 25 8.89 3.75 -3.72
N PRO A 26 8.53 2.81 -4.60
CA PRO A 26 8.30 3.10 -6.02
C PRO A 26 7.04 3.94 -6.24
N SER A 27 6.79 4.32 -7.49
CA SER A 27 5.62 5.12 -7.83
C SER A 27 4.34 4.32 -7.63
N ALA A 28 3.21 5.01 -7.73
CA ALA A 28 1.91 4.36 -7.55
C ALA A 28 1.67 3.34 -8.65
N GLU A 29 2.02 3.69 -9.88
CA GLU A 29 1.83 2.79 -11.01
C GLU A 29 2.45 1.42 -10.73
N GLU A 30 3.69 1.43 -10.24
CA GLU A 30 4.40 0.20 -9.94
C GLU A 30 3.64 -0.63 -8.91
N LEU A 31 3.35 -0.03 -7.76
CA LEU A 31 2.62 -0.70 -6.70
C LEU A 31 1.30 -1.26 -7.21
N ARG A 32 0.65 -0.51 -8.09
CA ARG A 32 -0.63 -0.92 -8.67
C ARG A 32 -0.55 -2.37 -9.15
N LYS A 33 0.40 -2.64 -10.04
CA LYS A 33 0.58 -3.98 -10.60
C LYS A 33 1.02 -4.96 -9.51
N LEU A 34 1.83 -4.48 -8.58
CA LEU A 34 2.32 -5.31 -7.48
C LEU A 34 1.16 -5.85 -6.65
N MET A 35 0.14 -5.02 -6.45
CA MET A 35 -1.02 -5.42 -5.68
C MET A 35 -1.86 -6.43 -6.43
N MET A 36 -2.38 -6.02 -7.59
CA MET A 36 -3.19 -6.89 -8.42
C MET A 36 -2.54 -8.26 -8.59
N LEU A 37 -1.21 -8.28 -8.65
CA LEU A 37 -0.47 -9.52 -8.81
C LEU A 37 -0.38 -10.27 -7.48
N HIS A 38 -0.21 -9.52 -6.39
CA HIS A 38 -0.11 -10.11 -5.07
C HIS A 38 -1.47 -10.14 -4.38
N GLY A 39 -2.53 -10.27 -5.18
CA GLY A 39 -3.87 -10.30 -4.63
C GLY A 39 -4.18 -9.12 -3.74
N GLY A 40 -3.97 -7.91 -4.28
CA GLY A 40 -4.22 -6.70 -3.51
C GLY A 40 -5.32 -5.86 -4.11
N GLN A 41 -5.48 -4.64 -3.59
CA GLN A 41 -6.50 -3.73 -4.09
C GLN A 41 -5.95 -2.32 -4.24
N TYR A 42 -6.41 -1.62 -5.28
CA TYR A 42 -5.96 -0.26 -5.54
C TYR A 42 -7.15 0.68 -5.74
N HIS A 43 -6.99 1.91 -5.29
CA HIS A 43 -8.06 2.91 -5.41
C HIS A 43 -7.50 4.23 -5.95
N VAL A 44 -8.12 4.75 -7.01
CA VAL A 44 -7.68 6.00 -7.61
C VAL A 44 -7.99 7.18 -6.72
N TYR A 45 -9.08 7.09 -5.97
CA TYR A 45 -9.50 8.15 -5.06
C TYR A 45 -9.48 7.67 -3.62
N TYR A 46 -8.90 8.48 -2.73
CA TYR A 46 -8.81 8.14 -1.32
C TYR A 46 -10.16 7.69 -0.78
N SER A 47 -10.16 6.67 0.06
CA SER A 47 -11.39 6.14 0.64
C SER A 47 -11.20 5.83 2.12
N ARG A 48 -12.21 6.15 2.92
CA ARG A 48 -12.15 5.91 4.36
C ARG A 48 -12.69 4.53 4.69
N SER A 49 -13.51 3.98 3.80
CA SER A 49 -14.10 2.67 4.00
C SER A 49 -13.37 1.62 3.17
N LYS A 50 -13.14 1.93 1.90
CA LYS A 50 -12.45 1.01 1.00
C LYS A 50 -10.99 0.84 1.41
N THR A 51 -10.20 1.89 1.23
CA THR A 51 -8.79 1.86 1.58
C THR A 51 -8.59 1.61 3.07
N THR A 52 -7.73 0.66 3.40
CA THR A 52 -7.46 0.32 4.81
C THR A 52 -6.21 1.03 5.30
N HIS A 53 -5.33 1.42 4.37
CA HIS A 53 -4.09 2.10 4.73
C HIS A 53 -3.80 3.22 3.73
N ILE A 54 -2.94 4.16 4.14
CA ILE A 54 -2.57 5.27 3.28
C ILE A 54 -1.08 5.28 3.01
N ILE A 55 -0.70 4.97 1.77
CA ILE A 55 0.69 4.94 1.37
C ILE A 55 1.19 6.34 1.02
N ALA A 56 2.09 6.87 1.85
CA ALA A 56 2.64 8.20 1.63
C ALA A 56 3.98 8.36 2.34
N THR A 57 4.99 8.82 1.61
CA THR A 57 6.32 9.01 2.19
C THR A 57 6.33 10.18 3.17
N ASN A 58 5.99 11.36 2.67
CA ASN A 58 5.95 12.57 3.50
C ASN A 58 4.90 13.55 3.00
N LEU A 59 4.22 14.21 3.93
CA LEU A 59 3.19 15.18 3.57
C LEU A 59 3.41 16.50 4.33
N PRO A 60 3.03 17.61 3.69
CA PRO A 60 3.16 18.94 4.28
C PRO A 60 2.20 19.17 5.44
N ASN A 61 2.49 20.19 6.24
CA ASN A 61 1.65 20.50 7.40
C ASN A 61 0.17 20.38 7.04
N ALA A 62 -0.28 21.23 6.13
CA ALA A 62 -1.68 21.23 5.71
C ALA A 62 -2.18 19.80 5.52
N LYS A 63 -1.49 19.03 4.69
CA LYS A 63 -1.87 17.65 4.42
C LYS A 63 -1.98 16.86 5.72
N ILE A 64 -0.98 16.99 6.57
CA ILE A 64 -0.97 16.29 7.85
C ILE A 64 -2.26 16.55 8.63
N LYS A 65 -2.56 17.82 8.85
CA LYS A 65 -3.77 18.20 9.58
C LYS A 65 -5.01 17.59 8.94
N GLU A 66 -4.88 17.21 7.67
CA GLU A 66 -5.99 16.61 6.94
C GLU A 66 -6.18 15.15 7.32
N LEU A 67 -5.06 14.48 7.62
CA LEU A 67 -5.10 13.06 7.99
C LEU A 67 -4.79 12.89 9.47
N LYS A 68 -5.57 13.54 10.33
CA LYS A 68 -5.39 13.45 11.76
C LYS A 68 -6.12 12.24 12.34
N GLY A 69 -5.44 11.11 12.37
CA GLY A 69 -6.04 9.89 12.88
C GLY A 69 -5.79 8.69 12.00
N GLU A 70 -5.91 8.88 10.69
CA GLU A 70 -5.70 7.80 9.73
C GLU A 70 -4.37 7.11 9.99
N LYS A 71 -4.15 6.01 9.27
CA LYS A 71 -2.90 5.25 9.41
C LYS A 71 -2.01 5.43 8.19
N VAL A 72 -1.06 6.37 8.30
CA VAL A 72 -0.13 6.63 7.20
C VAL A 72 1.07 5.69 7.25
N ILE A 73 1.23 4.90 6.20
CA ILE A 73 2.33 3.95 6.12
C ILE A 73 3.25 4.28 4.93
N ARG A 74 4.55 4.03 5.11
CA ARG A 74 5.51 4.30 4.06
C ARG A 74 5.42 3.25 2.95
N PRO A 75 5.79 3.64 1.73
CA PRO A 75 5.76 2.75 0.56
C PRO A 75 6.81 1.65 0.65
N GLU A 76 7.55 1.62 1.75
CA GLU A 76 8.59 0.61 1.95
C GLU A 76 8.03 -0.63 2.63
N TRP A 77 6.92 -0.45 3.33
CA TRP A 77 6.27 -1.56 4.04
C TRP A 77 5.91 -2.67 3.08
N ILE A 78 5.43 -2.30 1.89
CA ILE A 78 5.04 -3.28 0.87
C ILE A 78 6.27 -3.77 0.11
N VAL A 79 6.93 -2.87 -0.60
CA VAL A 79 8.11 -3.23 -1.38
C VAL A 79 8.92 -4.32 -0.67
N GLU A 80 9.24 -4.10 0.58
CA GLU A 80 10.01 -5.07 1.35
C GLU A 80 9.27 -6.38 1.48
N SER A 81 7.98 -6.30 1.80
CA SER A 81 7.15 -7.50 1.94
C SER A 81 7.18 -8.33 0.67
N ILE A 82 7.21 -7.66 -0.47
CA ILE A 82 7.23 -8.32 -1.77
C ILE A 82 8.54 -9.09 -1.96
N LYS A 83 9.66 -8.37 -1.89
CA LYS A 83 10.98 -8.97 -2.06
C LYS A 83 11.17 -10.12 -1.08
N ALA A 84 10.80 -9.90 0.18
CA ALA A 84 10.94 -10.91 1.21
C ALA A 84 10.04 -12.12 0.92
N GLY A 85 8.85 -11.85 0.38
CA GLY A 85 7.92 -12.91 0.06
C GLY A 85 6.97 -13.21 1.21
N ARG A 86 6.65 -12.20 2.00
CA ARG A 86 5.75 -12.36 3.13
C ARG A 86 5.38 -11.01 3.73
N LEU A 87 4.16 -10.91 4.24
CA LEU A 87 3.68 -9.66 4.84
C LEU A 87 4.49 -9.32 6.08
N LEU A 88 4.99 -8.09 6.13
CA LEU A 88 5.78 -7.62 7.27
C LEU A 88 4.97 -6.67 8.15
N SER A 89 5.58 -6.23 9.24
CA SER A 89 4.91 -5.31 10.17
C SER A 89 5.02 -3.87 9.67
N TYR A 90 4.07 -3.04 10.09
CA TYR A 90 4.05 -1.64 9.69
C TYR A 90 4.45 -0.73 10.86
N ILE A 91 4.34 -1.27 12.07
CA ILE A 91 4.69 -0.50 13.26
C ILE A 91 5.86 0.44 13.00
N PRO A 92 7.00 -0.14 12.56
CA PRO A 92 8.20 0.64 12.26
C PRO A 92 8.04 1.50 11.01
N TYR A 93 7.19 1.05 10.10
CA TYR A 93 6.95 1.78 8.85
C TYR A 93 5.79 2.77 9.02
N GLN A 94 5.32 2.91 10.25
CA GLN A 94 4.22 3.82 10.54
C GLN A 94 4.70 5.27 10.52
N LEU A 95 3.83 6.16 10.03
CA LEU A 95 4.16 7.58 9.95
C LEU A 95 3.29 8.40 10.88
N TYR A 96 3.69 9.64 11.14
CA TYR A 96 2.93 10.52 12.02
C TYR A 96 2.29 9.74 13.14
N THR A 97 3.06 8.87 13.78
CA THR A 97 2.56 8.05 14.88
C THR A 97 1.80 8.91 15.89
N GLY A 1 -3.54 -18.49 -22.20
CA GLY A 1 -3.88 -17.50 -21.21
C GLY A 1 -5.17 -17.83 -20.46
N SER A 2 -6.24 -17.14 -20.82
CA SER A 2 -7.54 -17.36 -20.18
C SER A 2 -7.38 -17.52 -18.67
N SER A 3 -6.65 -16.60 -18.06
CA SER A 3 -6.41 -16.65 -16.62
C SER A 3 -6.64 -15.27 -16.00
N GLY A 4 -7.51 -15.21 -15.00
CA GLY A 4 -7.80 -13.95 -14.34
C GLY A 4 -7.94 -14.11 -12.83
N SER A 5 -6.85 -14.46 -12.17
CA SER A 5 -6.86 -14.65 -10.73
C SER A 5 -6.03 -13.58 -10.03
N SER A 6 -6.69 -12.72 -9.27
CA SER A 6 -6.03 -11.64 -8.56
C SER A 6 -4.69 -12.12 -8.00
N GLY A 7 -4.73 -13.18 -7.21
CA GLY A 7 -3.52 -13.72 -6.62
C GLY A 7 -3.80 -14.73 -5.53
N THR A 8 -4.03 -15.98 -5.92
CA THR A 8 -4.32 -17.04 -4.96
C THR A 8 -3.05 -17.52 -4.27
N SER A 9 -2.03 -17.83 -5.07
CA SER A 9 -0.76 -18.30 -4.53
C SER A 9 -0.32 -17.47 -3.33
N SER A 10 0.01 -16.20 -3.58
CA SER A 10 0.44 -15.30 -2.51
C SER A 10 -0.72 -14.41 -2.06
N THR A 11 -1.29 -14.74 -0.91
CA THR A 11 -2.41 -13.97 -0.36
C THR A 11 -1.99 -13.23 0.90
N ILE A 12 -0.87 -12.52 0.83
CA ILE A 12 -0.36 -11.76 1.97
C ILE A 12 -1.00 -10.38 2.04
N PHE A 13 -1.76 -10.04 1.00
CA PHE A 13 -2.43 -8.74 0.94
C PHE A 13 -3.93 -8.91 0.75
N SER A 14 -4.41 -10.14 0.90
CA SER A 14 -5.83 -10.44 0.74
C SER A 14 -6.67 -9.58 1.68
N GLY A 15 -7.46 -8.68 1.10
CA GLY A 15 -8.30 -7.81 1.90
C GLY A 15 -7.57 -6.57 2.38
N VAL A 16 -6.57 -6.15 1.63
CA VAL A 16 -5.79 -4.97 1.99
C VAL A 16 -5.74 -3.97 0.83
N ALA A 17 -6.39 -2.83 1.03
CA ALA A 17 -6.42 -1.79 0.01
C ALA A 17 -5.48 -0.64 0.36
N ILE A 18 -4.72 -0.18 -0.63
CA ILE A 18 -3.77 0.90 -0.43
C ILE A 18 -4.09 2.09 -1.32
N TYR A 19 -3.49 3.24 -1.02
CA TYR A 19 -3.72 4.45 -1.80
C TYR A 19 -2.49 5.35 -1.76
N VAL A 20 -1.80 5.45 -2.91
CA VAL A 20 -0.61 6.28 -3.02
C VAL A 20 -0.98 7.75 -3.12
N ASN A 21 -0.37 8.58 -2.29
CA ASN A 21 -0.62 10.01 -2.30
C ASN A 21 0.68 10.81 -2.36
N GLY A 22 0.82 11.59 -3.43
CA GLY A 22 2.03 12.39 -3.59
C GLY A 22 3.19 11.58 -4.14
N TYR A 23 4.39 12.16 -4.08
CA TYR A 23 5.58 11.49 -4.57
C TYR A 23 6.02 10.38 -3.62
N THR A 24 6.24 9.19 -4.17
CA THR A 24 6.65 8.04 -3.36
C THR A 24 7.59 7.13 -4.15
N ASP A 25 8.27 6.24 -3.44
CA ASP A 25 9.20 5.31 -4.07
C ASP A 25 8.94 3.88 -3.60
N PRO A 26 8.59 3.00 -4.55
CA PRO A 26 8.46 3.37 -5.97
C PRO A 26 7.26 4.28 -6.22
N SER A 27 6.97 4.52 -7.50
CA SER A 27 5.85 5.37 -7.88
C SER A 27 4.52 4.69 -7.57
N ALA A 28 3.43 5.42 -7.75
CA ALA A 28 2.09 4.88 -7.50
C ALA A 28 1.72 3.84 -8.54
N GLU A 29 2.21 4.02 -9.76
CA GLU A 29 1.93 3.10 -10.86
C GLU A 29 2.56 1.74 -10.59
N GLU A 30 3.87 1.74 -10.36
CA GLU A 30 4.61 0.50 -10.10
C GLU A 30 3.94 -0.29 -8.98
N LEU A 31 3.44 0.41 -7.96
CA LEU A 31 2.78 -0.24 -6.84
C LEU A 31 1.39 -0.72 -7.23
N ARG A 32 0.64 0.14 -7.90
CA ARG A 32 -0.71 -0.21 -8.34
C ARG A 32 -0.78 -1.65 -8.83
N LYS A 33 0.22 -2.04 -9.62
CA LYS A 33 0.28 -3.40 -10.15
C LYS A 33 0.65 -4.40 -9.06
N LEU A 34 1.80 -4.18 -8.43
CA LEU A 34 2.28 -5.06 -7.37
C LEU A 34 1.11 -5.60 -6.57
N MET A 35 0.21 -4.72 -6.16
CA MET A 35 -0.96 -5.11 -5.38
C MET A 35 -1.79 -6.15 -6.13
N MET A 36 -2.18 -5.80 -7.35
CA MET A 36 -2.98 -6.71 -8.17
C MET A 36 -2.15 -7.92 -8.62
N LEU A 37 -0.84 -7.80 -8.50
CA LEU A 37 0.06 -8.89 -8.89
C LEU A 37 0.32 -9.83 -7.72
N HIS A 38 -0.17 -9.46 -6.55
CA HIS A 38 0.00 -10.28 -5.35
C HIS A 38 -1.34 -10.56 -4.69
N GLY A 39 -2.42 -10.18 -5.36
CA GLY A 39 -3.76 -10.39 -4.82
C GLY A 39 -4.28 -9.17 -4.09
N GLY A 40 -3.40 -8.22 -3.80
CA GLY A 40 -3.81 -7.01 -3.10
C GLY A 40 -4.77 -6.16 -3.92
N GLN A 41 -5.26 -5.09 -3.33
CA GLN A 41 -6.19 -4.19 -4.01
C GLN A 41 -5.62 -2.78 -4.11
N TYR A 42 -6.22 -1.97 -4.97
CA TYR A 42 -5.77 -0.60 -5.17
C TYR A 42 -6.94 0.33 -5.46
N HIS A 43 -6.83 1.57 -5.01
CA HIS A 43 -7.89 2.56 -5.22
C HIS A 43 -7.32 3.86 -5.78
N VAL A 44 -7.99 4.41 -6.79
CA VAL A 44 -7.55 5.66 -7.41
C VAL A 44 -7.93 6.87 -6.55
N TYR A 45 -9.10 6.80 -5.94
CA TYR A 45 -9.58 7.90 -5.10
C TYR A 45 -9.64 7.46 -3.64
N TYR A 46 -8.91 8.18 -2.79
CA TYR A 46 -8.88 7.88 -1.36
C TYR A 46 -10.26 7.48 -0.86
N SER A 47 -10.31 6.47 0.01
CA SER A 47 -11.56 5.99 0.56
C SER A 47 -11.41 5.67 2.05
N ARG A 48 -12.47 5.95 2.81
CA ARG A 48 -12.46 5.71 4.25
C ARG A 48 -13.02 4.32 4.56
N SER A 49 -13.95 3.87 3.73
CA SER A 49 -14.57 2.57 3.92
C SER A 49 -13.84 1.48 3.11
N LYS A 50 -13.50 1.83 1.88
CA LYS A 50 -12.80 0.90 1.00
C LYS A 50 -11.34 0.74 1.43
N THR A 51 -10.53 1.76 1.17
CA THR A 51 -9.12 1.73 1.52
C THR A 51 -8.94 1.57 3.03
N THR A 52 -8.00 0.71 3.41
CA THR A 52 -7.72 0.47 4.83
C THR A 52 -6.52 1.27 5.30
N HIS A 53 -5.52 1.40 4.43
CA HIS A 53 -4.31 2.14 4.76
C HIS A 53 -3.99 3.17 3.68
N ILE A 54 -3.03 4.04 3.96
CA ILE A 54 -2.64 5.07 3.00
C ILE A 54 -1.12 5.09 2.82
N ILE A 55 -0.67 4.85 1.59
CA ILE A 55 0.75 4.84 1.29
C ILE A 55 1.23 6.24 0.91
N ALA A 56 2.23 6.74 1.64
CA ALA A 56 2.78 8.06 1.38
C ALA A 56 4.07 8.28 2.17
N THR A 57 5.12 8.71 1.48
CA THR A 57 6.41 8.95 2.12
C THR A 57 6.30 10.06 3.15
N ASN A 58 5.84 11.23 2.72
CA ASN A 58 5.68 12.37 3.61
C ASN A 58 4.51 13.25 3.18
N LEU A 59 3.79 13.78 4.16
CA LEU A 59 2.64 14.64 3.88
C LEU A 59 2.76 15.96 4.63
N PRO A 60 2.23 17.03 4.01
CA PRO A 60 2.27 18.37 4.59
C PRO A 60 1.36 18.50 5.81
N ASN A 61 1.51 19.61 6.54
CA ASN A 61 0.70 19.86 7.73
C ASN A 61 -0.78 19.63 7.44
N ALA A 62 -1.33 20.42 6.53
CA ALA A 62 -2.73 20.32 6.16
C ALA A 62 -3.13 18.86 5.96
N LYS A 63 -2.42 18.17 5.07
CA LYS A 63 -2.70 16.77 4.78
C LYS A 63 -2.74 15.95 6.07
N ILE A 64 -1.65 16.00 6.83
CA ILE A 64 -1.56 15.27 8.09
C ILE A 64 -2.79 15.53 8.96
N LYS A 65 -3.04 16.79 9.27
CA LYS A 65 -4.18 17.17 10.10
C LYS A 65 -5.47 16.58 9.54
N GLU A 66 -5.58 16.55 8.21
CA GLU A 66 -6.76 16.02 7.56
C GLU A 66 -6.84 14.50 7.72
N LEU A 67 -5.68 13.87 7.87
CA LEU A 67 -5.61 12.42 8.04
C LEU A 67 -5.35 12.05 9.49
N LYS A 68 -6.05 12.72 10.40
CA LYS A 68 -5.91 12.46 11.83
C LYS A 68 -6.38 11.05 12.18
N GLY A 69 -5.50 10.27 12.82
CA GLY A 69 -5.85 8.92 13.20
C GLY A 69 -5.52 7.91 12.11
N GLU A 70 -5.64 8.34 10.85
CA GLU A 70 -5.35 7.46 9.72
C GLU A 70 -4.08 6.66 9.96
N LYS A 71 -3.90 5.60 9.18
CA LYS A 71 -2.71 4.75 9.31
C LYS A 71 -1.79 4.93 8.12
N VAL A 72 -1.01 6.02 8.13
CA VAL A 72 -0.08 6.31 7.05
C VAL A 72 1.12 5.38 7.10
N ILE A 73 1.33 4.63 6.03
CA ILE A 73 2.46 3.70 5.96
C ILE A 73 3.37 4.03 4.78
N ARG A 74 4.67 3.82 4.96
CA ARG A 74 5.65 4.09 3.92
C ARG A 74 5.54 3.06 2.79
N PRO A 75 5.92 3.48 1.58
CA PRO A 75 5.89 2.62 0.40
C PRO A 75 6.92 1.50 0.46
N GLU A 76 7.69 1.47 1.54
CA GLU A 76 8.72 0.45 1.72
C GLU A 76 8.15 -0.78 2.41
N TRP A 77 7.06 -0.59 3.16
CA TRP A 77 6.43 -1.69 3.87
C TRP A 77 5.92 -2.75 2.90
N ILE A 78 5.48 -2.31 1.73
CA ILE A 78 4.98 -3.23 0.72
C ILE A 78 6.11 -3.83 -0.09
N VAL A 79 6.97 -2.97 -0.63
CA VAL A 79 8.10 -3.41 -1.43
C VAL A 79 8.85 -4.54 -0.74
N GLU A 80 9.35 -4.27 0.47
CA GLU A 80 10.08 -5.27 1.24
C GLU A 80 9.26 -6.53 1.42
N SER A 81 8.01 -6.38 1.86
CA SER A 81 7.13 -7.51 2.07
C SER A 81 7.02 -8.37 0.82
N ILE A 82 7.08 -7.71 -0.34
CA ILE A 82 7.00 -8.42 -1.62
C ILE A 82 8.26 -9.21 -1.89
N LYS A 83 9.40 -8.54 -1.84
CA LYS A 83 10.69 -9.18 -2.08
C LYS A 83 10.91 -10.33 -1.10
N ALA A 84 10.54 -10.12 0.15
CA ALA A 84 10.69 -11.13 1.18
C ALA A 84 9.72 -12.28 0.97
N GLY A 85 8.57 -11.97 0.37
CA GLY A 85 7.56 -13.00 0.12
C GLY A 85 6.69 -13.25 1.32
N ARG A 86 6.49 -12.23 2.15
CA ARG A 86 5.67 -12.34 3.35
C ARG A 86 5.36 -10.97 3.93
N LEU A 87 4.17 -10.83 4.49
CA LEU A 87 3.74 -9.56 5.09
C LEU A 87 4.65 -9.18 6.25
N LEU A 88 5.13 -7.94 6.25
CA LEU A 88 6.00 -7.45 7.31
C LEU A 88 5.25 -6.50 8.23
N SER A 89 5.88 -6.17 9.36
CA SER A 89 5.27 -5.27 10.33
C SER A 89 5.31 -3.83 9.83
N TYR A 90 4.19 -3.12 10.01
CA TYR A 90 4.09 -1.73 9.57
C TYR A 90 4.45 -0.77 10.71
N ILE A 91 4.32 -1.26 11.94
CA ILE A 91 4.62 -0.45 13.11
C ILE A 91 5.79 0.51 12.83
N PRO A 92 6.93 -0.05 12.44
CA PRO A 92 8.14 0.73 12.12
C PRO A 92 7.97 1.54 10.84
N TYR A 93 7.19 1.02 9.91
CA TYR A 93 6.96 1.69 8.63
C TYR A 93 5.77 2.65 8.74
N GLN A 94 5.36 2.95 9.97
CA GLN A 94 4.23 3.85 10.19
C GLN A 94 4.68 5.30 10.14
N LEU A 95 3.76 6.19 9.78
CA LEU A 95 4.06 7.62 9.69
C LEU A 95 3.04 8.44 10.48
N TYR A 96 3.51 9.52 11.08
CA TYR A 96 2.65 10.39 11.86
C TYR A 96 1.72 9.58 12.76
N THR A 97 2.30 8.60 13.45
CA THR A 97 1.52 7.74 14.35
C THR A 97 0.40 8.53 15.02
N GLY A 1 -6.06 -4.40 -20.43
CA GLY A 1 -6.09 -5.85 -20.53
C GLY A 1 -4.73 -6.44 -20.84
N SER A 2 -4.45 -7.62 -20.27
CA SER A 2 -3.17 -8.28 -20.49
C SER A 2 -3.21 -9.70 -19.95
N SER A 3 -2.48 -10.60 -20.60
CA SER A 3 -2.43 -12.00 -20.19
C SER A 3 -1.57 -12.17 -18.95
N GLY A 4 -2.18 -12.62 -17.86
CA GLY A 4 -1.46 -12.82 -16.62
C GLY A 4 -0.38 -13.88 -16.74
N SER A 5 -0.34 -14.79 -15.78
CA SER A 5 0.66 -15.86 -15.77
C SER A 5 0.17 -17.05 -14.97
N SER A 6 0.68 -18.24 -15.31
CA SER A 6 0.29 -19.46 -14.62
C SER A 6 1.34 -19.85 -13.58
N GLY A 7 0.88 -20.41 -12.46
CA GLY A 7 1.78 -20.82 -11.41
C GLY A 7 1.27 -20.47 -10.03
N THR A 8 2.10 -20.65 -9.02
CA THR A 8 1.72 -20.36 -7.64
C THR A 8 1.38 -18.88 -7.48
N SER A 9 0.74 -18.55 -6.36
CA SER A 9 0.36 -17.17 -6.08
C SER A 9 0.44 -16.88 -4.59
N SER A 10 1.09 -15.77 -4.24
CA SER A 10 1.24 -15.37 -2.85
C SER A 10 0.16 -14.39 -2.44
N THR A 11 -0.83 -14.87 -1.69
CA THR A 11 -1.93 -14.03 -1.24
C THR A 11 -1.64 -13.44 0.13
N ILE A 12 -0.56 -12.67 0.22
CA ILE A 12 -0.18 -12.05 1.48
C ILE A 12 -0.90 -10.72 1.68
N PHE A 13 -1.22 -10.06 0.58
CA PHE A 13 -1.90 -8.77 0.63
C PHE A 13 -3.41 -8.95 0.40
N SER A 14 -3.86 -10.20 0.46
CA SER A 14 -5.27 -10.51 0.25
C SER A 14 -6.15 -9.69 1.19
N GLY A 15 -6.86 -8.72 0.62
CA GLY A 15 -7.73 -7.88 1.42
C GLY A 15 -7.00 -6.68 2.02
N VAL A 16 -6.06 -6.12 1.25
CA VAL A 16 -5.30 -4.97 1.71
C VAL A 16 -5.28 -3.87 0.65
N ALA A 17 -6.16 -2.90 0.81
CA ALA A 17 -6.24 -1.79 -0.13
C ALA A 17 -5.31 -0.66 0.28
N ILE A 18 -4.73 0.01 -0.71
CA ILE A 18 -3.82 1.11 -0.45
C ILE A 18 -4.18 2.34 -1.29
N TYR A 19 -3.68 3.50 -0.87
CA TYR A 19 -3.95 4.74 -1.58
C TYR A 19 -2.71 5.62 -1.63
N VAL A 20 -2.14 5.78 -2.82
CA VAL A 20 -0.95 6.60 -3.00
C VAL A 20 -1.31 8.06 -3.23
N ASN A 21 -0.82 8.93 -2.36
CA ASN A 21 -1.09 10.36 -2.47
C ASN A 21 0.18 11.13 -2.83
N GLY A 22 0.18 11.72 -4.02
CA GLY A 22 1.33 12.48 -4.48
C GLY A 22 2.45 11.59 -4.97
N TYR A 23 3.69 12.04 -4.74
CA TYR A 23 4.86 11.27 -5.17
C TYR A 23 5.24 10.23 -4.12
N THR A 24 5.66 9.06 -4.58
CA THR A 24 6.06 7.99 -3.68
C THR A 24 7.12 7.10 -4.33
N ASP A 25 7.88 6.39 -3.50
CA ASP A 25 8.93 5.50 -3.99
C ASP A 25 8.71 4.08 -3.48
N PRO A 26 8.45 3.15 -4.41
CA PRO A 26 8.38 3.47 -5.84
C PRO A 26 7.15 4.30 -6.18
N SER A 27 6.90 4.47 -7.48
CA SER A 27 5.75 5.25 -7.95
C SER A 27 4.45 4.54 -7.62
N ALA A 28 3.33 5.17 -7.96
CA ALA A 28 2.02 4.60 -7.71
C ALA A 28 1.74 3.43 -8.64
N GLU A 29 2.09 3.59 -9.91
CA GLU A 29 1.88 2.54 -10.90
C GLU A 29 2.57 1.24 -10.48
N GLU A 30 3.83 1.37 -10.05
CA GLU A 30 4.60 0.21 -9.62
C GLU A 30 3.89 -0.54 -8.50
N LEU A 31 3.33 0.21 -7.55
CA LEU A 31 2.61 -0.39 -6.43
C LEU A 31 1.23 -0.89 -6.86
N ARG A 32 0.64 -0.21 -7.83
CA ARG A 32 -0.67 -0.58 -8.33
C ARG A 32 -0.70 -2.05 -8.73
N LYS A 33 0.28 -2.47 -9.53
CA LYS A 33 0.38 -3.85 -9.97
C LYS A 33 0.77 -4.77 -8.83
N LEU A 34 1.95 -4.54 -8.27
CA LEU A 34 2.45 -5.35 -7.15
C LEU A 34 1.31 -5.79 -6.25
N MET A 35 0.30 -4.93 -6.12
CA MET A 35 -0.86 -5.23 -5.28
C MET A 35 -1.75 -6.27 -5.96
N MET A 36 -2.32 -5.90 -7.11
CA MET A 36 -3.19 -6.81 -7.84
C MET A 36 -2.54 -8.17 -8.02
N LEU A 37 -1.25 -8.17 -8.38
CA LEU A 37 -0.51 -9.41 -8.59
C LEU A 37 -0.46 -10.23 -7.31
N HIS A 38 -0.63 -9.56 -6.17
CA HIS A 38 -0.60 -10.24 -4.88
C HIS A 38 -2.00 -10.29 -4.26
N GLY A 39 -3.01 -9.98 -5.08
CA GLY A 39 -4.38 -10.01 -4.60
C GLY A 39 -4.78 -8.69 -3.95
N GLY A 40 -3.80 -7.83 -3.71
CA GLY A 40 -4.09 -6.54 -3.10
C GLY A 40 -5.10 -5.74 -3.90
N GLN A 41 -5.20 -4.45 -3.59
CA GLN A 41 -6.12 -3.56 -4.28
C GLN A 41 -5.57 -2.15 -4.37
N TYR A 42 -5.91 -1.45 -5.46
CA TYR A 42 -5.44 -0.09 -5.68
C TYR A 42 -6.61 0.86 -5.91
N HIS A 43 -6.63 1.97 -5.18
CA HIS A 43 -7.70 2.95 -5.31
C HIS A 43 -7.14 4.30 -5.78
N VAL A 44 -7.85 4.93 -6.70
CA VAL A 44 -7.42 6.22 -7.24
C VAL A 44 -7.79 7.35 -6.29
N TYR A 45 -8.89 7.18 -5.56
CA TYR A 45 -9.35 8.20 -4.62
C TYR A 45 -9.36 7.65 -3.20
N TYR A 46 -9.04 8.51 -2.24
CA TYR A 46 -9.02 8.11 -0.83
C TYR A 46 -10.39 7.65 -0.37
N SER A 47 -10.44 6.45 0.21
CA SER A 47 -11.69 5.89 0.69
C SER A 47 -11.50 5.23 2.06
N ARG A 48 -12.04 5.86 3.09
CA ARG A 48 -11.93 5.33 4.45
C ARG A 48 -12.75 4.05 4.60
N SER A 49 -13.55 3.73 3.59
CA SER A 49 -14.39 2.55 3.62
C SER A 49 -13.71 1.39 2.89
N LYS A 50 -13.29 1.65 1.65
CA LYS A 50 -12.62 0.63 0.84
C LYS A 50 -11.13 0.56 1.17
N THR A 51 -10.45 1.70 1.03
CA THR A 51 -9.02 1.77 1.31
C THR A 51 -8.73 1.48 2.78
N THR A 52 -7.65 0.74 3.04
CA THR A 52 -7.27 0.40 4.40
C THR A 52 -6.14 1.29 4.90
N HIS A 53 -5.03 1.30 4.17
CA HIS A 53 -3.88 2.12 4.54
C HIS A 53 -3.61 3.18 3.48
N ILE A 54 -2.88 4.22 3.87
CA ILE A 54 -2.54 5.31 2.95
C ILE A 54 -1.04 5.34 2.68
N ILE A 55 -0.66 5.12 1.43
CA ILE A 55 0.74 5.13 1.04
C ILE A 55 1.20 6.55 0.72
N ALA A 56 2.21 7.02 1.46
CA ALA A 56 2.74 8.35 1.26
C ALA A 56 4.09 8.52 1.96
N THR A 57 5.02 9.20 1.30
CA THR A 57 6.34 9.42 1.86
C THR A 57 6.29 10.45 3.00
N ASN A 58 5.75 11.63 2.71
CA ASN A 58 5.65 12.69 3.70
C ASN A 58 4.33 13.44 3.55
N LEU A 59 3.88 14.05 4.64
CA LEU A 59 2.64 14.81 4.62
C LEU A 59 2.76 16.07 5.48
N PRO A 60 2.09 17.16 5.03
CA PRO A 60 2.11 18.44 5.74
C PRO A 60 1.35 18.39 7.05
N ASN A 61 1.59 19.38 7.91
CA ASN A 61 0.92 19.44 9.21
C ASN A 61 -0.60 19.40 9.04
N ALA A 62 -1.10 20.07 8.00
CA ALA A 62 -2.53 20.10 7.72
C ALA A 62 -3.06 18.70 7.44
N LYS A 63 -2.37 17.97 6.56
CA LYS A 63 -2.77 16.62 6.21
C LYS A 63 -2.86 15.73 7.44
N ILE A 64 -1.76 15.64 8.18
CA ILE A 64 -1.71 14.83 9.39
C ILE A 64 -3.01 14.97 10.20
N LYS A 65 -3.42 16.21 10.43
CA LYS A 65 -4.64 16.48 11.19
C LYS A 65 -5.84 15.82 10.52
N GLU A 66 -5.96 15.99 9.21
CA GLU A 66 -7.06 15.41 8.47
C GLU A 66 -7.07 13.88 8.59
N LEU A 67 -5.88 13.29 8.57
CA LEU A 67 -5.75 11.85 8.69
C LEU A 67 -5.74 11.41 10.15
N LYS A 68 -6.58 12.05 10.96
CA LYS A 68 -6.67 11.72 12.38
C LYS A 68 -7.04 10.26 12.58
N GLY A 69 -6.24 9.56 13.37
CA GLY A 69 -6.50 8.15 13.63
C GLY A 69 -5.96 7.25 12.53
N GLU A 70 -6.02 7.73 11.30
CA GLU A 70 -5.53 6.95 10.16
C GLU A 70 -4.10 6.47 10.39
N LYS A 71 -3.63 5.60 9.52
CA LYS A 71 -2.27 5.07 9.62
C LYS A 71 -1.54 5.16 8.29
N VAL A 72 -0.72 6.20 8.14
CA VAL A 72 0.04 6.40 6.91
C VAL A 72 1.31 5.57 6.91
N ILE A 73 1.35 4.56 6.06
CA ILE A 73 2.52 3.69 5.95
C ILE A 73 3.35 4.03 4.72
N ARG A 74 4.67 3.90 4.86
CA ARG A 74 5.58 4.20 3.75
C ARG A 74 5.46 3.13 2.65
N PRO A 75 5.75 3.54 1.41
CA PRO A 75 5.68 2.64 0.25
C PRO A 75 6.77 1.58 0.28
N GLU A 76 7.61 1.62 1.31
CA GLU A 76 8.69 0.65 1.44
C GLU A 76 8.22 -0.60 2.16
N TRP A 77 7.28 -0.44 3.08
CA TRP A 77 6.74 -1.56 3.84
C TRP A 77 6.22 -2.65 2.91
N ILE A 78 5.50 -2.24 1.87
CA ILE A 78 4.95 -3.18 0.91
C ILE A 78 6.05 -3.85 0.10
N VAL A 79 6.91 -3.04 -0.51
CA VAL A 79 8.02 -3.55 -1.32
C VAL A 79 8.84 -4.57 -0.52
N GLU A 80 9.00 -4.31 0.77
CA GLU A 80 9.77 -5.20 1.64
C GLU A 80 9.05 -6.53 1.83
N SER A 81 7.74 -6.46 2.02
CA SER A 81 6.92 -7.66 2.22
C SER A 81 6.98 -8.56 0.99
N ILE A 82 7.16 -7.95 -0.18
CA ILE A 82 7.22 -8.70 -1.43
C ILE A 82 8.60 -9.34 -1.61
N LYS A 83 9.64 -8.53 -1.49
CA LYS A 83 11.01 -9.02 -1.65
C LYS A 83 11.27 -10.20 -0.70
N ALA A 84 10.75 -10.10 0.51
CA ALA A 84 10.93 -11.16 1.50
C ALA A 84 10.05 -12.36 1.18
N GLY A 85 8.85 -12.10 0.67
CA GLY A 85 7.93 -13.16 0.32
C GLY A 85 6.92 -13.43 1.42
N ARG A 86 6.71 -12.44 2.27
CA ARG A 86 5.75 -12.58 3.38
C ARG A 86 5.35 -11.22 3.92
N LEU A 87 4.10 -11.10 4.35
CA LEU A 87 3.58 -9.85 4.90
C LEU A 87 4.38 -9.42 6.12
N LEU A 88 4.66 -8.13 6.21
CA LEU A 88 5.41 -7.58 7.34
C LEU A 88 4.54 -6.64 8.17
N SER A 89 5.11 -6.13 9.26
CA SER A 89 4.38 -5.22 10.14
C SER A 89 4.60 -3.78 9.71
N TYR A 90 3.61 -2.94 9.97
CA TYR A 90 3.68 -1.53 9.61
C TYR A 90 4.03 -0.67 10.82
N ILE A 91 3.97 -1.27 12.00
CA ILE A 91 4.28 -0.57 13.24
C ILE A 91 5.57 0.25 13.10
N PRO A 92 6.66 -0.43 12.76
CA PRO A 92 7.97 0.20 12.58
C PRO A 92 8.02 1.09 11.34
N TYR A 93 7.15 0.79 10.37
CA TYR A 93 7.10 1.56 9.13
C TYR A 93 6.06 2.67 9.22
N GLN A 94 5.42 2.77 10.39
CA GLN A 94 4.41 3.80 10.61
C GLN A 94 5.04 5.19 10.65
N LEU A 95 4.77 6.00 9.63
CA LEU A 95 5.31 7.34 9.55
C LEU A 95 5.09 8.10 10.86
N TYR A 96 3.84 8.50 11.09
CA TYR A 96 3.49 9.23 12.31
C TYR A 96 3.00 8.28 13.39
N THR A 97 3.84 7.32 13.75
CA THR A 97 3.50 6.35 14.78
C THR A 97 2.65 6.98 15.88
N GLY A 1 -3.77 -5.48 -19.62
CA GLY A 1 -4.75 -6.19 -20.43
C GLY A 1 -4.24 -7.55 -20.87
N SER A 2 -4.25 -8.51 -19.95
CA SER A 2 -3.78 -9.86 -20.24
C SER A 2 -4.52 -10.88 -19.37
N SER A 3 -4.67 -12.09 -19.90
CA SER A 3 -5.36 -13.16 -19.18
C SER A 3 -4.95 -13.17 -17.71
N GLY A 4 -5.77 -13.80 -16.88
CA GLY A 4 -5.49 -13.87 -15.46
C GLY A 4 -4.90 -15.21 -15.05
N SER A 5 -4.09 -15.20 -14.02
CA SER A 5 -3.45 -16.43 -13.53
C SER A 5 -4.50 -17.42 -13.04
N SER A 6 -4.17 -18.71 -13.13
CA SER A 6 -5.09 -19.76 -12.71
C SER A 6 -4.39 -20.74 -11.76
N GLY A 7 -5.05 -21.05 -10.65
CA GLY A 7 -4.48 -21.97 -9.68
C GLY A 7 -4.48 -21.42 -8.28
N THR A 8 -3.29 -21.13 -7.75
CA THR A 8 -3.15 -20.59 -6.40
C THR A 8 -2.09 -19.51 -6.35
N SER A 9 -2.24 -18.60 -5.39
CA SER A 9 -1.29 -17.50 -5.23
C SER A 9 -1.18 -17.08 -3.76
N SER A 10 -0.23 -16.19 -3.48
CA SER A 10 -0.02 -15.71 -2.12
C SER A 10 -1.16 -14.79 -1.68
N THR A 11 -1.32 -14.63 -0.37
CA THR A 11 -2.37 -13.78 0.17
C THR A 11 -1.80 -12.81 1.21
N ILE A 12 -0.50 -12.56 1.12
CA ILE A 12 0.16 -11.65 2.05
C ILE A 12 -0.52 -10.29 2.06
N PHE A 13 -1.27 -10.00 1.01
CA PHE A 13 -1.98 -8.72 0.90
C PHE A 13 -3.47 -8.95 0.59
N SER A 14 -3.99 -10.08 1.07
CA SER A 14 -5.39 -10.41 0.85
C SER A 14 -6.30 -9.22 1.15
N GLY A 15 -7.20 -8.92 0.21
CA GLY A 15 -8.11 -7.80 0.40
C GLY A 15 -7.43 -6.61 1.05
N VAL A 16 -6.22 -6.30 0.61
CA VAL A 16 -5.47 -5.17 1.16
C VAL A 16 -5.35 -4.04 0.13
N ALA A 17 -6.14 -3.00 0.32
CA ALA A 17 -6.13 -1.85 -0.58
C ALA A 17 -5.22 -0.74 -0.04
N ILE A 18 -4.59 -0.01 -0.95
CA ILE A 18 -3.70 1.07 -0.56
C ILE A 18 -3.95 2.32 -1.41
N TYR A 19 -3.80 3.49 -0.79
CA TYR A 19 -4.02 4.76 -1.48
C TYR A 19 -2.74 5.60 -1.48
N VAL A 20 -2.11 5.71 -2.65
CA VAL A 20 -0.89 6.49 -2.79
C VAL A 20 -1.20 7.98 -2.87
N ASN A 21 -0.58 8.75 -2.00
CA ASN A 21 -0.79 10.20 -1.97
C ASN A 21 0.53 10.94 -2.16
N GLY A 22 0.68 11.59 -3.31
CA GLY A 22 1.90 12.33 -3.59
C GLY A 22 2.98 11.46 -4.21
N TYR A 23 4.21 11.94 -4.17
CA TYR A 23 5.33 11.20 -4.74
C TYR A 23 5.86 10.17 -3.76
N THR A 24 5.92 8.91 -4.20
CA THR A 24 6.41 7.83 -3.37
C THR A 24 7.35 6.91 -4.14
N ASP A 25 7.98 5.98 -3.42
CA ASP A 25 8.90 5.04 -4.04
C ASP A 25 8.70 3.63 -3.49
N PRO A 26 8.39 2.69 -4.38
CA PRO A 26 8.22 2.97 -5.82
C PRO A 26 6.98 3.81 -6.11
N SER A 27 6.89 4.30 -7.34
CA SER A 27 5.76 5.13 -7.75
C SER A 27 4.44 4.40 -7.47
N ALA A 28 3.33 5.10 -7.72
CA ALA A 28 2.00 4.53 -7.49
C ALA A 28 1.71 3.42 -8.50
N GLU A 29 2.05 3.67 -9.76
CA GLU A 29 1.81 2.70 -10.82
C GLU A 29 2.45 1.35 -10.47
N GLU A 30 3.61 1.40 -9.83
CA GLU A 30 4.31 0.18 -9.43
C GLU A 30 3.55 -0.56 -8.34
N LEU A 31 3.09 0.19 -7.34
CA LEU A 31 2.34 -0.40 -6.24
C LEU A 31 0.94 -0.80 -6.67
N ARG A 32 0.45 -0.17 -7.74
CA ARG A 32 -0.88 -0.47 -8.27
C ARG A 32 -0.97 -1.92 -8.73
N LYS A 33 0.06 -2.37 -9.45
CA LYS A 33 0.09 -3.74 -9.96
C LYS A 33 0.50 -4.71 -8.86
N LEU A 34 1.68 -4.49 -8.28
CA LEU A 34 2.19 -5.34 -7.23
C LEU A 34 1.06 -5.80 -6.30
N MET A 35 0.16 -4.88 -5.99
CA MET A 35 -0.97 -5.18 -5.11
C MET A 35 -1.82 -6.29 -5.71
N MET A 36 -2.50 -5.99 -6.81
CA MET A 36 -3.35 -6.97 -7.47
C MET A 36 -2.61 -8.28 -7.70
N LEU A 37 -1.35 -8.17 -8.13
CA LEU A 37 -0.53 -9.35 -8.39
C LEU A 37 -0.39 -10.21 -7.14
N HIS A 38 -0.53 -9.57 -5.98
CA HIS A 38 -0.43 -10.28 -4.70
C HIS A 38 -1.78 -10.35 -4.01
N GLY A 39 -2.85 -10.35 -4.80
CA GLY A 39 -4.18 -10.42 -4.25
C GLY A 39 -4.64 -9.08 -3.66
N GLY A 40 -3.71 -8.14 -3.56
CA GLY A 40 -4.04 -6.84 -3.02
C GLY A 40 -4.98 -6.06 -3.91
N GLN A 41 -4.95 -4.73 -3.78
CA GLN A 41 -5.82 -3.87 -4.58
C GLN A 41 -5.25 -2.45 -4.65
N TYR A 42 -5.88 -1.61 -5.47
CA TYR A 42 -5.44 -0.24 -5.63
C TYR A 42 -6.64 0.70 -5.78
N HIS A 43 -6.49 1.92 -5.28
CA HIS A 43 -7.56 2.90 -5.36
C HIS A 43 -7.02 4.24 -5.85
N VAL A 44 -7.62 4.76 -6.92
CA VAL A 44 -7.20 6.03 -7.49
C VAL A 44 -7.55 7.19 -6.56
N TYR A 45 -8.76 7.17 -6.01
CA TYR A 45 -9.21 8.22 -5.11
C TYR A 45 -9.11 7.76 -3.66
N TYR A 46 -9.21 8.72 -2.74
CA TYR A 46 -9.13 8.41 -1.31
C TYR A 46 -10.45 7.84 -0.80
N SER A 47 -10.36 6.84 0.05
CA SER A 47 -11.54 6.20 0.61
C SER A 47 -11.34 5.87 2.09
N ARG A 48 -12.40 6.07 2.88
CA ARG A 48 -12.34 5.80 4.31
C ARG A 48 -12.80 4.39 4.62
N SER A 49 -13.67 3.85 3.76
CA SER A 49 -14.20 2.50 3.94
C SER A 49 -13.41 1.49 3.11
N LYS A 50 -13.27 1.79 1.81
CA LYS A 50 -12.55 0.91 0.91
C LYS A 50 -11.07 0.83 1.29
N THR A 51 -10.34 1.91 1.02
CA THR A 51 -8.92 1.97 1.32
C THR A 51 -8.67 1.68 2.79
N THR A 52 -7.83 0.67 3.06
CA THR A 52 -7.50 0.30 4.43
C THR A 52 -6.30 1.06 4.94
N HIS A 53 -5.30 1.24 4.07
CA HIS A 53 -4.09 1.97 4.45
C HIS A 53 -3.84 3.12 3.49
N ILE A 54 -2.97 4.04 3.89
CA ILE A 54 -2.64 5.20 3.07
C ILE A 54 -1.14 5.31 2.86
N ILE A 55 -0.68 4.90 1.68
CA ILE A 55 0.74 4.96 1.35
C ILE A 55 1.16 6.37 0.97
N ALA A 56 2.13 6.91 1.70
CA ALA A 56 2.63 8.26 1.45
C ALA A 56 3.95 8.50 2.16
N THR A 57 4.93 9.02 1.42
CA THR A 57 6.24 9.30 1.98
C THR A 57 6.17 10.42 3.02
N ASN A 58 5.64 11.57 2.61
CA ASN A 58 5.52 12.71 3.51
C ASN A 58 4.29 13.55 3.15
N LEU A 59 3.64 14.09 4.17
CA LEU A 59 2.45 14.92 3.97
C LEU A 59 2.56 16.22 4.76
N PRO A 60 1.94 17.28 4.22
CA PRO A 60 1.95 18.60 4.84
C PRO A 60 1.12 18.65 6.13
N ASN A 61 1.35 19.67 6.94
CA ASN A 61 0.63 19.82 8.20
C ASN A 61 -0.87 19.98 7.95
N ALA A 62 -1.22 20.56 6.80
CA ALA A 62 -2.62 20.76 6.45
C ALA A 62 -3.29 19.44 6.06
N LYS A 63 -2.47 18.44 5.80
CA LYS A 63 -2.98 17.12 5.42
C LYS A 63 -3.16 16.23 6.65
N ILE A 64 -2.15 16.21 7.51
CA ILE A 64 -2.20 15.41 8.73
C ILE A 64 -3.45 15.71 9.54
N LYS A 65 -4.08 16.85 9.25
CA LYS A 65 -5.29 17.26 9.94
C LYS A 65 -6.53 16.62 9.31
N GLU A 66 -6.47 16.39 8.00
CA GLU A 66 -7.58 15.78 7.29
C GLU A 66 -7.49 14.25 7.34
N LEU A 67 -6.29 13.75 7.58
CA LEU A 67 -6.06 12.32 7.64
C LEU A 67 -5.83 11.86 9.08
N LYS A 68 -6.49 12.54 10.02
CA LYS A 68 -6.36 12.20 11.44
C LYS A 68 -6.84 10.79 11.70
N GLY A 69 -6.18 10.11 12.65
CA GLY A 69 -6.56 8.76 12.99
C GLY A 69 -6.07 7.74 11.97
N GLU A 70 -6.20 8.09 10.69
CA GLU A 70 -5.76 7.20 9.61
C GLU A 70 -4.42 6.55 9.96
N LYS A 71 -4.09 5.48 9.24
CA LYS A 71 -2.83 4.77 9.45
C LYS A 71 -1.90 4.91 8.26
N VAL A 72 -1.07 5.94 8.28
CA VAL A 72 -0.12 6.18 7.19
C VAL A 72 1.04 5.20 7.24
N ILE A 73 1.32 4.56 6.12
CA ILE A 73 2.42 3.60 6.03
C ILE A 73 3.33 3.90 4.85
N ARG A 74 4.64 3.81 5.08
CA ARG A 74 5.62 4.07 4.03
C ARG A 74 5.53 3.02 2.93
N PRO A 75 5.95 3.39 1.71
CA PRO A 75 5.93 2.51 0.55
C PRO A 75 6.96 1.37 0.67
N GLU A 76 7.78 1.44 1.70
CA GLU A 76 8.80 0.42 1.93
C GLU A 76 8.20 -0.81 2.61
N TRP A 77 7.12 -0.60 3.34
CA TRP A 77 6.46 -1.69 4.05
C TRP A 77 6.02 -2.78 3.07
N ILE A 78 5.59 -2.37 1.88
CA ILE A 78 5.15 -3.32 0.87
C ILE A 78 6.31 -3.77 -0.01
N VAL A 79 6.96 -2.80 -0.65
CA VAL A 79 8.10 -3.10 -1.52
C VAL A 79 8.99 -4.19 -0.92
N GLU A 80 9.20 -4.12 0.40
CA GLU A 80 10.02 -5.09 1.09
C GLU A 80 9.27 -6.41 1.26
N SER A 81 7.99 -6.32 1.61
CA SER A 81 7.16 -7.51 1.80
C SER A 81 7.21 -8.42 0.57
N ILE A 82 7.23 -7.81 -0.60
CA ILE A 82 7.28 -8.56 -1.84
C ILE A 82 8.64 -9.22 -2.04
N LYS A 83 9.69 -8.41 -2.03
CA LYS A 83 11.04 -8.91 -2.20
C LYS A 83 11.32 -10.08 -1.24
N ALA A 84 10.63 -10.07 -0.11
CA ALA A 84 10.79 -11.13 0.88
C ALA A 84 9.82 -12.28 0.63
N GLY A 85 8.73 -11.98 -0.07
CA GLY A 85 7.73 -13.00 -0.36
C GLY A 85 6.77 -13.21 0.79
N ARG A 86 6.77 -12.30 1.75
CA ARG A 86 5.90 -12.39 2.91
C ARG A 86 5.50 -11.01 3.40
N LEU A 87 4.47 -10.96 4.25
CA LEU A 87 4.00 -9.69 4.80
C LEU A 87 4.81 -9.30 6.03
N LEU A 88 5.08 -7.99 6.16
CA LEU A 88 5.85 -7.48 7.29
C LEU A 88 4.98 -6.59 8.17
N SER A 89 5.60 -6.02 9.20
CA SER A 89 4.88 -5.15 10.13
C SER A 89 5.00 -3.70 9.70
N TYR A 90 3.93 -2.93 9.92
CA TYR A 90 3.92 -1.52 9.55
C TYR A 90 4.33 -0.64 10.73
N ILE A 91 4.25 -1.21 11.93
CA ILE A 91 4.62 -0.48 13.14
C ILE A 91 5.80 0.45 12.89
N PRO A 92 6.93 -0.13 12.44
CA PRO A 92 8.14 0.63 12.15
C PRO A 92 7.99 1.51 10.92
N TYR A 93 7.27 1.01 9.92
CA TYR A 93 7.05 1.75 8.68
C TYR A 93 5.90 2.74 8.84
N GLN A 94 5.37 2.84 10.06
CA GLN A 94 4.26 3.74 10.33
C GLN A 94 4.73 5.19 10.34
N LEU A 95 3.86 6.09 9.89
CA LEU A 95 4.19 7.52 9.84
C LEU A 95 3.28 8.31 10.77
N TYR A 96 3.66 9.55 11.05
CA TYR A 96 2.88 10.42 11.93
C TYR A 96 2.21 9.61 13.03
N THR A 97 2.99 8.76 13.69
CA THR A 97 2.46 7.92 14.77
C THR A 97 2.00 8.77 15.94
N GLY A 1 -9.25 -19.11 -28.14
CA GLY A 1 -8.72 -17.77 -27.99
C GLY A 1 -8.02 -17.57 -26.66
N SER A 2 -6.99 -16.74 -26.66
CA SER A 2 -6.23 -16.47 -25.44
C SER A 2 -7.09 -15.71 -24.42
N SER A 3 -6.72 -15.82 -23.15
CA SER A 3 -7.45 -15.15 -22.08
C SER A 3 -6.54 -14.20 -21.32
N GLY A 4 -5.35 -14.67 -20.99
CA GLY A 4 -4.40 -13.85 -20.25
C GLY A 4 -4.22 -14.32 -18.82
N SER A 5 -3.00 -14.76 -18.50
CA SER A 5 -2.70 -15.24 -17.15
C SER A 5 -1.76 -14.28 -16.44
N SER A 6 -2.26 -13.67 -15.36
CA SER A 6 -1.46 -12.73 -14.59
C SER A 6 -0.33 -13.44 -13.85
N GLY A 7 -0.69 -14.43 -13.05
CA GLY A 7 0.29 -15.18 -12.29
C GLY A 7 0.44 -14.70 -10.87
N THR A 8 -0.07 -15.48 -9.92
CA THR A 8 0.00 -15.12 -8.51
C THR A 8 1.02 -15.99 -7.77
N SER A 9 1.71 -15.39 -6.81
CA SER A 9 2.71 -16.11 -6.03
C SER A 9 2.15 -16.51 -4.67
N SER A 10 1.58 -15.54 -3.96
CA SER A 10 1.00 -15.80 -2.65
C SER A 10 -0.07 -14.76 -2.31
N THR A 11 -0.86 -15.05 -1.28
CA THR A 11 -1.92 -14.15 -0.86
C THR A 11 -1.55 -13.42 0.43
N ILE A 12 -0.39 -12.76 0.42
CA ILE A 12 0.08 -12.02 1.58
C ILE A 12 -0.64 -10.68 1.72
N PHE A 13 -1.16 -10.18 0.60
CA PHE A 13 -1.86 -8.91 0.60
C PHE A 13 -3.34 -9.10 0.24
N SER A 14 -3.92 -10.18 0.75
CA SER A 14 -5.32 -10.49 0.48
C SER A 14 -6.24 -9.54 1.23
N GLY A 15 -7.08 -8.82 0.49
CA GLY A 15 -8.00 -7.88 1.10
C GLY A 15 -7.29 -6.66 1.67
N VAL A 16 -6.26 -6.20 0.98
CA VAL A 16 -5.49 -5.04 1.42
C VAL A 16 -5.49 -3.94 0.36
N ALA A 17 -6.38 -2.97 0.54
CA ALA A 17 -6.48 -1.86 -0.40
C ALA A 17 -5.60 -0.69 0.03
N ILE A 18 -4.67 -0.30 -0.84
CA ILE A 18 -3.77 0.81 -0.54
C ILE A 18 -4.12 2.04 -1.36
N TYR A 19 -3.66 3.21 -0.91
CA TYR A 19 -3.92 4.46 -1.61
C TYR A 19 -2.69 5.36 -1.59
N VAL A 20 -2.03 5.47 -2.74
CA VAL A 20 -0.85 6.31 -2.87
C VAL A 20 -1.20 7.79 -2.76
N ASN A 21 -0.54 8.49 -1.84
CA ASN A 21 -0.79 9.91 -1.65
C ASN A 21 0.51 10.70 -1.75
N GLY A 22 0.61 11.52 -2.80
CA GLY A 22 1.81 12.32 -3.00
C GLY A 22 2.91 11.56 -3.70
N TYR A 23 4.13 12.06 -3.59
CA TYR A 23 5.28 11.42 -4.23
C TYR A 23 5.81 10.27 -3.37
N THR A 24 5.93 9.10 -3.97
CA THR A 24 6.43 7.92 -3.26
C THR A 24 7.32 7.07 -4.16
N ASP A 25 8.15 6.24 -3.54
CA ASP A 25 9.07 5.38 -4.28
C ASP A 25 8.92 3.93 -3.84
N PRO A 26 8.56 3.05 -4.78
CA PRO A 26 8.32 3.44 -6.18
C PRO A 26 7.05 4.27 -6.34
N SER A 27 6.67 4.52 -7.58
CA SER A 27 5.48 5.30 -7.88
C SER A 27 4.21 4.49 -7.65
N ALA A 28 3.07 5.14 -7.70
CA ALA A 28 1.79 4.47 -7.51
C ALA A 28 1.57 3.37 -8.54
N GLU A 29 1.92 3.67 -9.79
CA GLU A 29 1.77 2.72 -10.88
C GLU A 29 2.46 1.40 -10.55
N GLU A 30 3.65 1.49 -9.95
CA GLU A 30 4.42 0.31 -9.58
C GLU A 30 3.65 -0.54 -8.57
N LEU A 31 3.21 0.09 -7.49
CA LEU A 31 2.46 -0.61 -6.44
C LEU A 31 1.14 -1.13 -6.98
N ARG A 32 0.55 -0.39 -7.92
CA ARG A 32 -0.72 -0.77 -8.52
C ARG A 32 -0.71 -2.24 -8.91
N LYS A 33 0.32 -2.64 -9.65
CA LYS A 33 0.45 -4.02 -10.11
C LYS A 33 0.82 -4.93 -8.94
N LEU A 34 1.90 -4.61 -8.26
CA LEU A 34 2.36 -5.41 -7.12
C LEU A 34 1.19 -5.93 -6.31
N MET A 35 0.26 -5.04 -5.98
CA MET A 35 -0.92 -5.43 -5.21
C MET A 35 -1.70 -6.53 -5.92
N MET A 36 -2.19 -6.23 -7.12
CA MET A 36 -2.94 -7.20 -7.90
C MET A 36 -2.22 -8.55 -7.94
N LEU A 37 -0.91 -8.51 -8.18
CA LEU A 37 -0.11 -9.72 -8.24
C LEU A 37 -0.19 -10.50 -6.93
N HIS A 38 -0.24 -9.76 -5.82
CA HIS A 38 -0.31 -10.37 -4.50
C HIS A 38 -1.74 -10.35 -3.97
N GLY A 39 -2.71 -10.34 -4.88
CA GLY A 39 -4.11 -10.32 -4.48
C GLY A 39 -4.46 -9.07 -3.70
N GLY A 40 -4.09 -7.91 -4.23
CA GLY A 40 -4.39 -6.66 -3.56
C GLY A 40 -5.33 -5.78 -4.35
N GLN A 41 -5.59 -4.58 -3.85
CA GLN A 41 -6.49 -3.64 -4.51
C GLN A 41 -5.89 -2.25 -4.57
N TYR A 42 -6.29 -1.47 -5.56
CA TYR A 42 -5.78 -0.11 -5.72
C TYR A 42 -6.91 0.87 -5.96
N HIS A 43 -6.91 1.97 -5.21
CA HIS A 43 -7.94 2.99 -5.34
C HIS A 43 -7.34 4.31 -5.82
N VAL A 44 -7.89 4.84 -6.91
CA VAL A 44 -7.42 6.09 -7.48
C VAL A 44 -7.57 7.23 -6.48
N TYR A 45 -8.70 7.26 -5.78
CA TYR A 45 -8.97 8.30 -4.80
C TYR A 45 -8.87 7.74 -3.38
N TYR A 46 -9.08 8.61 -2.39
CA TYR A 46 -9.03 8.21 -1.00
C TYR A 46 -10.39 7.75 -0.50
N SER A 47 -10.39 6.69 0.30
CA SER A 47 -11.64 6.15 0.84
C SER A 47 -11.50 5.88 2.33
N ARG A 48 -12.57 6.15 3.08
CA ARG A 48 -12.57 5.94 4.52
C ARG A 48 -13.10 4.55 4.86
N SER A 49 -13.88 3.98 3.95
CA SER A 49 -14.46 2.65 4.17
C SER A 49 -13.70 1.60 3.36
N LYS A 50 -13.53 1.86 2.07
CA LYS A 50 -12.83 0.93 1.19
C LYS A 50 -11.35 0.85 1.56
N THR A 51 -10.60 1.89 1.20
CA THR A 51 -9.17 1.93 1.50
C THR A 51 -8.90 1.59 2.96
N THR A 52 -7.91 0.73 3.19
CA THR A 52 -7.56 0.31 4.54
C THR A 52 -6.37 1.12 5.06
N HIS A 53 -5.37 1.31 4.21
CA HIS A 53 -4.18 2.06 4.59
C HIS A 53 -3.87 3.13 3.56
N ILE A 54 -2.98 4.06 3.91
CA ILE A 54 -2.59 5.14 3.01
C ILE A 54 -1.07 5.20 2.85
N ILE A 55 -0.60 4.92 1.64
CA ILE A 55 0.82 4.93 1.35
C ILE A 55 1.30 6.35 1.05
N ALA A 56 2.38 6.76 1.71
CA ALA A 56 2.94 8.10 1.51
C ALA A 56 4.30 8.22 2.17
N THR A 57 5.29 8.68 1.40
CA THR A 57 6.64 8.84 1.91
C THR A 57 6.74 10.04 2.84
N ASN A 58 6.28 11.20 2.35
CA ASN A 58 6.31 12.43 3.14
C ASN A 58 5.15 13.35 2.76
N LEU A 59 4.60 14.03 3.76
CA LEU A 59 3.49 14.95 3.53
C LEU A 59 3.72 16.27 4.26
N PRO A 60 3.28 17.37 3.64
CA PRO A 60 3.42 18.71 4.20
C PRO A 60 2.51 18.93 5.42
N ASN A 61 2.87 19.90 6.25
CA ASN A 61 2.09 20.20 7.44
C ASN A 61 0.60 20.23 7.13
N ALA A 62 0.25 20.82 5.99
CA ALA A 62 -1.13 20.92 5.56
C ALA A 62 -1.77 19.54 5.43
N LYS A 63 -1.21 18.72 4.54
CA LYS A 63 -1.72 17.38 4.31
C LYS A 63 -1.82 16.61 5.62
N ILE A 64 -0.79 16.72 6.46
CA ILE A 64 -0.76 16.03 7.74
C ILE A 64 -2.03 16.32 8.54
N LYS A 65 -2.44 17.59 8.55
CA LYS A 65 -3.64 17.99 9.27
C LYS A 65 -4.89 17.38 8.65
N GLU A 66 -4.82 17.10 7.35
CA GLU A 66 -5.95 16.51 6.63
C GLU A 66 -6.13 15.05 7.01
N LEU A 67 -5.02 14.38 7.32
CA LEU A 67 -5.04 12.98 7.70
C LEU A 67 -4.72 12.80 9.18
N LYS A 68 -5.48 13.49 10.03
CA LYS A 68 -5.28 13.41 11.47
C LYS A 68 -6.01 12.21 12.06
N GLY A 69 -5.33 11.07 12.11
CA GLY A 69 -5.92 9.86 12.65
C GLY A 69 -5.65 8.64 11.79
N GLU A 70 -5.69 8.83 10.48
CA GLU A 70 -5.45 7.73 9.55
C GLU A 70 -4.13 7.03 9.86
N LYS A 71 -3.86 5.94 9.16
CA LYS A 71 -2.63 5.18 9.36
C LYS A 71 -1.72 5.27 8.14
N VAL A 72 -0.89 6.31 8.11
CA VAL A 72 0.03 6.52 7.00
C VAL A 72 1.21 5.56 7.07
N ILE A 73 1.39 4.77 6.03
CA ILE A 73 2.49 3.80 5.98
C ILE A 73 3.42 4.09 4.81
N ARG A 74 4.72 3.92 5.04
CA ARG A 74 5.71 4.17 4.00
C ARG A 74 5.58 3.14 2.87
N PRO A 75 5.98 3.55 1.65
CA PRO A 75 5.90 2.69 0.48
C PRO A 75 6.92 1.55 0.53
N GLU A 76 7.74 1.54 1.57
CA GLU A 76 8.75 0.51 1.74
C GLU A 76 8.15 -0.73 2.41
N TRP A 77 7.16 -0.51 3.26
CA TRP A 77 6.50 -1.61 3.96
C TRP A 77 6.08 -2.70 2.99
N ILE A 78 5.72 -2.31 1.78
CA ILE A 78 5.30 -3.24 0.75
C ILE A 78 6.48 -3.77 -0.04
N VAL A 79 7.17 -2.87 -0.74
CA VAL A 79 8.33 -3.24 -1.54
C VAL A 79 9.17 -4.31 -0.84
N GLU A 80 9.22 -4.23 0.49
CA GLU A 80 9.98 -5.20 1.28
C GLU A 80 9.21 -6.50 1.43
N SER A 81 7.92 -6.39 1.71
CA SER A 81 7.07 -7.56 1.88
C SER A 81 7.09 -8.44 0.63
N ILE A 82 7.14 -7.79 -0.53
CA ILE A 82 7.15 -8.51 -1.80
C ILE A 82 8.50 -9.21 -2.02
N LYS A 83 9.58 -8.43 -1.95
CA LYS A 83 10.91 -8.98 -2.14
C LYS A 83 11.19 -10.10 -1.15
N ALA A 84 10.82 -9.89 0.11
CA ALA A 84 11.03 -10.89 1.15
C ALA A 84 10.15 -12.11 0.90
N GLY A 85 8.94 -11.88 0.40
CA GLY A 85 8.03 -12.98 0.13
C GLY A 85 7.10 -13.27 1.31
N ARG A 86 6.75 -12.23 2.05
CA ARG A 86 5.88 -12.37 3.21
C ARG A 86 5.43 -11.01 3.72
N LEU A 87 4.22 -10.96 4.26
CA LEU A 87 3.68 -9.71 4.81
C LEU A 87 4.41 -9.31 6.08
N LEU A 88 4.95 -8.09 6.08
CA LEU A 88 5.67 -7.58 7.25
C LEU A 88 4.80 -6.64 8.06
N SER A 89 5.33 -6.18 9.19
CA SER A 89 4.60 -5.26 10.06
C SER A 89 4.68 -3.83 9.54
N TYR A 90 3.78 -2.98 10.03
CA TYR A 90 3.75 -1.58 9.61
C TYR A 90 4.13 -0.66 10.76
N ILE A 91 3.92 -1.14 11.99
CA ILE A 91 4.24 -0.35 13.18
C ILE A 91 5.44 0.55 12.94
N PRO A 92 6.56 -0.06 12.52
CA PRO A 92 7.80 0.67 12.25
C PRO A 92 7.70 1.55 11.00
N TYR A 93 6.97 1.06 10.00
CA TYR A 93 6.79 1.78 8.75
C TYR A 93 5.64 2.77 8.87
N GLN A 94 5.24 3.08 10.10
CA GLN A 94 4.15 4.01 10.34
C GLN A 94 4.66 5.46 10.33
N LEU A 95 3.81 6.38 9.90
CA LEU A 95 4.16 7.79 9.83
C LEU A 95 3.16 8.63 10.62
N TYR A 96 3.62 9.80 11.07
CA TYR A 96 2.78 10.70 11.84
C TYR A 96 1.90 9.93 12.82
N THR A 97 2.51 8.99 13.54
CA THR A 97 1.78 8.19 14.51
C THR A 97 0.99 9.06 15.46
N GLY A 1 -2.52 -18.49 -22.04
CA GLY A 1 -3.76 -18.64 -21.30
C GLY A 1 -3.58 -19.37 -19.99
N SER A 2 -3.32 -18.62 -18.92
CA SER A 2 -3.10 -19.21 -17.61
C SER A 2 -4.34 -19.02 -16.73
N SER A 3 -4.61 -20.02 -15.89
CA SER A 3 -5.77 -19.97 -15.01
C SER A 3 -5.36 -20.21 -13.56
N GLY A 4 -4.80 -19.19 -12.93
CA GLY A 4 -4.36 -19.31 -11.55
C GLY A 4 -2.85 -19.36 -11.42
N SER A 5 -2.32 -18.62 -10.45
CA SER A 5 -0.87 -18.57 -10.24
C SER A 5 -0.32 -19.97 -10.00
N SER A 6 0.21 -20.57 -11.06
CA SER A 6 0.77 -21.91 -10.97
C SER A 6 1.50 -22.11 -9.64
N GLY A 7 1.17 -23.21 -8.95
CA GLY A 7 1.81 -23.49 -7.68
C GLY A 7 0.94 -23.09 -6.50
N THR A 8 1.39 -22.06 -5.77
CA THR A 8 0.65 -21.58 -4.60
C THR A 8 0.42 -20.08 -4.69
N SER A 9 -0.72 -19.63 -4.18
CA SER A 9 -1.06 -18.21 -4.20
C SER A 9 -0.71 -17.55 -2.86
N SER A 10 0.46 -16.92 -2.80
CA SER A 10 0.91 -16.26 -1.59
C SER A 10 -0.22 -15.48 -0.94
N THR A 11 -0.97 -14.74 -1.76
CA THR A 11 -2.09 -13.95 -1.28
C THR A 11 -1.78 -13.35 0.09
N ILE A 12 -0.63 -12.71 0.20
CA ILE A 12 -0.22 -12.09 1.46
C ILE A 12 -0.88 -10.72 1.64
N PHE A 13 -1.42 -10.19 0.55
CA PHE A 13 -2.09 -8.88 0.59
C PHE A 13 -3.59 -9.04 0.40
N SER A 14 -4.09 -10.25 0.61
CA SER A 14 -5.52 -10.53 0.45
C SER A 14 -6.34 -9.75 1.46
N GLY A 15 -7.11 -8.79 0.97
CA GLY A 15 -7.94 -7.98 1.85
C GLY A 15 -7.23 -6.73 2.32
N VAL A 16 -6.14 -6.38 1.66
CA VAL A 16 -5.36 -5.19 2.02
C VAL A 16 -5.44 -4.14 0.93
N ALA A 17 -6.11 -3.04 1.22
CA ALA A 17 -6.25 -1.95 0.27
C ALA A 17 -5.26 -0.82 0.56
N ILE A 18 -4.65 -0.28 -0.48
CA ILE A 18 -3.69 0.80 -0.34
C ILE A 18 -4.04 1.98 -1.24
N TYR A 19 -3.57 3.16 -0.86
CA TYR A 19 -3.83 4.38 -1.64
C TYR A 19 -2.62 5.30 -1.62
N VAL A 20 -2.02 5.49 -2.78
CA VAL A 20 -0.85 6.35 -2.91
C VAL A 20 -1.25 7.83 -2.90
N ASN A 21 -0.46 8.65 -2.24
CA ASN A 21 -0.73 10.08 -2.15
C ASN A 21 0.55 10.89 -2.31
N GLY A 22 0.63 11.65 -3.39
CA GLY A 22 1.82 12.46 -3.64
C GLY A 22 2.93 11.68 -4.31
N TYR A 23 4.16 11.87 -3.84
CA TYR A 23 5.31 11.19 -4.40
C TYR A 23 5.76 10.05 -3.48
N THR A 24 6.04 8.89 -4.08
CA THR A 24 6.47 7.72 -3.32
C THR A 24 7.44 6.88 -4.14
N ASP A 25 8.21 6.04 -3.44
CA ASP A 25 9.18 5.18 -4.11
C ASP A 25 8.95 3.72 -3.73
N PRO A 26 8.61 2.90 -4.73
CA PRO A 26 8.46 3.35 -6.11
C PRO A 26 7.23 4.25 -6.30
N SER A 27 6.87 4.49 -7.55
CA SER A 27 5.71 5.33 -7.86
C SER A 27 4.41 4.59 -7.60
N ALA A 28 3.30 5.33 -7.61
CA ALA A 28 1.99 4.74 -7.37
C ALA A 28 1.67 3.68 -8.42
N GLU A 29 1.97 3.98 -9.67
CA GLU A 29 1.71 3.04 -10.76
C GLU A 29 2.39 1.70 -10.51
N GLU A 30 3.69 1.74 -10.24
CA GLU A 30 4.45 0.52 -9.97
C GLU A 30 3.78 -0.31 -8.88
N LEU A 31 3.46 0.34 -7.77
CA LEU A 31 2.82 -0.34 -6.64
C LEU A 31 1.45 -0.85 -7.04
N ARG A 32 0.71 -0.05 -7.81
CA ARG A 32 -0.62 -0.43 -8.26
C ARG A 32 -0.61 -1.83 -8.86
N LYS A 33 0.48 -2.19 -9.51
CA LYS A 33 0.62 -3.50 -10.13
C LYS A 33 0.96 -4.56 -9.09
N LEU A 34 2.00 -4.30 -8.31
CA LEU A 34 2.43 -5.24 -7.27
C LEU A 34 1.21 -5.86 -6.56
N MET A 35 0.40 -5.01 -5.95
CA MET A 35 -0.78 -5.47 -5.23
C MET A 35 -1.53 -6.52 -6.05
N MET A 36 -2.16 -6.07 -7.14
CA MET A 36 -2.91 -6.98 -8.01
C MET A 36 -2.07 -8.21 -8.37
N LEU A 37 -0.94 -7.99 -9.03
CA LEU A 37 -0.06 -9.07 -9.44
C LEU A 37 0.13 -10.06 -8.30
N HIS A 38 -0.11 -9.61 -7.07
CA HIS A 38 0.02 -10.47 -5.90
C HIS A 38 -1.34 -10.82 -5.32
N GLY A 39 -2.36 -10.03 -5.67
CA GLY A 39 -3.70 -10.27 -5.18
C GLY A 39 -4.14 -9.25 -4.16
N GLY A 40 -3.80 -7.98 -4.41
CA GLY A 40 -4.17 -6.92 -3.49
C GLY A 40 -5.19 -5.98 -4.08
N GLN A 41 -5.60 -4.98 -3.30
CA GLN A 41 -6.58 -4.00 -3.75
C GLN A 41 -5.96 -2.62 -3.87
N TYR A 42 -6.29 -1.90 -4.93
CA TYR A 42 -5.77 -0.56 -5.15
C TYR A 42 -6.88 0.40 -5.55
N HIS A 43 -7.15 1.38 -4.69
CA HIS A 43 -8.18 2.37 -4.94
C HIS A 43 -7.61 3.58 -5.67
N VAL A 44 -8.40 4.16 -6.56
CA VAL A 44 -7.98 5.34 -7.32
C VAL A 44 -8.30 6.63 -6.57
N TYR A 45 -9.40 6.61 -5.83
CA TYR A 45 -9.83 7.78 -5.07
C TYR A 45 -9.79 7.50 -3.57
N TYR A 46 -9.08 8.35 -2.83
CA TYR A 46 -8.96 8.19 -1.39
C TYR A 46 -10.29 7.74 -0.78
N SER A 47 -10.21 6.77 0.14
CA SER A 47 -11.40 6.26 0.80
C SER A 47 -11.17 6.12 2.30
N ARG A 48 -12.22 6.38 3.08
CA ARG A 48 -12.14 6.29 4.53
C ARG A 48 -12.56 4.91 5.01
N SER A 49 -13.44 4.27 4.25
CA SER A 49 -13.93 2.93 4.60
C SER A 49 -13.26 1.86 3.76
N LYS A 50 -13.20 2.10 2.45
CA LYS A 50 -12.59 1.16 1.53
C LYS A 50 -11.10 1.00 1.83
N THR A 51 -10.32 2.03 1.52
CA THR A 51 -8.89 2.00 1.76
C THR A 51 -8.58 1.78 3.24
N THR A 52 -7.71 0.81 3.52
CA THR A 52 -7.33 0.51 4.89
C THR A 52 -6.09 1.28 5.31
N HIS A 53 -5.13 1.40 4.39
CA HIS A 53 -3.90 2.13 4.67
C HIS A 53 -3.62 3.15 3.58
N ILE A 54 -2.86 4.19 3.92
CA ILE A 54 -2.53 5.24 2.96
C ILE A 54 -1.02 5.27 2.70
N ILE A 55 -0.65 4.98 1.46
CA ILE A 55 0.76 4.98 1.07
C ILE A 55 1.26 6.40 0.78
N ALA A 56 2.25 6.84 1.53
CA ALA A 56 2.81 8.18 1.34
C ALA A 56 4.11 8.34 2.13
N THR A 57 5.15 8.81 1.44
CA THR A 57 6.45 9.00 2.08
C THR A 57 6.43 10.21 3.01
N ASN A 58 6.06 11.37 2.47
CA ASN A 58 6.01 12.60 3.25
C ASN A 58 4.86 13.48 2.78
N LEU A 59 4.24 14.18 3.72
CA LEU A 59 3.12 15.07 3.40
C LEU A 59 3.23 16.38 4.17
N PRO A 60 2.72 17.47 3.56
CA PRO A 60 2.75 18.81 4.17
C PRO A 60 1.83 18.91 5.38
N ASN A 61 2.10 19.88 6.25
CA ASN A 61 1.29 20.09 7.43
C ASN A 61 -0.20 20.06 7.10
N ALA A 62 -0.57 20.72 6.01
CA ALA A 62 -1.96 20.75 5.57
C ALA A 62 -2.54 19.35 5.48
N LYS A 63 -1.93 18.52 4.65
CA LYS A 63 -2.39 17.14 4.46
C LYS A 63 -2.50 16.42 5.81
N ILE A 64 -1.43 16.47 6.59
CA ILE A 64 -1.41 15.82 7.89
C ILE A 64 -2.71 16.09 8.66
N LYS A 65 -3.08 17.36 8.75
CA LYS A 65 -4.31 17.75 9.44
C LYS A 65 -5.51 16.96 8.91
N GLU A 66 -5.69 16.98 7.59
CA GLU A 66 -6.79 16.27 6.97
C GLU A 66 -6.72 14.78 7.26
N LEU A 67 -5.52 14.22 7.16
CA LEU A 67 -5.32 12.80 7.41
C LEU A 67 -5.21 12.52 8.91
N LYS A 68 -6.07 13.19 9.69
CA LYS A 68 -6.07 13.01 11.14
C LYS A 68 -6.72 11.67 11.52
N GLY A 69 -5.95 10.83 12.20
CA GLY A 69 -6.46 9.53 12.61
C GLY A 69 -6.08 8.42 11.65
N GLU A 70 -6.13 8.73 10.35
CA GLU A 70 -5.80 7.73 9.33
C GLU A 70 -4.44 7.10 9.61
N LYS A 71 -4.09 6.09 8.82
CA LYS A 71 -2.83 5.39 8.99
C LYS A 71 -1.95 5.57 7.76
N VAL A 72 -0.88 6.34 7.91
CA VAL A 72 0.05 6.59 6.80
C VAL A 72 1.27 5.69 6.90
N ILE A 73 1.39 4.76 5.96
CA ILE A 73 2.52 3.83 5.93
C ILE A 73 3.41 4.09 4.72
N ARG A 74 4.72 3.97 4.93
CA ARG A 74 5.69 4.18 3.85
C ARG A 74 5.48 3.16 2.73
N PRO A 75 5.84 3.56 1.50
CA PRO A 75 5.71 2.70 0.32
C PRO A 75 6.68 1.52 0.34
N GLU A 76 7.55 1.50 1.36
CA GLU A 76 8.53 0.44 1.49
C GLU A 76 7.94 -0.77 2.21
N TRP A 77 7.00 -0.50 3.11
CA TRP A 77 6.35 -1.57 3.87
C TRP A 77 5.87 -2.68 2.95
N ILE A 78 5.41 -2.30 1.76
CA ILE A 78 4.92 -3.26 0.79
C ILE A 78 6.06 -3.87 -0.02
N VAL A 79 6.91 -3.00 -0.58
CA VAL A 79 8.04 -3.45 -1.37
C VAL A 79 8.85 -4.53 -0.63
N GLU A 80 9.27 -4.20 0.58
CA GLU A 80 10.05 -5.13 1.39
C GLU A 80 9.27 -6.42 1.63
N SER A 81 7.98 -6.29 1.93
CA SER A 81 7.13 -7.45 2.17
C SER A 81 7.14 -8.39 0.97
N ILE A 82 7.37 -7.84 -0.21
CA ILE A 82 7.40 -8.63 -1.43
C ILE A 82 8.74 -9.33 -1.59
N LYS A 83 9.82 -8.55 -1.56
CA LYS A 83 11.16 -9.10 -1.70
C LYS A 83 11.39 -10.25 -0.73
N ALA A 84 10.77 -10.15 0.45
CA ALA A 84 10.91 -11.18 1.47
C ALA A 84 10.00 -12.37 1.16
N GLY A 85 8.84 -12.10 0.58
CA GLY A 85 7.91 -13.15 0.24
C GLY A 85 6.88 -13.38 1.33
N ARG A 86 6.53 -12.32 2.05
CA ARG A 86 5.55 -12.40 3.13
C ARG A 86 5.16 -11.02 3.62
N LEU A 87 4.00 -10.92 4.24
CA LEU A 87 3.50 -9.65 4.77
C LEU A 87 4.24 -9.27 6.05
N LEU A 88 4.74 -8.05 6.10
CA LEU A 88 5.45 -7.55 7.27
C LEU A 88 4.58 -6.61 8.10
N SER A 89 5.13 -6.13 9.21
CA SER A 89 4.39 -5.23 10.09
C SER A 89 4.49 -3.79 9.59
N TYR A 90 3.60 -2.94 10.09
CA TYR A 90 3.58 -1.53 9.69
C TYR A 90 3.97 -0.64 10.85
N ILE A 91 3.90 -1.19 12.07
CA ILE A 91 4.24 -0.44 13.26
C ILE A 91 5.46 0.46 13.03
N PRO A 92 6.59 -0.16 12.64
CA PRO A 92 7.83 0.57 12.37
C PRO A 92 7.75 1.41 11.11
N TYR A 93 7.01 0.92 10.12
CA TYR A 93 6.85 1.62 8.86
C TYR A 93 5.75 2.68 8.96
N GLN A 94 5.21 2.84 10.16
CA GLN A 94 4.16 3.82 10.38
C GLN A 94 4.70 5.25 10.37
N LEU A 95 3.87 6.19 9.95
CA LEU A 95 4.28 7.59 9.89
C LEU A 95 3.42 8.45 10.80
N TYR A 96 3.81 9.71 10.97
CA TYR A 96 3.08 10.64 11.82
C TYR A 96 2.48 9.91 13.02
N THR A 97 3.26 8.98 13.59
CA THR A 97 2.80 8.22 14.75
C THR A 97 2.34 9.13 15.87
N GLY A 1 3.33 -4.16 -23.31
CA GLY A 1 3.42 -3.69 -21.93
C GLY A 1 4.44 -4.47 -21.12
N SER A 2 4.01 -5.59 -20.55
CA SER A 2 4.89 -6.42 -19.74
C SER A 2 5.01 -7.82 -20.32
N SER A 3 5.84 -8.65 -19.70
CA SER A 3 6.05 -10.02 -20.16
C SER A 3 6.37 -10.95 -18.99
N GLY A 4 5.41 -11.81 -18.66
CA GLY A 4 5.61 -12.73 -17.55
C GLY A 4 4.70 -12.44 -16.38
N SER A 5 5.25 -11.82 -15.34
CA SER A 5 4.48 -11.49 -14.15
C SER A 5 3.80 -12.73 -13.58
N SER A 6 4.53 -13.84 -13.58
CA SER A 6 4.00 -15.10 -13.06
C SER A 6 5.12 -15.97 -12.50
N GLY A 7 4.75 -16.91 -11.64
CA GLY A 7 5.73 -17.81 -11.05
C GLY A 7 5.38 -18.20 -9.64
N THR A 8 5.27 -17.21 -8.75
CA THR A 8 4.94 -17.47 -7.35
C THR A 8 3.59 -16.85 -6.99
N SER A 9 2.94 -17.42 -5.98
CA SER A 9 1.64 -16.92 -5.53
C SER A 9 1.58 -16.84 -4.01
N SER A 10 1.53 -15.62 -3.49
CA SER A 10 1.47 -15.40 -2.05
C SER A 10 0.34 -14.45 -1.69
N THR A 11 -0.62 -14.95 -0.93
CA THR A 11 -1.76 -14.14 -0.52
C THR A 11 -1.45 -13.35 0.74
N ILE A 12 -0.35 -12.60 0.70
CA ILE A 12 0.07 -11.79 1.84
C ILE A 12 -0.71 -10.47 1.88
N PHE A 13 -1.16 -10.02 0.72
CA PHE A 13 -1.92 -8.77 0.63
C PHE A 13 -3.37 -9.04 0.22
N SER A 14 -3.93 -10.12 0.76
CA SER A 14 -5.30 -10.50 0.45
C SER A 14 -6.30 -9.61 1.21
N GLY A 15 -7.09 -8.85 0.46
CA GLY A 15 -8.06 -7.96 1.08
C GLY A 15 -7.43 -6.72 1.66
N VAL A 16 -6.28 -6.33 1.12
CA VAL A 16 -5.57 -5.15 1.60
C VAL A 16 -5.57 -4.04 0.55
N ALA A 17 -6.40 -3.03 0.76
CA ALA A 17 -6.49 -1.91 -0.17
C ALA A 17 -5.55 -0.78 0.25
N ILE A 18 -4.81 -0.25 -0.71
CA ILE A 18 -3.87 0.84 -0.45
C ILE A 18 -4.26 2.10 -1.22
N TYR A 19 -3.47 3.15 -1.06
CA TYR A 19 -3.73 4.41 -1.74
C TYR A 19 -2.52 5.34 -1.65
N VAL A 20 -1.81 5.47 -2.76
CA VAL A 20 -0.63 6.34 -2.81
C VAL A 20 -1.02 7.81 -2.81
N ASN A 21 -0.32 8.60 -2.01
CA ASN A 21 -0.60 10.03 -1.91
C ASN A 21 0.69 10.84 -2.03
N GLY A 22 0.80 11.59 -3.13
CA GLY A 22 1.99 12.40 -3.35
C GLY A 22 3.13 11.61 -3.95
N TYR A 23 4.33 12.17 -3.90
CA TYR A 23 5.51 11.51 -4.45
C TYR A 23 5.99 10.38 -3.53
N THR A 24 6.11 9.19 -4.09
CA THR A 24 6.56 8.03 -3.32
C THR A 24 7.44 7.13 -4.17
N ASP A 25 8.11 6.18 -3.51
CA ASP A 25 8.99 5.24 -4.20
C ASP A 25 8.84 3.84 -3.64
N PRO A 26 8.50 2.88 -4.52
CA PRO A 26 8.29 3.17 -5.95
C PRO A 26 7.02 3.98 -6.20
N SER A 27 6.83 4.39 -7.45
CA SER A 27 5.66 5.19 -7.81
C SER A 27 4.37 4.41 -7.55
N ALA A 28 3.25 5.10 -7.62
CA ALA A 28 1.94 4.48 -7.40
C ALA A 28 1.67 3.39 -8.43
N GLU A 29 1.90 3.71 -9.70
CA GLU A 29 1.70 2.76 -10.78
C GLU A 29 2.36 1.42 -10.47
N GLU A 30 3.61 1.49 -10.04
CA GLU A 30 4.37 0.28 -9.71
C GLU A 30 3.64 -0.55 -8.66
N LEU A 31 3.09 0.12 -7.66
CA LEU A 31 2.36 -0.56 -6.59
C LEU A 31 1.01 -1.07 -7.09
N ARG A 32 0.38 -0.29 -7.97
CA ARG A 32 -0.91 -0.67 -8.52
C ARG A 32 -0.92 -2.13 -8.97
N LYS A 33 0.07 -2.49 -9.79
CA LYS A 33 0.19 -3.85 -10.28
C LYS A 33 0.53 -4.82 -9.16
N LEU A 34 1.63 -4.55 -8.47
CA LEU A 34 2.08 -5.39 -7.37
C LEU A 34 0.88 -5.89 -6.55
N MET A 35 -0.08 -5.01 -6.31
CA MET A 35 -1.28 -5.36 -5.55
C MET A 35 -2.08 -6.43 -6.28
N MET A 36 -2.69 -6.04 -7.40
CA MET A 36 -3.49 -6.97 -8.20
C MET A 36 -2.80 -8.33 -8.31
N LEU A 37 -1.47 -8.31 -8.30
CA LEU A 37 -0.69 -9.54 -8.41
C LEU A 37 -0.62 -10.26 -7.07
N HIS A 38 -0.50 -9.50 -5.99
CA HIS A 38 -0.44 -10.06 -4.65
C HIS A 38 -1.83 -10.21 -4.05
N GLY A 39 -2.82 -10.42 -4.91
CA GLY A 39 -4.18 -10.57 -4.44
C GLY A 39 -4.66 -9.38 -3.66
N GLY A 40 -4.21 -8.19 -4.05
CA GLY A 40 -4.61 -6.97 -3.35
C GLY A 40 -5.49 -6.08 -4.20
N GLN A 41 -5.84 -4.91 -3.67
CA GLN A 41 -6.68 -3.97 -4.40
C GLN A 41 -5.99 -2.61 -4.54
N TYR A 42 -6.56 -1.75 -5.35
CA TYR A 42 -6.00 -0.42 -5.58
C TYR A 42 -7.11 0.61 -5.82
N HIS A 43 -6.96 1.78 -5.19
CA HIS A 43 -7.94 2.84 -5.33
C HIS A 43 -7.28 4.12 -5.84
N VAL A 44 -7.98 4.84 -6.72
CA VAL A 44 -7.46 6.08 -7.28
C VAL A 44 -7.70 7.25 -6.33
N TYR A 45 -8.81 7.21 -5.61
CA TYR A 45 -9.15 8.26 -4.66
C TYR A 45 -9.24 7.72 -3.24
N TYR A 46 -8.63 8.42 -2.30
CA TYR A 46 -8.64 8.00 -0.90
C TYR A 46 -10.06 7.75 -0.42
N SER A 47 -10.25 6.64 0.29
CA SER A 47 -11.56 6.28 0.81
C SER A 47 -11.46 5.68 2.21
N ARG A 48 -12.20 6.25 3.14
CA ARG A 48 -12.18 5.76 4.52
C ARG A 48 -12.96 4.46 4.65
N SER A 49 -13.80 4.18 3.65
CA SER A 49 -14.60 2.96 3.66
C SER A 49 -13.90 1.84 2.88
N LYS A 50 -13.31 2.19 1.75
CA LYS A 50 -12.62 1.22 0.92
C LYS A 50 -11.15 1.11 1.31
N THR A 51 -10.36 2.13 0.95
CA THR A 51 -8.95 2.15 1.27
C THR A 51 -8.72 1.90 2.75
N THR A 52 -7.84 0.95 3.06
CA THR A 52 -7.53 0.61 4.44
C THR A 52 -6.30 1.37 4.93
N HIS A 53 -5.22 1.32 4.16
CA HIS A 53 -3.99 2.00 4.51
C HIS A 53 -3.70 3.14 3.54
N ILE A 54 -2.79 4.03 3.92
CA ILE A 54 -2.43 5.17 3.09
C ILE A 54 -0.93 5.20 2.83
N ILE A 55 -0.54 4.83 1.62
CA ILE A 55 0.86 4.83 1.24
C ILE A 55 1.38 6.24 0.99
N ALA A 56 2.39 6.64 1.77
CA ALA A 56 2.97 7.96 1.62
C ALA A 56 4.30 8.05 2.37
N THR A 57 5.32 8.58 1.68
CA THR A 57 6.65 8.71 2.27
C THR A 57 6.68 9.85 3.30
N ASN A 58 6.37 11.05 2.84
CA ASN A 58 6.36 12.22 3.72
C ASN A 58 5.19 13.14 3.39
N LEU A 59 4.64 13.78 4.42
CA LEU A 59 3.51 14.69 4.24
C LEU A 59 3.74 15.99 5.02
N PRO A 60 3.28 17.11 4.43
CA PRO A 60 3.42 18.43 5.05
C PRO A 60 2.53 18.59 6.28
N ASN A 61 2.92 19.48 7.17
CA ASN A 61 2.16 19.74 8.39
C ASN A 61 0.66 19.71 8.10
N ALA A 62 0.22 20.57 7.19
CA ALA A 62 -1.19 20.64 6.82
C ALA A 62 -1.79 19.26 6.62
N LYS A 63 -1.21 18.50 5.69
CA LYS A 63 -1.68 17.14 5.42
C LYS A 63 -1.76 16.31 6.69
N ILE A 64 -0.64 16.24 7.41
CA ILE A 64 -0.59 15.48 8.66
C ILE A 64 -1.90 15.60 9.43
N LYS A 65 -2.29 16.83 9.74
CA LYS A 65 -3.52 17.08 10.48
C LYS A 65 -4.70 16.36 9.83
N GLU A 66 -5.06 16.78 8.62
CA GLU A 66 -6.16 16.18 7.90
C GLU A 66 -6.22 14.66 8.16
N LEU A 67 -5.06 14.01 8.07
CA LEU A 67 -4.98 12.57 8.29
C LEU A 67 -4.89 12.26 9.78
N LYS A 68 -5.62 13.02 10.58
CA LYS A 68 -5.63 12.83 12.03
C LYS A 68 -6.22 11.46 12.39
N GLY A 69 -5.34 10.51 12.70
CA GLY A 69 -5.79 9.17 13.05
C GLY A 69 -5.52 8.15 11.96
N GLU A 70 -5.63 8.60 10.70
CA GLU A 70 -5.39 7.71 9.57
C GLU A 70 -4.02 7.06 9.66
N LYS A 71 -3.90 5.85 9.12
CA LYS A 71 -2.64 5.12 9.14
C LYS A 71 -1.83 5.41 7.89
N VAL A 72 -0.69 6.08 8.06
CA VAL A 72 0.18 6.42 6.95
C VAL A 72 1.39 5.48 6.89
N ILE A 73 1.27 4.43 6.08
CA ILE A 73 2.35 3.47 5.92
C ILE A 73 3.27 3.86 4.78
N ARG A 74 4.57 3.62 4.97
CA ARG A 74 5.57 3.94 3.95
C ARG A 74 5.49 2.98 2.78
N PRO A 75 5.90 3.45 1.60
CA PRO A 75 5.88 2.64 0.37
C PRO A 75 6.91 1.52 0.40
N GLU A 76 7.64 1.42 1.51
CA GLU A 76 8.66 0.39 1.65
C GLU A 76 8.07 -0.88 2.28
N TRP A 77 7.09 -0.69 3.16
CA TRP A 77 6.43 -1.81 3.82
C TRP A 77 5.95 -2.85 2.81
N ILE A 78 5.59 -2.38 1.62
CA ILE A 78 5.11 -3.27 0.57
C ILE A 78 6.28 -3.83 -0.25
N VAL A 79 7.12 -2.92 -0.76
CA VAL A 79 8.27 -3.33 -1.56
C VAL A 79 9.08 -4.41 -0.85
N GLU A 80 9.40 -4.16 0.42
CA GLU A 80 10.17 -5.12 1.21
C GLU A 80 9.44 -6.45 1.33
N SER A 81 8.14 -6.37 1.62
CA SER A 81 7.32 -7.58 1.77
C SER A 81 7.42 -8.44 0.51
N ILE A 82 7.37 -7.81 -0.64
CA ILE A 82 7.45 -8.52 -1.91
C ILE A 82 8.80 -9.21 -2.07
N LYS A 83 9.87 -8.42 -2.01
CA LYS A 83 11.23 -8.95 -2.15
C LYS A 83 11.46 -10.09 -1.17
N ALA A 84 11.00 -9.92 0.06
CA ALA A 84 11.16 -10.94 1.09
C ALA A 84 10.22 -12.11 0.85
N GLY A 85 9.03 -11.82 0.32
CA GLY A 85 8.05 -12.86 0.05
C GLY A 85 7.12 -13.09 1.22
N ARG A 86 6.91 -12.05 2.03
CA ARG A 86 6.03 -12.15 3.19
C ARG A 86 5.73 -10.77 3.76
N LEU A 87 4.57 -10.65 4.41
CA LEU A 87 4.16 -9.37 5.00
C LEU A 87 5.01 -9.04 6.22
N LEU A 88 5.61 -7.85 6.22
CA LEU A 88 6.44 -7.42 7.33
C LEU A 88 5.65 -6.54 8.30
N SER A 89 6.32 -6.06 9.34
CA SER A 89 5.68 -5.20 10.34
C SER A 89 5.35 -3.84 9.75
N TYR A 90 4.23 -3.27 10.18
CA TYR A 90 3.81 -1.96 9.69
C TYR A 90 3.80 -0.94 10.83
N ILE A 91 3.98 -1.42 12.05
CA ILE A 91 4.00 -0.55 13.22
C ILE A 91 4.99 0.60 13.05
N PRO A 92 6.27 0.24 12.83
CA PRO A 92 7.33 1.23 12.63
C PRO A 92 7.21 1.96 11.31
N TYR A 93 6.47 1.38 10.37
CA TYR A 93 6.28 1.98 9.06
C TYR A 93 5.20 3.07 9.12
N GLN A 94 4.42 3.07 10.19
CA GLN A 94 3.35 4.05 10.36
C GLN A 94 3.94 5.45 10.51
N LEU A 95 3.30 6.42 9.86
CA LEU A 95 3.75 7.80 9.92
C LEU A 95 2.68 8.70 10.55
N TYR A 96 3.11 9.56 11.46
CA TYR A 96 2.19 10.48 12.13
C TYR A 96 1.09 9.71 12.86
N THR A 97 1.50 8.72 13.66
CA THR A 97 0.56 7.91 14.41
C THR A 97 0.94 7.82 15.88
N GLY A 1 -5.72 -13.66 -26.46
CA GLY A 1 -5.80 -14.37 -25.20
C GLY A 1 -4.47 -14.45 -24.48
N SER A 2 -4.51 -14.37 -23.16
CA SER A 2 -3.29 -14.43 -22.35
C SER A 2 -2.90 -15.88 -22.07
N SER A 3 -1.70 -16.25 -22.51
CA SER A 3 -1.20 -17.61 -22.31
C SER A 3 -0.97 -17.89 -20.83
N GLY A 4 -1.88 -18.63 -20.21
CA GLY A 4 -1.76 -18.95 -18.81
C GLY A 4 -2.02 -17.76 -17.91
N SER A 5 -2.51 -18.03 -16.71
CA SER A 5 -2.81 -16.97 -15.76
C SER A 5 -1.82 -16.97 -14.60
N SER A 6 -1.67 -15.83 -13.94
CA SER A 6 -0.75 -15.71 -12.82
C SER A 6 -1.33 -16.34 -11.56
N GLY A 7 -2.55 -15.92 -11.20
CA GLY A 7 -3.19 -16.46 -10.02
C GLY A 7 -2.58 -15.94 -8.74
N THR A 8 -3.35 -16.00 -7.66
CA THR A 8 -2.86 -15.54 -6.36
C THR A 8 -2.31 -16.69 -5.53
N SER A 9 -1.02 -16.61 -5.20
CA SER A 9 -0.36 -17.64 -4.42
C SER A 9 -0.10 -17.16 -2.99
N SER A 10 0.35 -15.92 -2.87
CA SER A 10 0.64 -15.34 -1.56
C SER A 10 -0.42 -14.31 -1.18
N THR A 11 -1.20 -14.63 -0.14
CA THR A 11 -2.25 -13.74 0.33
C THR A 11 -1.72 -12.79 1.39
N ILE A 12 -0.47 -12.36 1.25
CA ILE A 12 0.15 -11.44 2.20
C ILE A 12 -0.54 -10.08 2.17
N PHE A 13 -1.14 -9.75 1.04
CA PHE A 13 -1.84 -8.48 0.88
C PHE A 13 -3.30 -8.69 0.53
N SER A 14 -3.86 -9.81 1.00
CA SER A 14 -5.26 -10.14 0.73
C SER A 14 -6.16 -8.98 1.10
N GLY A 15 -7.06 -8.62 0.18
CA GLY A 15 -7.98 -7.52 0.43
C GLY A 15 -7.30 -6.32 1.06
N VAL A 16 -6.10 -6.00 0.57
CA VAL A 16 -5.35 -4.87 1.09
C VAL A 16 -5.27 -3.74 0.07
N ALA A 17 -6.13 -2.74 0.24
CA ALA A 17 -6.17 -1.60 -0.66
C ALA A 17 -5.21 -0.50 -0.21
N ILE A 18 -4.52 0.11 -1.17
CA ILE A 18 -3.56 1.16 -0.86
C ILE A 18 -3.88 2.44 -1.64
N TYR A 19 -3.63 3.58 -1.02
CA TYR A 19 -3.90 4.87 -1.65
C TYR A 19 -2.64 5.74 -1.66
N VAL A 20 -2.03 5.88 -2.84
CA VAL A 20 -0.83 6.68 -2.98
C VAL A 20 -1.16 8.16 -3.08
N ASN A 21 -0.73 8.94 -2.10
CA ASN A 21 -0.98 10.38 -2.08
C ASN A 21 0.31 11.17 -2.27
N GLY A 22 0.40 11.89 -3.39
CA GLY A 22 1.58 12.67 -3.67
C GLY A 22 2.65 11.87 -4.39
N TYR A 23 3.91 12.16 -4.10
CA TYR A 23 5.03 11.47 -4.73
C TYR A 23 5.62 10.42 -3.80
N THR A 24 5.77 9.20 -4.30
CA THR A 24 6.33 8.11 -3.50
C THR A 24 7.24 7.23 -4.35
N ASP A 25 7.90 6.28 -3.70
CA ASP A 25 8.81 5.37 -4.40
C ASP A 25 8.69 3.95 -3.84
N PRO A 26 8.35 3.01 -4.72
CA PRO A 26 8.10 3.28 -6.14
C PRO A 26 6.82 4.08 -6.36
N SER A 27 6.62 4.54 -7.59
CA SER A 27 5.43 5.32 -7.93
C SER A 27 4.16 4.52 -7.67
N ALA A 28 3.02 5.16 -7.88
CA ALA A 28 1.72 4.50 -7.66
C ALA A 28 1.50 3.39 -8.68
N GLU A 29 1.79 3.68 -9.95
CA GLU A 29 1.62 2.70 -11.01
C GLU A 29 2.30 1.38 -10.65
N GLU A 30 3.55 1.47 -10.20
CA GLU A 30 4.32 0.29 -9.82
C GLU A 30 3.56 -0.54 -8.79
N LEU A 31 3.13 0.12 -7.71
CA LEU A 31 2.40 -0.57 -6.65
C LEU A 31 1.05 -1.07 -7.15
N ARG A 32 0.47 -0.34 -8.10
CA ARG A 32 -0.82 -0.73 -8.66
C ARG A 32 -0.84 -2.19 -9.05
N LYS A 33 0.18 -2.61 -9.79
CA LYS A 33 0.30 -3.99 -10.23
C LYS A 33 0.72 -4.91 -9.08
N LEU A 34 1.81 -4.55 -8.43
CA LEU A 34 2.32 -5.34 -7.31
C LEU A 34 1.17 -5.86 -6.44
N MET A 35 0.18 -5.00 -6.21
CA MET A 35 -0.98 -5.37 -5.41
C MET A 35 -1.73 -6.54 -6.05
N MET A 36 -2.39 -6.26 -7.17
CA MET A 36 -3.15 -7.28 -7.88
C MET A 36 -2.37 -8.59 -7.96
N LEU A 37 -1.08 -8.49 -8.26
CA LEU A 37 -0.22 -9.66 -8.36
C LEU A 37 -0.14 -10.41 -7.03
N HIS A 38 -0.05 -9.65 -5.93
CA HIS A 38 0.02 -10.24 -4.60
C HIS A 38 -1.37 -10.36 -3.98
N GLY A 39 -2.39 -10.36 -4.84
CA GLY A 39 -3.75 -10.48 -4.36
C GLY A 39 -4.17 -9.29 -3.52
N GLY A 40 -3.94 -8.08 -4.05
CA GLY A 40 -4.30 -6.88 -3.32
C GLY A 40 -5.31 -6.03 -4.07
N GLN A 41 -5.40 -4.76 -3.70
CA GLN A 41 -6.33 -3.84 -4.35
C GLN A 41 -5.73 -2.44 -4.46
N TYR A 42 -6.33 -1.62 -5.32
CA TYR A 42 -5.84 -0.26 -5.52
C TYR A 42 -7.01 0.72 -5.64
N HIS A 43 -6.80 1.94 -5.18
CA HIS A 43 -7.83 2.97 -5.24
C HIS A 43 -7.26 4.28 -5.79
N VAL A 44 -7.97 4.89 -6.74
CA VAL A 44 -7.54 6.14 -7.33
C VAL A 44 -7.74 7.31 -6.38
N TYR A 45 -8.88 7.32 -5.70
CA TYR A 45 -9.21 8.38 -4.76
C TYR A 45 -9.05 7.89 -3.32
N TYR A 46 -9.21 8.81 -2.38
CA TYR A 46 -9.08 8.49 -0.96
C TYR A 46 -10.38 7.91 -0.41
N SER A 47 -10.26 6.81 0.33
CA SER A 47 -11.43 6.16 0.91
C SER A 47 -11.23 5.92 2.40
N ARG A 48 -12.28 6.13 3.19
CA ARG A 48 -12.22 5.93 4.63
C ARG A 48 -12.66 4.52 5.00
N SER A 49 -13.50 3.92 4.16
CA SER A 49 -14.01 2.58 4.41
C SER A 49 -13.27 1.56 3.53
N LYS A 50 -13.23 1.82 2.23
CA LYS A 50 -12.56 0.92 1.29
C LYS A 50 -11.07 0.86 1.58
N THR A 51 -10.36 1.94 1.25
CA THR A 51 -8.92 2.00 1.47
C THR A 51 -8.57 1.70 2.92
N THR A 52 -7.74 0.69 3.13
CA THR A 52 -7.33 0.30 4.48
C THR A 52 -6.15 1.14 4.95
N HIS A 53 -5.09 1.18 4.15
CA HIS A 53 -3.89 1.94 4.50
C HIS A 53 -3.65 3.04 3.47
N ILE A 54 -2.82 4.01 3.84
CA ILE A 54 -2.49 5.12 2.94
C ILE A 54 -0.99 5.20 2.68
N ILE A 55 -0.59 4.87 1.46
CA ILE A 55 0.82 4.89 1.09
C ILE A 55 1.27 6.32 0.78
N ALA A 56 2.20 6.83 1.58
CA ALA A 56 2.72 8.17 1.39
C ALA A 56 4.09 8.33 2.05
N THR A 57 5.03 8.92 1.32
CA THR A 57 6.37 9.14 1.83
C THR A 57 6.39 10.19 2.93
N ASN A 58 5.92 11.39 2.59
CA ASN A 58 5.88 12.50 3.55
C ASN A 58 4.68 13.41 3.28
N LEU A 59 4.09 13.93 4.35
CA LEU A 59 2.94 14.81 4.23
C LEU A 59 3.06 16.00 5.18
N PRO A 60 2.55 17.16 4.73
CA PRO A 60 2.60 18.40 5.51
C PRO A 60 1.68 18.34 6.73
N ASN A 61 2.00 19.13 7.76
CA ASN A 61 1.21 19.17 8.98
C ASN A 61 -0.27 19.25 8.64
N ALA A 62 -0.64 20.15 7.75
CA ALA A 62 -2.02 20.33 7.34
C ALA A 62 -2.67 18.99 7.02
N LYS A 63 -1.93 18.12 6.34
CA LYS A 63 -2.43 16.80 5.98
C LYS A 63 -2.40 15.85 7.18
N ILE A 64 -1.23 15.72 7.79
CA ILE A 64 -1.08 14.84 8.94
C ILE A 64 -2.34 14.82 9.79
N LYS A 65 -2.69 15.97 10.35
CA LYS A 65 -3.89 16.08 11.18
C LYS A 65 -5.12 15.65 10.42
N GLU A 66 -5.38 16.32 9.29
CA GLU A 66 -6.54 16.00 8.47
C GLU A 66 -6.73 14.49 8.35
N LEU A 67 -5.63 13.75 8.49
CA LEU A 67 -5.67 12.29 8.41
C LEU A 67 -5.54 11.66 9.79
N LYS A 68 -6.14 12.31 10.78
CA LYS A 68 -6.09 11.80 12.15
C LYS A 68 -6.78 10.44 12.26
N GLY A 69 -6.18 9.54 13.02
CA GLY A 69 -6.76 8.21 13.19
C GLY A 69 -6.28 7.24 12.14
N GLU A 70 -6.25 7.68 10.89
CA GLU A 70 -5.81 6.85 9.79
C GLU A 70 -4.39 6.34 10.01
N LYS A 71 -3.91 5.51 9.09
CA LYS A 71 -2.56 4.95 9.20
C LYS A 71 -1.82 5.07 7.87
N VAL A 72 -0.81 5.92 7.83
CA VAL A 72 -0.02 6.12 6.61
C VAL A 72 1.26 5.29 6.65
N ILE A 73 1.29 4.22 5.86
CA ILE A 73 2.45 3.35 5.79
C ILE A 73 3.37 3.74 4.63
N ARG A 74 4.67 3.76 4.89
CA ARG A 74 5.64 4.11 3.86
C ARG A 74 5.60 3.10 2.72
N PRO A 75 6.00 3.55 1.52
CA PRO A 75 6.03 2.71 0.33
C PRO A 75 7.12 1.64 0.39
N GLU A 76 7.83 1.61 1.52
CA GLU A 76 8.91 0.64 1.70
C GLU A 76 8.39 -0.62 2.37
N TRP A 77 7.35 -0.47 3.19
CA TRP A 77 6.76 -1.60 3.89
C TRP A 77 6.34 -2.70 2.92
N ILE A 78 5.87 -2.30 1.75
CA ILE A 78 5.43 -3.24 0.73
C ILE A 78 6.63 -3.80 -0.04
N VAL A 79 7.39 -2.92 -0.66
CA VAL A 79 8.57 -3.32 -1.43
C VAL A 79 9.36 -4.40 -0.68
N GLU A 80 9.55 -4.20 0.61
CA GLU A 80 10.29 -5.14 1.43
C GLU A 80 9.50 -6.43 1.63
N SER A 81 8.22 -6.28 1.98
CA SER A 81 7.35 -7.43 2.20
C SER A 81 7.33 -8.34 0.98
N ILE A 82 7.30 -7.73 -0.20
CA ILE A 82 7.27 -8.48 -1.44
C ILE A 82 8.60 -9.20 -1.69
N LYS A 83 9.69 -8.45 -1.65
CA LYS A 83 11.02 -9.02 -1.86
C LYS A 83 11.26 -10.20 -0.93
N ALA A 84 10.60 -10.19 0.23
CA ALA A 84 10.73 -11.26 1.20
C ALA A 84 9.73 -12.38 0.92
N GLY A 85 8.65 -12.04 0.21
CA GLY A 85 7.64 -13.02 -0.11
C GLY A 85 6.66 -13.23 1.02
N ARG A 86 6.71 -12.35 2.02
CA ARG A 86 5.82 -12.44 3.17
C ARG A 86 5.41 -11.05 3.66
N LEU A 87 4.37 -11.00 4.48
CA LEU A 87 3.88 -9.73 5.01
C LEU A 87 4.65 -9.33 6.26
N LEU A 88 5.13 -8.09 6.29
CA LEU A 88 5.88 -7.58 7.44
C LEU A 88 5.01 -6.67 8.28
N SER A 89 5.48 -6.37 9.50
CA SER A 89 4.75 -5.50 10.41
C SER A 89 4.78 -4.05 9.93
N TYR A 90 3.60 -3.44 9.84
CA TYR A 90 3.49 -2.07 9.40
C TYR A 90 3.58 -1.10 10.58
N ILE A 91 3.56 -1.66 11.79
CA ILE A 91 3.64 -0.84 13.00
C ILE A 91 4.84 0.09 12.95
N PRO A 92 6.03 -0.49 12.80
CA PRO A 92 7.29 0.27 12.74
C PRO A 92 7.41 1.09 11.46
N TYR A 93 6.54 0.80 10.50
CA TYR A 93 6.55 1.50 9.22
C TYR A 93 5.61 2.70 9.25
N GLN A 94 4.66 2.69 10.19
CA GLN A 94 3.70 3.77 10.33
C GLN A 94 4.40 5.09 10.62
N LEU A 95 4.34 6.02 9.68
CA LEU A 95 4.97 7.33 9.84
C LEU A 95 4.46 8.01 11.11
N TYR A 96 3.19 8.38 11.12
CA TYR A 96 2.58 9.05 12.26
C TYR A 96 1.67 8.09 13.03
N THR A 97 2.16 7.60 14.17
CA THR A 97 1.39 6.68 15.00
C THR A 97 1.81 6.77 16.46
N GLY A 1 -3.76 -6.96 -19.13
CA GLY A 1 -2.92 -7.35 -20.25
C GLY A 1 -1.53 -7.76 -19.81
N SER A 2 -1.45 -8.76 -18.93
CA SER A 2 -0.17 -9.23 -18.43
C SER A 2 -0.02 -10.73 -18.63
N SER A 3 0.71 -11.11 -19.68
CA SER A 3 0.92 -12.52 -19.99
C SER A 3 2.04 -13.11 -19.13
N GLY A 4 1.86 -14.36 -18.72
CA GLY A 4 2.87 -15.02 -17.90
C GLY A 4 2.26 -15.77 -16.73
N SER A 5 3.10 -16.20 -15.80
CA SER A 5 2.63 -16.95 -14.63
C SER A 5 3.18 -16.33 -13.34
N SER A 6 2.67 -16.82 -12.21
CA SER A 6 3.10 -16.31 -10.91
C SER A 6 3.90 -17.36 -10.16
N GLY A 7 3.30 -18.54 -9.97
CA GLY A 7 3.98 -19.62 -9.27
C GLY A 7 3.58 -19.69 -7.81
N THR A 8 4.56 -19.56 -6.92
CA THR A 8 4.31 -19.61 -5.49
C THR A 8 3.13 -18.74 -5.10
N SER A 9 2.25 -19.28 -4.26
CA SER A 9 1.07 -18.55 -3.81
C SER A 9 1.35 -17.77 -2.54
N SER A 10 1.39 -16.45 -2.66
CA SER A 10 1.66 -15.58 -1.52
C SER A 10 0.36 -14.98 -0.98
N THR A 11 -0.26 -14.13 -1.78
CA THR A 11 -1.50 -13.47 -1.39
C THR A 11 -1.39 -12.88 0.01
N ILE A 12 -0.19 -12.44 0.36
CA ILE A 12 0.05 -11.85 1.69
C ILE A 12 -0.74 -10.55 1.86
N PHE A 13 -1.06 -9.91 0.73
CA PHE A 13 -1.81 -8.67 0.76
C PHE A 13 -3.27 -8.91 0.38
N SER A 14 -3.75 -10.12 0.64
CA SER A 14 -5.12 -10.48 0.33
C SER A 14 -6.11 -9.74 1.22
N GLY A 15 -6.89 -8.85 0.63
CA GLY A 15 -7.87 -8.08 1.40
C GLY A 15 -7.28 -6.83 2.00
N VAL A 16 -6.33 -6.22 1.29
CA VAL A 16 -5.68 -5.00 1.75
C VAL A 16 -5.68 -3.93 0.67
N ALA A 17 -6.46 -2.88 0.90
CA ALA A 17 -6.55 -1.77 -0.05
C ALA A 17 -5.63 -0.63 0.34
N ILE A 18 -4.82 -0.17 -0.62
CA ILE A 18 -3.89 0.92 -0.36
C ILE A 18 -4.23 2.14 -1.22
N TYR A 19 -3.70 3.29 -0.84
CA TYR A 19 -3.94 4.53 -1.56
C TYR A 19 -2.72 5.45 -1.52
N VAL A 20 -2.05 5.58 -2.65
CA VAL A 20 -0.86 6.43 -2.74
C VAL A 20 -1.25 7.89 -2.86
N ASN A 21 -0.45 8.77 -2.25
CA ASN A 21 -0.71 10.21 -2.30
C ASN A 21 0.59 10.99 -2.43
N GLY A 22 0.79 11.62 -3.58
CA GLY A 22 1.98 12.40 -3.82
C GLY A 22 3.11 11.57 -4.39
N TYR A 23 4.34 12.05 -4.26
CA TYR A 23 5.50 11.34 -4.78
C TYR A 23 5.93 10.22 -3.83
N THR A 24 6.09 9.03 -4.37
CA THR A 24 6.50 7.87 -3.58
C THR A 24 7.36 6.92 -4.40
N ASP A 25 8.14 6.09 -3.71
CA ASP A 25 9.01 5.12 -4.36
C ASP A 25 8.76 3.71 -3.83
N PRO A 26 8.37 2.80 -4.74
CA PRO A 26 8.20 3.12 -6.16
C PRO A 26 6.99 4.02 -6.42
N SER A 27 6.67 4.21 -7.69
CA SER A 27 5.53 5.05 -8.07
C SER A 27 4.22 4.29 -7.89
N ALA A 28 3.13 5.04 -7.76
CA ALA A 28 1.81 4.45 -7.59
C ALA A 28 1.54 3.39 -8.65
N GLU A 29 1.88 3.71 -9.90
CA GLU A 29 1.68 2.78 -11.01
C GLU A 29 2.32 1.43 -10.71
N GLU A 30 3.59 1.46 -10.31
CA GLU A 30 4.32 0.24 -9.99
C GLU A 30 3.62 -0.55 -8.90
N LEU A 31 3.31 0.12 -7.79
CA LEU A 31 2.64 -0.52 -6.67
C LEU A 31 1.27 -1.07 -7.09
N ARG A 32 0.60 -0.34 -7.98
CA ARG A 32 -0.71 -0.75 -8.46
C ARG A 32 -0.66 -2.17 -9.02
N LYS A 33 0.42 -2.48 -9.72
CA LYS A 33 0.59 -3.81 -10.31
C LYS A 33 0.91 -4.84 -9.24
N LEU A 34 1.84 -4.51 -8.36
CA LEU A 34 2.23 -5.42 -7.27
C LEU A 34 1.00 -5.92 -6.51
N MET A 35 0.15 -4.98 -6.10
CA MET A 35 -1.06 -5.32 -5.36
C MET A 35 -1.91 -6.31 -6.15
N MET A 36 -2.49 -5.84 -7.25
CA MET A 36 -3.33 -6.69 -8.10
C MET A 36 -2.62 -8.00 -8.42
N LEU A 37 -1.46 -7.90 -9.06
CA LEU A 37 -0.69 -9.08 -9.44
C LEU A 37 -0.61 -10.07 -8.27
N HIS A 38 -0.45 -9.54 -7.07
CA HIS A 38 -0.36 -10.37 -5.87
C HIS A 38 -1.76 -10.72 -5.36
N GLY A 39 -2.75 -9.94 -5.75
CA GLY A 39 -4.11 -10.18 -5.32
C GLY A 39 -4.71 -9.00 -4.58
N GLY A 40 -3.85 -8.08 -4.14
CA GLY A 40 -4.33 -6.92 -3.42
C GLY A 40 -5.24 -6.05 -4.27
N GLN A 41 -5.68 -4.94 -3.69
CA GLN A 41 -6.57 -4.02 -4.40
C GLN A 41 -5.98 -2.61 -4.43
N TYR A 42 -6.56 -1.75 -5.27
CA TYR A 42 -6.09 -0.38 -5.40
C TYR A 42 -7.25 0.58 -5.62
N HIS A 43 -7.13 1.79 -5.10
CA HIS A 43 -8.17 2.80 -5.24
C HIS A 43 -7.61 4.08 -5.85
N VAL A 44 -8.32 4.65 -6.81
CA VAL A 44 -7.90 5.88 -7.46
C VAL A 44 -8.22 7.10 -6.61
N TYR A 45 -9.32 7.01 -5.86
CA TYR A 45 -9.75 8.10 -5.00
C TYR A 45 -9.69 7.70 -3.52
N TYR A 46 -9.20 8.61 -2.69
CA TYR A 46 -9.08 8.35 -1.26
C TYR A 46 -10.41 7.89 -0.68
N SER A 47 -10.36 6.90 0.20
CA SER A 47 -11.56 6.37 0.83
C SER A 47 -11.33 6.09 2.32
N ARG A 48 -12.36 6.34 3.13
CA ARG A 48 -12.26 6.12 4.56
C ARG A 48 -12.74 4.72 4.93
N SER A 49 -13.61 4.17 4.09
CA SER A 49 -14.15 2.83 4.33
C SER A 49 -13.42 1.79 3.49
N LYS A 50 -13.33 2.04 2.19
CA LYS A 50 -12.64 1.13 1.28
C LYS A 50 -11.17 1.00 1.62
N THR A 51 -10.40 2.04 1.31
CA THR A 51 -8.97 2.05 1.60
C THR A 51 -8.70 1.80 3.07
N THR A 52 -7.80 0.86 3.36
CA THR A 52 -7.45 0.53 4.74
C THR A 52 -6.27 1.36 5.22
N HIS A 53 -5.24 1.47 4.37
CA HIS A 53 -4.06 2.24 4.71
C HIS A 53 -3.72 3.24 3.60
N ILE A 54 -2.84 4.19 3.92
CA ILE A 54 -2.43 5.20 2.96
C ILE A 54 -0.92 5.18 2.74
N ILE A 55 -0.52 4.96 1.49
CA ILE A 55 0.90 4.91 1.15
C ILE A 55 1.43 6.31 0.82
N ALA A 56 2.37 6.78 1.63
CA ALA A 56 2.96 8.10 1.43
C ALA A 56 4.31 8.21 2.14
N THR A 57 5.26 8.90 1.51
CA THR A 57 6.58 9.07 2.08
C THR A 57 6.58 10.17 3.14
N ASN A 58 6.03 11.33 2.79
CA ASN A 58 5.96 12.46 3.71
C ASN A 58 4.71 13.29 3.45
N LEU A 59 4.23 13.96 4.49
CA LEU A 59 3.04 14.80 4.37
C LEU A 59 3.21 16.11 5.15
N PRO A 60 2.66 17.20 4.62
CA PRO A 60 2.73 18.52 5.25
C PRO A 60 1.90 18.59 6.53
N ASN A 61 2.28 19.51 7.42
CA ASN A 61 1.57 19.69 8.68
C ASN A 61 0.06 19.77 8.44
N ALA A 62 -0.32 20.45 7.37
CA ALA A 62 -1.73 20.61 7.04
C ALA A 62 -2.39 19.26 6.78
N LYS A 63 -1.76 18.45 5.94
CA LYS A 63 -2.27 17.13 5.61
C LYS A 63 -2.43 16.28 6.86
N ILE A 64 -1.35 16.15 7.63
CA ILE A 64 -1.37 15.37 8.86
C ILE A 64 -2.66 15.59 9.64
N LYS A 65 -2.94 16.86 9.94
CA LYS A 65 -4.15 17.22 10.68
C LYS A 65 -5.39 16.68 9.99
N GLU A 66 -5.37 16.70 8.67
CA GLU A 66 -6.50 16.21 7.87
C GLU A 66 -6.64 14.70 8.00
N LEU A 67 -5.50 14.01 8.01
CA LEU A 67 -5.49 12.56 8.12
C LEU A 67 -5.42 12.11 9.58
N LYS A 68 -6.22 12.76 10.42
CA LYS A 68 -6.24 12.44 11.85
C LYS A 68 -6.93 11.10 12.09
N GLY A 69 -6.15 10.12 12.56
CA GLY A 69 -6.70 8.80 12.82
C GLY A 69 -6.21 7.76 11.84
N GLU A 70 -6.34 8.06 10.55
CA GLU A 70 -5.91 7.15 9.50
C GLU A 70 -4.51 6.59 9.80
N LYS A 71 -4.09 5.62 9.01
CA LYS A 71 -2.77 5.01 9.19
C LYS A 71 -1.95 5.12 7.91
N VAL A 72 -0.96 6.01 7.93
CA VAL A 72 -0.09 6.21 6.78
C VAL A 72 1.16 5.34 6.86
N ILE A 73 1.27 4.38 5.95
CA ILE A 73 2.42 3.48 5.93
C ILE A 73 3.31 3.76 4.72
N ARG A 74 4.62 3.83 4.95
CA ARG A 74 5.57 4.08 3.90
C ARG A 74 5.49 3.01 2.81
N PRO A 75 5.86 3.38 1.58
CA PRO A 75 5.84 2.47 0.43
C PRO A 75 6.91 1.39 0.53
N GLU A 76 7.65 1.40 1.64
CA GLU A 76 8.71 0.42 1.85
C GLU A 76 8.16 -0.84 2.52
N TRP A 77 7.20 -0.65 3.43
CA TRP A 77 6.60 -1.76 4.14
C TRP A 77 6.16 -2.85 3.17
N ILE A 78 5.60 -2.44 2.04
CA ILE A 78 5.13 -3.38 1.02
C ILE A 78 6.30 -3.94 0.22
N VAL A 79 6.98 -3.07 -0.51
CA VAL A 79 8.13 -3.49 -1.32
C VAL A 79 8.96 -4.54 -0.60
N GLU A 80 9.41 -4.20 0.61
CA GLU A 80 10.22 -5.11 1.40
C GLU A 80 9.50 -6.45 1.60
N SER A 81 8.24 -6.38 1.98
CA SER A 81 7.44 -7.58 2.21
C SER A 81 7.49 -8.50 0.99
N ILE A 82 7.31 -7.92 -0.19
CA ILE A 82 7.33 -8.68 -1.43
C ILE A 82 8.68 -9.37 -1.63
N LYS A 83 9.74 -8.57 -1.70
CA LYS A 83 11.09 -9.11 -1.88
C LYS A 83 11.34 -10.28 -0.94
N ALA A 84 10.86 -10.16 0.30
CA ALA A 84 11.03 -11.21 1.30
C ALA A 84 10.05 -12.35 1.06
N GLY A 85 8.88 -12.02 0.53
CA GLY A 85 7.87 -13.03 0.26
C GLY A 85 6.94 -13.25 1.45
N ARG A 86 6.72 -12.20 2.22
CA ARG A 86 5.85 -12.28 3.38
C ARG A 86 5.59 -10.89 3.97
N LEU A 87 4.44 -10.73 4.62
CA LEU A 87 4.08 -9.46 5.22
C LEU A 87 4.95 -9.16 6.44
N LEU A 88 5.43 -7.91 6.52
CA LEU A 88 6.27 -7.50 7.63
C LEU A 88 5.51 -6.59 8.59
N SER A 89 6.20 -6.11 9.62
CA SER A 89 5.58 -5.23 10.60
C SER A 89 5.23 -3.88 9.99
N TYR A 90 4.24 -3.21 10.56
CA TYR A 90 3.80 -1.91 10.06
C TYR A 90 3.95 -0.84 11.13
N ILE A 91 3.70 -1.23 12.38
CA ILE A 91 3.81 -0.29 13.49
C ILE A 91 4.98 0.67 13.30
N PRO A 92 6.18 0.11 13.09
CA PRO A 92 7.40 0.90 12.88
C PRO A 92 7.39 1.63 11.54
N TYR A 93 6.61 1.10 10.59
CA TYR A 93 6.52 1.69 9.26
C TYR A 93 5.56 2.88 9.26
N GLN A 94 4.81 3.03 10.34
CA GLN A 94 3.86 4.12 10.47
C GLN A 94 4.57 5.45 10.70
N LEU A 95 4.48 6.34 9.72
CA LEU A 95 5.11 7.65 9.80
C LEU A 95 4.69 8.38 11.09
N TYR A 96 3.40 8.65 11.20
CA TYR A 96 2.87 9.34 12.37
C TYR A 96 2.05 8.38 13.24
N THR A 97 2.71 7.78 14.23
CA THR A 97 2.04 6.84 15.13
C THR A 97 1.21 7.58 16.18
N GLY A 1 -16.18 -13.63 -17.47
CA GLY A 1 -15.10 -14.51 -17.88
C GLY A 1 -14.40 -15.16 -16.70
N SER A 2 -13.18 -14.72 -16.42
CA SER A 2 -12.41 -15.27 -15.31
C SER A 2 -12.48 -16.79 -15.30
N SER A 3 -12.38 -17.39 -16.48
CA SER A 3 -12.43 -18.84 -16.61
C SER A 3 -11.33 -19.35 -17.52
N GLY A 4 -10.94 -20.61 -17.31
CA GLY A 4 -9.89 -21.19 -18.12
C GLY A 4 -8.88 -21.97 -17.29
N SER A 5 -8.12 -21.25 -16.47
CA SER A 5 -7.10 -21.88 -15.62
C SER A 5 -7.14 -21.30 -14.22
N SER A 6 -7.06 -22.16 -13.22
CA SER A 6 -7.08 -21.75 -11.82
C SER A 6 -5.75 -22.04 -11.14
N GLY A 7 -5.52 -21.38 -10.01
CA GLY A 7 -4.29 -21.58 -9.28
C GLY A 7 -4.30 -20.91 -7.92
N THR A 8 -3.17 -20.97 -7.22
CA THR A 8 -3.06 -20.37 -5.89
C THR A 8 -1.81 -19.51 -5.78
N SER A 9 -2.00 -18.19 -5.77
CA SER A 9 -0.89 -17.26 -5.67
C SER A 9 -0.85 -16.61 -4.29
N SER A 10 0.36 -16.29 -3.83
CA SER A 10 0.54 -15.66 -2.53
C SER A 10 -0.60 -14.68 -2.23
N THR A 11 -1.04 -14.67 -0.98
CA THR A 11 -2.13 -13.78 -0.57
C THR A 11 -1.75 -12.99 0.69
N ILE A 12 -0.51 -12.51 0.72
CA ILE A 12 -0.03 -11.74 1.86
C ILE A 12 -0.72 -10.38 1.94
N PHE A 13 -1.14 -9.87 0.79
CA PHE A 13 -1.82 -8.58 0.72
C PHE A 13 -3.30 -8.76 0.41
N SER A 14 -3.89 -9.82 0.94
CA SER A 14 -5.30 -10.11 0.71
C SER A 14 -6.19 -9.03 1.34
N GLY A 15 -7.21 -8.62 0.60
CA GLY A 15 -8.11 -7.60 1.09
C GLY A 15 -7.38 -6.39 1.64
N VAL A 16 -6.34 -5.96 0.93
CA VAL A 16 -5.54 -4.82 1.35
C VAL A 16 -5.52 -3.73 0.27
N ALA A 17 -6.39 -2.75 0.42
CA ALA A 17 -6.47 -1.66 -0.54
C ALA A 17 -5.57 -0.49 -0.13
N ILE A 18 -4.54 -0.24 -0.92
CA ILE A 18 -3.60 0.85 -0.64
C ILE A 18 -3.90 2.07 -1.49
N TYR A 19 -3.56 3.24 -0.98
CA TYR A 19 -3.79 4.49 -1.70
C TYR A 19 -2.56 5.38 -1.66
N VAL A 20 -1.83 5.42 -2.77
CA VAL A 20 -0.63 6.23 -2.87
C VAL A 20 -0.97 7.70 -3.07
N ASN A 21 -0.42 8.56 -2.21
CA ASN A 21 -0.68 9.99 -2.29
C ASN A 21 0.63 10.76 -2.50
N GLY A 22 0.80 11.31 -3.69
CA GLY A 22 2.00 12.07 -4.00
C GLY A 22 3.15 11.18 -4.42
N TYR A 23 4.25 11.79 -4.85
CA TYR A 23 5.42 11.04 -5.29
C TYR A 23 5.82 10.01 -4.25
N THR A 24 6.14 8.80 -4.71
CA THR A 24 6.55 7.71 -3.82
C THR A 24 7.61 6.85 -4.46
N ASP A 25 8.33 6.09 -3.65
CA ASP A 25 9.38 5.20 -4.13
C ASP A 25 9.16 3.78 -3.65
N PRO A 26 8.75 2.90 -4.57
CA PRO A 26 8.51 3.26 -5.96
C PRO A 26 7.30 4.16 -6.14
N SER A 27 6.96 4.45 -7.38
CA SER A 27 5.81 5.31 -7.69
C SER A 27 4.51 4.54 -7.51
N ALA A 28 3.38 5.22 -7.74
CA ALA A 28 2.07 4.60 -7.62
C ALA A 28 1.87 3.52 -8.67
N GLU A 29 2.35 3.78 -9.89
CA GLU A 29 2.22 2.83 -10.98
C GLU A 29 2.79 1.47 -10.60
N GLU A 30 3.98 1.48 -10.02
CA GLU A 30 4.64 0.25 -9.60
C GLU A 30 3.75 -0.54 -8.65
N LEU A 31 3.37 0.09 -7.54
CA LEU A 31 2.52 -0.57 -6.54
C LEU A 31 1.19 -1.00 -7.17
N ARG A 32 0.66 -0.16 -8.06
CA ARG A 32 -0.60 -0.47 -8.72
C ARG A 32 -0.65 -1.93 -9.16
N LYS A 33 0.38 -2.36 -9.87
CA LYS A 33 0.46 -3.74 -10.34
C LYS A 33 0.87 -4.69 -9.22
N LEU A 34 2.04 -4.45 -8.66
CA LEU A 34 2.56 -5.27 -7.58
C LEU A 34 1.43 -5.73 -6.66
N MET A 35 0.54 -4.81 -6.31
CA MET A 35 -0.58 -5.12 -5.44
C MET A 35 -1.45 -6.23 -6.04
N MET A 36 -2.14 -5.91 -7.13
CA MET A 36 -3.00 -6.89 -7.80
C MET A 36 -2.26 -8.21 -8.01
N LEU A 37 -1.00 -8.12 -8.43
CA LEU A 37 -0.19 -9.30 -8.66
C LEU A 37 -0.19 -10.22 -7.45
N HIS A 38 -0.17 -9.62 -6.26
CA HIS A 38 -0.18 -10.38 -5.02
C HIS A 38 -1.51 -10.24 -4.29
N GLY A 39 -2.57 -10.03 -5.07
CA GLY A 39 -3.89 -9.86 -4.48
C GLY A 39 -4.17 -8.44 -4.06
N GLY A 40 -3.12 -7.72 -3.67
CA GLY A 40 -3.28 -6.35 -3.24
C GLY A 40 -4.22 -5.57 -4.13
N GLN A 41 -4.73 -4.45 -3.62
CA GLN A 41 -5.65 -3.61 -4.38
C GLN A 41 -5.24 -2.14 -4.31
N TYR A 42 -5.65 -1.38 -5.31
CA TYR A 42 -5.33 0.04 -5.37
C TYR A 42 -6.58 0.89 -5.45
N HIS A 43 -6.60 1.99 -4.70
CA HIS A 43 -7.75 2.90 -4.68
C HIS A 43 -7.37 4.27 -5.22
N VAL A 44 -8.31 4.92 -5.89
CA VAL A 44 -8.08 6.24 -6.45
C VAL A 44 -9.01 7.28 -5.83
N TYR A 45 -10.05 6.80 -5.16
CA TYR A 45 -11.02 7.68 -4.53
C TYR A 45 -10.65 7.93 -3.07
N TYR A 46 -9.78 7.10 -2.54
CA TYR A 46 -9.34 7.23 -1.15
C TYR A 46 -10.53 7.28 -0.21
N SER A 47 -11.39 6.27 -0.29
CA SER A 47 -12.57 6.19 0.55
C SER A 47 -12.24 5.57 1.91
N ARG A 48 -11.98 6.43 2.90
CA ARG A 48 -11.65 5.97 4.24
C ARG A 48 -12.40 4.69 4.58
N SER A 49 -13.72 4.70 4.39
CA SER A 49 -14.56 3.55 4.68
C SER A 49 -14.08 2.33 3.90
N LYS A 50 -13.88 2.51 2.60
CA LYS A 50 -13.42 1.42 1.74
C LYS A 50 -11.94 1.13 1.96
N THR A 51 -11.09 2.09 1.61
CA THR A 51 -9.65 1.95 1.77
C THR A 51 -9.30 1.47 3.17
N THR A 52 -8.09 0.96 3.33
CA THR A 52 -7.64 0.45 4.62
C THR A 52 -6.37 1.19 5.08
N HIS A 53 -5.39 1.26 4.19
CA HIS A 53 -4.13 1.92 4.50
C HIS A 53 -3.88 3.09 3.55
N ILE A 54 -2.85 3.88 3.83
CA ILE A 54 -2.50 5.03 3.00
C ILE A 54 -1.00 5.11 2.77
N ILE A 55 -0.59 4.87 1.53
CA ILE A 55 0.82 4.91 1.18
C ILE A 55 1.26 6.34 0.87
N ALA A 56 2.15 6.87 1.70
CA ALA A 56 2.65 8.23 1.52
C ALA A 56 4.04 8.38 2.14
N THR A 57 4.97 8.94 1.36
CA THR A 57 6.33 9.15 1.83
C THR A 57 6.40 10.28 2.84
N ASN A 58 5.79 11.42 2.49
CA ASN A 58 5.79 12.58 3.37
C ASN A 58 4.52 13.41 3.16
N LEU A 59 3.98 13.93 4.26
CA LEU A 59 2.77 14.75 4.19
C LEU A 59 2.94 16.04 4.98
N PRO A 60 2.37 17.14 4.46
CA PRO A 60 2.45 18.45 5.10
C PRO A 60 1.63 18.52 6.39
N ASN A 61 1.88 19.54 7.19
CA ASN A 61 1.16 19.72 8.45
C ASN A 61 -0.34 19.59 8.23
N ALA A 62 -0.85 20.25 7.19
CA ALA A 62 -2.27 20.21 6.87
C ALA A 62 -2.76 18.77 6.73
N LYS A 63 -2.10 17.99 5.89
CA LYS A 63 -2.46 16.60 5.67
C LYS A 63 -2.40 15.81 6.97
N ILE A 64 -1.23 15.82 7.61
CA ILE A 64 -1.04 15.10 8.87
C ILE A 64 -2.31 15.13 9.71
N LYS A 65 -2.73 16.33 10.11
CA LYS A 65 -3.92 16.49 10.92
C LYS A 65 -5.14 15.89 10.22
N GLU A 66 -5.53 16.50 9.09
CA GLU A 66 -6.67 16.03 8.33
C GLU A 66 -6.68 14.51 8.24
N LEU A 67 -5.49 13.91 8.32
CA LEU A 67 -5.36 12.45 8.25
C LEU A 67 -5.20 11.85 9.64
N LYS A 68 -5.85 12.47 10.63
CA LYS A 68 -5.78 11.99 12.00
C LYS A 68 -6.41 10.61 12.13
N GLY A 69 -5.87 9.80 13.03
CA GLY A 69 -6.38 8.46 13.24
C GLY A 69 -5.90 7.48 12.18
N GLU A 70 -6.05 7.86 10.92
CA GLU A 70 -5.64 7.00 9.81
C GLU A 70 -4.23 6.46 10.05
N LYS A 71 -3.86 5.42 9.29
CA LYS A 71 -2.54 4.81 9.42
C LYS A 71 -1.72 5.02 8.15
N VAL A 72 -0.75 5.93 8.23
CA VAL A 72 0.11 6.22 7.08
C VAL A 72 1.31 5.29 7.06
N ILE A 73 1.36 4.42 6.06
CA ILE A 73 2.46 3.48 5.91
C ILE A 73 3.33 3.83 4.71
N ARG A 74 4.65 3.74 4.90
CA ARG A 74 5.59 4.05 3.82
C ARG A 74 5.43 3.07 2.67
N PRO A 75 5.82 3.52 1.46
CA PRO A 75 5.74 2.70 0.25
C PRO A 75 6.74 1.56 0.25
N GLU A 76 7.76 1.67 1.10
CA GLU A 76 8.79 0.65 1.19
C GLU A 76 8.24 -0.61 1.85
N TRP A 77 7.39 -0.43 2.86
CA TRP A 77 6.80 -1.56 3.56
C TRP A 77 6.37 -2.65 2.60
N ILE A 78 5.77 -2.24 1.48
CA ILE A 78 5.31 -3.19 0.47
C ILE A 78 6.49 -3.86 -0.22
N VAL A 79 7.38 -3.06 -0.80
CA VAL A 79 8.56 -3.58 -1.48
C VAL A 79 9.21 -4.69 -0.68
N GLU A 80 9.58 -4.39 0.56
CA GLU A 80 10.21 -5.37 1.43
C GLU A 80 9.38 -6.64 1.53
N SER A 81 8.09 -6.47 1.82
CA SER A 81 7.17 -7.60 1.96
C SER A 81 7.23 -8.48 0.71
N ILE A 82 7.25 -7.86 -0.46
CA ILE A 82 7.31 -8.59 -1.72
C ILE A 82 8.60 -9.39 -1.83
N LYS A 83 9.73 -8.68 -1.76
CA LYS A 83 11.03 -9.32 -1.85
C LYS A 83 11.16 -10.47 -0.86
N ALA A 84 10.80 -10.21 0.39
CA ALA A 84 10.85 -11.24 1.43
C ALA A 84 9.88 -12.38 1.14
N GLY A 85 8.72 -12.03 0.60
CA GLY A 85 7.72 -13.05 0.27
C GLY A 85 6.75 -13.28 1.41
N ARG A 86 6.48 -12.23 2.19
CA ARG A 86 5.56 -12.33 3.32
C ARG A 86 5.28 -10.96 3.91
N LEU A 87 4.05 -10.76 4.38
CA LEU A 87 3.65 -9.49 4.97
C LEU A 87 4.45 -9.21 6.24
N LEU A 88 5.08 -8.04 6.28
CA LEU A 88 5.88 -7.66 7.44
C LEU A 88 5.11 -6.67 8.33
N SER A 89 5.69 -6.36 9.48
CA SER A 89 5.05 -5.43 10.42
C SER A 89 5.03 -4.02 9.86
N TYR A 90 3.92 -3.32 10.09
CA TYR A 90 3.78 -1.95 9.60
C TYR A 90 3.97 -0.94 10.73
N ILE A 91 3.73 -1.40 11.96
CA ILE A 91 3.88 -0.54 13.12
C ILE A 91 5.07 0.39 12.98
N PRO A 92 6.27 -0.19 12.78
CA PRO A 92 7.50 0.57 12.61
C PRO A 92 7.55 1.33 11.30
N TYR A 93 6.71 0.91 10.35
CA TYR A 93 6.65 1.56 9.04
C TYR A 93 5.63 2.69 9.03
N GLN A 94 4.78 2.73 10.05
CA GLN A 94 3.77 3.76 10.17
C GLN A 94 4.39 5.15 10.19
N LEU A 95 3.60 6.15 9.81
CA LEU A 95 4.09 7.53 9.79
C LEU A 95 3.19 8.44 10.63
N TYR A 96 3.74 9.57 11.06
CA TYR A 96 2.99 10.52 11.87
C TYR A 96 2.02 9.80 12.80
N THR A 97 2.53 8.79 13.51
CA THR A 97 1.70 8.02 14.44
C THR A 97 0.85 8.94 15.31
#